data_3VQ2
#
_entry.id   3VQ2
#
_cell.length_a   85.813
_cell.length_b   144.320
_cell.length_c   86.940
_cell.angle_alpha   90.00
_cell.angle_beta   95.16
_cell.angle_gamma   90.00
#
_symmetry.space_group_name_H-M   'P 1 21 1'
#
loop_
_entity.id
_entity.type
_entity.pdbx_description
1 polymer 'Toll-like receptor 4'
2 polymer 'Lymphocyte antigen 96'
3 branched 2-acetamido-2-deoxy-beta-D-glucopyranose-(1-4)-2-acetamido-2-deoxy-beta-D-glucopyranose
4 non-polymer 2-acetamido-2-deoxy-beta-D-glucopyranose
5 non-polymer 2-deoxy-3-O-[(3R)-3-hydroxytetradecanoyl]-2-{[(3R)-3-hydroxytetradecanoyl]amino}-4-O-phosphono-beta-D-glucopyranose
6 non-polymer '(R)-((2R,3S,4R,5R,6R)-3-HYDROXY-2-(HYDROXYMETHYL)-5-((R)-3-HYDROXYTETRADECANAMIDO)-6-(PHOSPHONOOXY)TETRAHYDRO-2H-PYRAN-4-YL) 3-HYDROXYTETRADECANOATE'
7 non-polymer 'LAURIC ACID'
8 non-polymer 'MYRISTIC ACID'
9 water water
#
loop_
_entity_poly.entity_id
_entity_poly.type
_entity_poly.pdbx_seq_one_letter_code
_entity_poly.pdbx_strand_id
1 'polypeptide(L)'
;PGSLNPCIEVVPNITYQCMDQKLSKVPDDIPSSTKNIDLSFNPLKILKSYSFSNFSELQWLDLSRCEIETIEDKAWHGLH
HLSNLILTGNPIQSFSPGSFSGLTSLENLVAVETKLASLESFPIGQLITLKKLNVAHNFIHSCKLPAYFSNLTNLVHVDL
SYNYIQTITVNDLQFLRENPQVNLSLDMSLNPIDFIQDQAFQGIKLHELTLRGNFNSSNIMKTCLQNLAGLHVHRLILGE
FKDERNLEIFEPSIMEGLCDVTIDEFRLTYTNDFSDDIVKFHCLANVSAMSLAGVSIKYLEDVPKHFKWQSLSIIRCQLK
QFPTLDLPFLKSLTLTMNKGSISFKKVALPSLSYLDLSRNALSFSGCCSYSDLGTNSLRHLDLSFNGAIIMSANFMGLEE
LQHLDFQHSTLKRVTEFSAFLSLEKLLYLDISYTNTKIDFDGIFLGLTSLNTLKMAGNSFKDNTLSNVFANTTNLTFLDL
SKCQLEQISWGVFDTLHRLQLLNMSHNNLLFLDSSHYNQLYSLSTLDCSFNRIETSKGILQHFPKSLAFFNLTNNSVACI
CEHQKFLQWVKEQKQFLVNVEQMTCATPVEMNTSLVLDFNNSTCYM
;
A,B
2 'polypeptide(L)'
;ESEKQQWFCNSSDAIISYSYCDHLKFPISISSEPCIRLRGTNGFVHVEFIPRGNLKYLYFNLFISVNSIELPKRKEVLCH
GHDDDYSFCRALKGETVNTSIPFSFEGILFPKGHYRCVAEAIAGDTEEKLFCLNFTIIHRRDVN
;
C,D
#
loop_
_chem_comp.id
_chem_comp.type
_chem_comp.name
_chem_comp.formula
DAO non-polymer 'LAURIC ACID' 'C12 H24 O2'
LP4 non-polymer 2-deoxy-3-O-[(3R)-3-hydroxytetradecanoyl]-2-{[(3R)-3-hydroxytetradecanoyl]amino}-4-O-phosphono-beta-D-glucopyranose 'C34 H66 N O12 P'
LP5 non-polymer '(R)-((2R,3S,4R,5R,6R)-3-HYDROXY-2-(HYDROXYMETHYL)-5-((R)-3-HYDROXYTETRADECANAMIDO)-6-(PHOSPHONOOXY)TETRAHYDRO-2H-PYRAN-4-YL) 3-HYDROXYTETRADECANOATE' 'C34 H66 N O12 P'
MYR non-polymer 'MYRISTIC ACID' 'C14 H28 O2'
NAG D-saccharide, beta linking 2-acetamido-2-deoxy-beta-D-glucopyranose 'C8 H15 N O6'
#
# COMPACT_ATOMS: atom_id res chain seq x y z
N PRO A 6 0.34 -22.12 50.85
CA PRO A 6 1.37 -21.77 49.86
C PRO A 6 0.81 -21.64 48.44
N CYS A 7 -0.52 -21.73 48.32
CA CYS A 7 -1.16 -21.60 47.01
C CYS A 7 -1.53 -20.15 46.71
N ILE A 8 -1.62 -19.83 45.43
CA ILE A 8 -2.09 -18.54 44.96
C ILE A 8 -3.62 -18.57 44.81
N GLU A 9 -4.29 -17.57 45.38
CA GLU A 9 -5.74 -17.43 45.23
C GLU A 9 -6.05 -16.54 44.02
N VAL A 10 -6.64 -17.11 42.98
CA VAL A 10 -6.97 -16.31 41.78
C VAL A 10 -8.43 -15.83 41.77
N VAL A 11 -9.34 -16.72 42.16
CA VAL A 11 -10.76 -16.36 42.32
C VAL A 11 -11.18 -16.89 43.69
N PRO A 12 -11.64 -16.00 44.60
CA PRO A 12 -11.82 -16.33 46.01
C PRO A 12 -12.92 -17.37 46.25
N ASN A 13 -12.56 -18.43 46.96
CA ASN A 13 -13.45 -19.57 47.24
C ASN A 13 -13.78 -20.43 46.00
N ILE A 14 -13.17 -20.08 44.86
CA ILE A 14 -13.46 -20.75 43.58
C ILE A 14 -12.23 -21.38 42.93
N THR A 15 -11.18 -20.57 42.68
CA THR A 15 -9.99 -21.03 41.93
C THR A 15 -8.70 -20.82 42.69
N TYR A 16 -7.86 -21.86 42.74
CA TYR A 16 -6.62 -21.83 43.50
C TYR A 16 -5.44 -22.50 42.78
N GLN A 17 -4.31 -21.78 42.75
CA GLN A 17 -3.09 -22.17 42.03
C GLN A 17 -1.96 -22.70 42.94
N CYS A 18 -1.87 -24.02 43.03
CA CYS A 18 -0.89 -24.69 43.89
C CYS A 18 0.29 -25.26 43.08
N MET A 19 0.46 -24.75 41.86
CA MET A 19 1.56 -25.22 41.02
C MET A 19 2.92 -24.93 41.65
N ASP A 20 3.84 -25.88 41.45
CA ASP A 20 5.27 -25.68 41.67
C ASP A 20 5.65 -25.23 43.08
N GLN A 21 4.99 -25.80 44.08
CA GLN A 21 5.49 -25.63 45.42
C GLN A 21 6.39 -26.83 45.64
N LYS A 22 6.31 -27.47 46.81
CA LYS A 22 6.99 -28.74 47.00
C LYS A 22 6.08 -29.64 47.82
N LEU A 23 4.78 -29.53 47.52
CA LEU A 23 3.75 -30.22 48.28
C LEU A 23 3.79 -31.72 48.01
N SER A 24 3.71 -32.49 49.09
CA SER A 24 3.63 -33.95 48.99
C SER A 24 2.19 -34.42 49.17
N LYS A 25 1.31 -33.48 49.49
CA LYS A 25 -0.10 -33.77 49.77
C LYS A 25 -0.98 -32.59 49.39
N VAL A 26 -2.27 -32.88 49.19
CA VAL A 26 -3.29 -31.88 48.93
C VAL A 26 -3.43 -31.00 50.17
N PRO A 27 -3.12 -29.69 50.05
CA PRO A 27 -3.18 -28.77 51.19
C PRO A 27 -4.60 -28.65 51.74
N ASP A 28 -4.72 -28.68 53.07
CA ASP A 28 -6.03 -28.86 53.73
C ASP A 28 -6.69 -27.58 54.26
N ASP A 29 -6.04 -26.43 54.07
CA ASP A 29 -6.62 -25.17 54.50
C ASP A 29 -7.46 -24.50 53.40
N ILE A 30 -7.52 -25.16 52.25
CA ILE A 30 -8.19 -24.64 51.06
C ILE A 30 -9.71 -24.78 51.16
N PRO A 31 -10.45 -23.69 50.88
CA PRO A 31 -11.92 -23.62 50.91
C PRO A 31 -12.66 -24.84 50.35
N SER A 32 -13.83 -25.12 50.93
CA SER A 32 -14.64 -26.28 50.57
C SER A 32 -15.40 -26.10 49.26
N SER A 33 -15.67 -24.85 48.89
CA SER A 33 -16.47 -24.55 47.70
C SER A 33 -15.68 -24.52 46.38
N THR A 34 -14.37 -24.76 46.45
CA THR A 34 -13.47 -24.50 45.29
C THR A 34 -13.79 -25.35 44.06
N LYS A 35 -13.83 -24.67 42.92
CA LYS A 35 -14.25 -25.29 41.67
C LYS A 35 -13.07 -25.71 40.82
N ASN A 36 -11.94 -25.03 41.00
CA ASN A 36 -10.79 -25.24 40.13
C ASN A 36 -9.51 -25.27 40.95
N ILE A 37 -8.74 -26.34 40.80
CA ILE A 37 -7.44 -26.41 41.46
C ILE A 37 -6.33 -26.97 40.55
N ASP A 38 -5.25 -26.20 40.42
CA ASP A 38 -4.06 -26.65 39.70
C ASP A 38 -3.01 -27.05 40.73
N LEU A 39 -2.63 -28.32 40.72
CA LEU A 39 -1.70 -28.85 41.70
C LEU A 39 -0.54 -29.52 40.98
N SER A 40 -0.24 -29.03 39.78
CA SER A 40 0.75 -29.66 38.93
C SER A 40 2.15 -29.30 39.40
N PHE A 41 3.12 -30.13 39.03
CA PHE A 41 4.55 -29.89 39.31
C PHE A 41 4.95 -29.96 40.81
N ASN A 42 4.13 -30.66 41.60
CA ASN A 42 4.43 -30.95 43.01
C ASN A 42 4.74 -32.44 43.16
N PRO A 43 5.75 -32.79 43.97
CA PRO A 43 6.04 -34.21 44.16
C PRO A 43 5.05 -34.89 45.11
N LEU A 44 4.02 -35.52 44.55
CA LEU A 44 2.96 -36.18 45.32
C LEU A 44 3.13 -37.70 45.36
N LYS A 45 3.87 -38.23 44.39
CA LYS A 45 4.24 -39.66 44.32
C LYS A 45 3.07 -40.66 44.27
N ILE A 46 2.04 -40.41 45.08
CA ILE A 46 0.95 -41.36 45.31
C ILE A 46 -0.32 -40.59 45.63
N LEU A 47 -1.46 -41.13 45.20
CA LEU A 47 -2.77 -40.57 45.54
C LEU A 47 -3.46 -41.46 46.55
N LYS A 48 -3.40 -41.06 47.81
CA LYS A 48 -3.99 -41.79 48.91
C LYS A 48 -5.51 -41.81 48.77
N SER A 49 -6.12 -42.92 49.18
CA SER A 49 -7.56 -43.05 49.19
C SER A 49 -8.23 -41.93 50.00
N TYR A 50 -9.27 -41.33 49.42
CA TYR A 50 -10.08 -40.26 50.06
C TYR A 50 -9.40 -38.88 50.17
N SER A 51 -8.34 -38.68 49.39
CA SER A 51 -7.57 -37.41 49.35
C SER A 51 -8.37 -36.14 49.09
N PHE A 52 -9.34 -36.22 48.19
CA PHE A 52 -10.10 -35.06 47.72
C PHE A 52 -11.53 -35.01 48.26
N SER A 53 -11.76 -35.72 49.36
CA SER A 53 -13.08 -35.82 50.00
C SER A 53 -13.74 -34.48 50.31
N ASN A 54 -12.94 -33.52 50.80
CA ASN A 54 -13.47 -32.23 51.25
C ASN A 54 -13.94 -31.30 50.13
N PHE A 55 -13.45 -31.55 48.91
CA PHE A 55 -13.75 -30.69 47.76
C PHE A 55 -14.90 -31.24 46.91
N SER A 56 -16.10 -31.26 47.48
CA SER A 56 -17.26 -31.88 46.84
C SER A 56 -17.74 -31.16 45.58
N GLU A 57 -17.33 -29.91 45.39
CA GLU A 57 -17.83 -29.12 44.24
C GLU A 57 -16.78 -28.89 43.13
N LEU A 58 -15.61 -29.51 43.29
CA LEU A 58 -14.50 -29.43 42.35
C LEU A 58 -14.90 -29.87 40.93
N GLN A 59 -14.53 -29.05 39.94
CA GLN A 59 -14.94 -29.26 38.55
C GLN A 59 -13.75 -29.56 37.63
N TRP A 60 -12.59 -28.98 37.98
CA TRP A 60 -11.36 -29.06 37.20
C TRP A 60 -10.22 -29.33 38.12
N LEU A 61 -9.46 -30.38 37.81
CA LEU A 61 -8.34 -30.79 38.63
C LEU A 61 -7.14 -31.12 37.76
N ASP A 62 -6.07 -30.36 37.96
CA ASP A 62 -4.83 -30.54 37.19
C ASP A 62 -3.72 -31.13 38.05
N LEU A 63 -3.30 -32.36 37.72
CA LEU A 63 -2.24 -33.04 38.46
C LEU A 63 -1.03 -33.39 37.59
N SER A 64 -0.79 -32.60 36.55
CA SER A 64 0.27 -32.90 35.59
C SER A 64 1.63 -32.88 36.28
N ARG A 65 2.50 -33.80 35.87
CA ARG A 65 3.89 -33.83 36.36
C ARG A 65 4.02 -33.82 37.89
N CYS A 66 3.23 -34.66 38.55
CA CYS A 66 3.23 -34.78 40.00
C CYS A 66 3.92 -36.08 40.45
N GLU A 67 4.71 -36.67 39.54
CA GLU A 67 5.51 -37.88 39.80
C GLU A 67 4.73 -39.11 40.33
N ILE A 68 3.46 -39.23 39.98
CA ILE A 68 2.61 -40.24 40.61
C ILE A 68 2.78 -41.62 39.95
N GLU A 69 3.09 -42.62 40.77
CA GLU A 69 3.32 -43.99 40.31
C GLU A 69 2.13 -44.87 40.60
N THR A 70 1.34 -44.45 41.58
CA THR A 70 0.28 -45.28 42.14
C THR A 70 -0.95 -44.43 42.42
N ILE A 71 -2.11 -44.93 41.97
CA ILE A 71 -3.39 -44.37 42.34
C ILE A 71 -4.03 -45.46 43.18
N GLU A 72 -4.54 -45.07 44.35
CA GLU A 72 -5.16 -46.05 45.21
C GLU A 72 -6.66 -46.03 44.95
N ASP A 73 -7.33 -47.12 45.32
CA ASP A 73 -8.77 -47.23 45.18
C ASP A 73 -9.46 -46.15 46.02
N LYS A 74 -10.46 -45.51 45.42
CA LYS A 74 -11.24 -44.44 46.07
C LYS A 74 -10.48 -43.12 46.34
N ALA A 75 -9.40 -42.91 45.59
CA ALA A 75 -8.70 -41.64 45.59
C ALA A 75 -9.64 -40.46 45.32
N TRP A 76 -10.60 -40.66 44.41
CA TRP A 76 -11.47 -39.59 43.93
C TRP A 76 -12.86 -39.59 44.52
N HIS A 77 -13.03 -40.34 45.61
CA HIS A 77 -14.34 -40.73 46.11
C HIS A 77 -15.43 -39.68 46.08
N GLY A 78 -15.18 -38.52 46.69
CA GLY A 78 -16.24 -37.51 46.82
C GLY A 78 -16.52 -36.63 45.61
N LEU A 79 -15.70 -36.75 44.55
CA LEU A 79 -15.74 -35.82 43.41
C LEU A 79 -16.81 -36.09 42.33
N HIS A 80 -18.07 -35.95 42.71
CA HIS A 80 -19.21 -36.18 41.82
C HIS A 80 -19.37 -35.18 40.72
N HIS A 81 -18.76 -33.99 40.88
CA HIS A 81 -18.92 -32.88 39.91
C HIS A 81 -17.76 -32.66 38.98
N LEU A 82 -16.68 -33.42 39.16
CA LEU A 82 -15.48 -33.23 38.35
C LEU A 82 -15.79 -33.55 36.88
N SER A 83 -15.47 -32.62 35.99
CA SER A 83 -15.69 -32.88 34.56
C SER A 83 -14.35 -33.02 33.82
N ASN A 84 -13.29 -32.49 34.43
CA ASN A 84 -11.96 -32.52 33.82
C ASN A 84 -10.90 -33.04 34.75
N LEU A 85 -10.19 -34.09 34.32
CA LEU A 85 -9.11 -34.62 35.13
C LEU A 85 -7.88 -34.72 34.26
N ILE A 86 -6.81 -34.06 34.70
CA ILE A 86 -5.57 -33.95 33.94
C ILE A 86 -4.43 -34.61 34.70
N LEU A 87 -3.89 -35.69 34.12
CA LEU A 87 -2.87 -36.53 34.78
C LEU A 87 -1.56 -36.63 34.02
N THR A 88 -1.43 -35.85 32.94
CA THR A 88 -0.23 -35.81 32.08
C THR A 88 1.11 -35.97 32.81
N GLY A 89 1.93 -36.90 32.33
CA GLY A 89 3.33 -36.94 32.69
C GLY A 89 3.63 -37.70 33.97
N ASN A 90 2.60 -38.30 34.57
CA ASN A 90 2.76 -39.15 35.74
C ASN A 90 2.99 -40.60 35.34
N PRO A 91 4.06 -41.23 35.86
CA PRO A 91 4.36 -42.61 35.45
C PRO A 91 3.49 -43.67 36.14
N ILE A 92 2.16 -43.51 36.06
CA ILE A 92 1.22 -44.52 36.56
C ILE A 92 1.12 -45.61 35.50
N GLN A 93 2.06 -46.56 35.51
CA GLN A 93 2.13 -47.59 34.47
C GLN A 93 0.87 -48.47 34.43
N SER A 94 0.30 -48.73 35.59
CA SER A 94 -0.82 -49.65 35.72
C SER A 94 -1.94 -49.02 36.52
N PHE A 95 -3.14 -49.09 35.97
CA PHE A 95 -4.31 -48.52 36.59
C PHE A 95 -5.15 -49.69 37.09
N SER A 96 -5.37 -49.73 38.40
CA SER A 96 -6.15 -50.80 39.02
C SER A 96 -7.61 -50.66 38.62
N PRO A 97 -8.36 -51.77 38.58
CA PRO A 97 -9.80 -51.57 38.56
C PRO A 97 -10.18 -50.82 39.83
N GLY A 98 -11.00 -49.78 39.69
CA GLY A 98 -11.36 -48.95 40.84
C GLY A 98 -10.53 -47.68 40.92
N SER A 99 -9.61 -47.48 39.97
CA SER A 99 -8.82 -46.24 39.87
C SER A 99 -9.69 -45.01 39.67
N PHE A 100 -10.75 -45.16 38.86
CA PHE A 100 -11.61 -44.05 38.46
C PHE A 100 -12.98 -44.01 39.13
N SER A 101 -13.18 -44.84 40.15
CA SER A 101 -14.49 -44.86 40.79
C SER A 101 -14.70 -43.57 41.57
N GLY A 102 -15.94 -43.08 41.59
CA GLY A 102 -16.25 -41.82 42.23
C GLY A 102 -16.40 -40.68 41.24
N LEU A 103 -15.82 -40.84 40.06
CA LEU A 103 -15.92 -39.81 39.02
C LEU A 103 -17.20 -40.00 38.19
N THR A 104 -18.35 -39.65 38.79
CA THR A 104 -19.64 -39.86 38.16
C THR A 104 -20.00 -38.91 37.02
N SER A 105 -19.32 -37.76 36.92
CA SER A 105 -19.62 -36.74 35.91
C SER A 105 -18.47 -36.44 34.97
N LEU A 106 -17.44 -37.28 34.98
CA LEU A 106 -16.24 -36.94 34.24
C LEU A 106 -16.54 -36.88 32.75
N GLU A 107 -16.03 -35.84 32.09
CA GLU A 107 -16.30 -35.61 30.68
C GLU A 107 -15.01 -35.59 29.87
N ASN A 108 -13.92 -35.21 30.52
CA ASN A 108 -12.65 -35.04 29.85
C ASN A 108 -11.53 -35.66 30.66
N LEU A 109 -11.04 -36.82 30.19
CA LEU A 109 -9.92 -37.55 30.84
C LEU A 109 -8.62 -37.39 30.06
N VAL A 110 -7.63 -36.77 30.67
CA VAL A 110 -6.33 -36.61 30.02
C VAL A 110 -5.25 -37.44 30.73
N ALA A 111 -4.80 -38.50 30.05
CA ALA A 111 -3.80 -39.41 30.60
C ALA A 111 -2.66 -39.55 29.63
N VAL A 112 -2.18 -38.39 29.18
CA VAL A 112 -1.05 -38.27 28.28
C VAL A 112 0.20 -38.65 29.05
N GLU A 113 1.05 -39.46 28.40
CA GLU A 113 2.37 -39.84 28.92
C GLU A 113 2.25 -40.36 30.33
N THR A 114 1.47 -41.43 30.48
CA THR A 114 1.32 -42.10 31.77
C THR A 114 1.79 -43.56 31.67
N LYS A 115 2.67 -43.82 30.71
CA LYS A 115 3.23 -45.16 30.42
C LYS A 115 2.17 -46.25 30.30
N LEU A 116 1.06 -45.88 29.66
CA LEU A 116 -0.09 -46.74 29.48
C LEU A 116 0.12 -47.63 28.25
N ALA A 117 -0.18 -48.92 28.40
CA ALA A 117 0.18 -49.88 27.36
C ALA A 117 -1.00 -50.39 26.51
N SER A 118 -2.22 -50.26 27.03
CA SER A 118 -3.37 -50.87 26.39
C SER A 118 -4.64 -50.14 26.80
N LEU A 119 -5.64 -50.15 25.91
CA LEU A 119 -6.95 -49.60 26.25
C LEU A 119 -7.84 -50.64 26.89
N GLU A 120 -7.58 -51.91 26.59
CA GLU A 120 -8.34 -53.05 27.14
C GLU A 120 -8.33 -53.07 28.67
N SER A 121 -7.17 -52.81 29.26
CA SER A 121 -6.97 -52.85 30.70
C SER A 121 -7.19 -51.48 31.38
N PHE A 122 -7.37 -50.43 30.58
CA PHE A 122 -7.64 -49.09 31.11
C PHE A 122 -9.08 -49.04 31.63
N PRO A 123 -9.23 -48.90 32.96
CA PRO A 123 -10.49 -49.20 33.63
C PRO A 123 -11.45 -48.02 33.59
N ILE A 124 -11.98 -47.73 32.40
CA ILE A 124 -12.83 -46.55 32.20
C ILE A 124 -14.20 -46.91 31.67
N GLY A 125 -14.54 -48.19 31.77
CA GLY A 125 -15.79 -48.71 31.26
C GLY A 125 -17.01 -48.14 31.94
N GLN A 126 -16.84 -47.54 33.12
CA GLN A 126 -17.99 -47.00 33.86
C GLN A 126 -18.01 -45.48 33.81
N LEU A 127 -17.04 -44.89 33.10
CA LEU A 127 -17.04 -43.44 32.87
C LEU A 127 -18.02 -43.08 31.74
N ILE A 128 -19.27 -43.49 31.92
CA ILE A 128 -20.38 -43.26 31.02
C ILE A 128 -20.56 -41.83 30.52
N THR A 129 -20.11 -40.84 31.30
CA THR A 129 -20.29 -39.45 30.91
C THR A 129 -19.18 -38.91 30.01
N LEU A 130 -18.13 -39.70 29.79
CA LEU A 130 -16.90 -39.25 29.11
C LEU A 130 -17.15 -38.75 27.71
N LYS A 131 -16.67 -37.55 27.40
CA LYS A 131 -16.79 -37.04 26.03
C LYS A 131 -15.48 -37.16 25.27
N LYS A 132 -14.36 -36.91 25.97
CA LYS A 132 -13.02 -36.84 25.38
C LYS A 132 -12.05 -37.74 26.11
N LEU A 133 -11.30 -38.54 25.37
CA LEU A 133 -10.29 -39.40 25.96
C LEU A 133 -8.94 -39.15 25.30
N ASN A 134 -7.97 -38.67 26.07
CA ASN A 134 -6.66 -38.33 25.55
C ASN A 134 -5.56 -39.26 26.11
N VAL A 135 -5.08 -40.17 25.26
CA VAL A 135 -4.07 -41.15 25.67
C VAL A 135 -2.86 -41.11 24.72
N ALA A 136 -2.51 -39.88 24.31
CA ALA A 136 -1.33 -39.65 23.50
C ALA A 136 -0.08 -39.87 24.30
N HIS A 137 1.02 -40.17 23.60
CA HIS A 137 2.35 -40.25 24.20
C HIS A 137 2.41 -41.32 25.29
N ASN A 138 1.92 -42.50 24.97
CA ASN A 138 2.00 -43.66 25.84
C ASN A 138 2.69 -44.84 25.13
N PHE A 139 2.31 -46.07 25.47
CA PHE A 139 2.94 -47.25 24.85
C PHE A 139 1.95 -48.16 24.11
N ILE A 140 0.84 -47.57 23.66
CA ILE A 140 -0.25 -48.34 23.06
C ILE A 140 0.16 -48.90 21.69
N HIS A 141 0.00 -50.21 21.52
CA HIS A 141 0.54 -50.93 20.37
C HIS A 141 -0.55 -51.36 19.46
N SER A 142 -1.76 -51.41 20.01
CA SER A 142 -2.93 -51.89 19.31
C SER A 142 -3.91 -50.76 19.02
N CYS A 143 -4.61 -50.88 17.90
CA CYS A 143 -5.63 -49.92 17.50
C CYS A 143 -7.03 -50.35 17.94
N LYS A 144 -7.08 -51.42 18.72
CA LYS A 144 -8.33 -52.09 19.08
C LYS A 144 -9.22 -51.21 19.97
N LEU A 145 -10.41 -50.93 19.49
CA LEU A 145 -11.42 -50.21 20.26
C LEU A 145 -12.14 -51.24 21.14
N PRO A 146 -11.92 -51.17 22.45
CA PRO A 146 -12.36 -52.22 23.37
C PRO A 146 -13.87 -52.25 23.52
N ALA A 147 -14.40 -53.43 23.83
CA ALA A 147 -15.84 -53.66 23.90
C ALA A 147 -16.58 -52.78 24.95
N TYR A 148 -15.91 -52.44 26.05
CA TYR A 148 -16.48 -51.52 27.05
C TYR A 148 -16.84 -50.11 26.50
N PHE A 149 -16.44 -49.81 25.26
CA PHE A 149 -16.88 -48.56 24.58
C PHE A 149 -18.39 -48.57 24.38
N SER A 150 -18.99 -49.76 24.55
CA SER A 150 -20.44 -49.90 24.54
C SER A 150 -21.12 -49.13 25.69
N ASN A 151 -20.44 -49.01 26.83
CA ASN A 151 -20.92 -48.21 27.98
C ASN A 151 -20.70 -46.72 27.71
N LEU A 152 -19.72 -46.41 26.87
CA LEU A 152 -19.29 -45.06 26.59
C LEU A 152 -20.08 -44.37 25.45
N THR A 153 -21.38 -44.20 25.67
CA THR A 153 -22.29 -43.63 24.68
C THR A 153 -22.23 -42.08 24.44
N ASN A 154 -21.36 -41.36 25.16
CA ASN A 154 -21.23 -39.93 24.97
C ASN A 154 -19.88 -39.55 24.41
N LEU A 155 -19.05 -40.55 24.13
CA LEU A 155 -17.70 -40.33 23.73
C LEU A 155 -17.63 -39.84 22.29
N VAL A 156 -16.90 -38.76 22.05
CA VAL A 156 -16.83 -38.21 20.70
C VAL A 156 -15.41 -38.12 20.14
N HIS A 157 -14.42 -38.10 21.03
CA HIS A 157 -13.04 -37.94 20.58
C HIS A 157 -12.12 -38.79 21.37
N VAL A 158 -11.32 -39.56 20.64
CA VAL A 158 -10.22 -40.30 21.25
C VAL A 158 -8.92 -39.87 20.57
N ASP A 159 -7.93 -39.50 21.37
CA ASP A 159 -6.63 -39.10 20.89
C ASP A 159 -5.64 -40.25 21.15
N LEU A 160 -5.22 -40.90 20.06
CA LEU A 160 -4.30 -42.04 20.09
C LEU A 160 -2.90 -41.68 19.58
N SER A 161 -2.66 -40.37 19.51
CA SER A 161 -1.43 -39.77 19.00
C SER A 161 -0.17 -40.25 19.67
N TYR A 162 0.93 -40.31 18.91
CA TYR A 162 2.26 -40.52 19.46
C TYR A 162 2.25 -41.76 20.35
N ASN A 163 1.94 -42.90 19.73
CA ASN A 163 1.99 -44.20 20.37
C ASN A 163 2.73 -45.19 19.48
N TYR A 164 2.54 -46.50 19.70
CA TYR A 164 3.29 -47.50 18.95
C TYR A 164 2.43 -48.36 18.02
N ILE A 165 1.32 -47.79 17.55
CA ILE A 165 0.38 -48.50 16.68
C ILE A 165 0.96 -48.69 15.27
N GLN A 166 1.08 -49.96 14.84
CA GLN A 166 1.70 -50.26 13.53
C GLN A 166 0.74 -50.84 12.49
N THR A 167 -0.40 -51.38 12.95
CA THR A 167 -1.36 -52.01 12.06
C THR A 167 -2.79 -51.67 12.48
N ILE A 168 -3.68 -51.59 11.50
CA ILE A 168 -5.12 -51.54 11.75
C ILE A 168 -5.77 -52.75 11.09
N THR A 169 -6.52 -53.51 11.87
CA THR A 169 -7.10 -54.75 11.37
C THR A 169 -8.62 -54.65 11.34
N VAL A 170 -9.27 -55.64 10.71
CA VAL A 170 -10.74 -55.69 10.62
C VAL A 170 -11.40 -55.80 11.99
N ASN A 171 -10.73 -56.52 12.90
CA ASN A 171 -11.23 -56.73 14.26
C ASN A 171 -11.02 -55.49 15.11
N ASP A 172 -9.99 -54.71 14.78
CA ASP A 172 -9.64 -53.50 15.49
C ASP A 172 -10.85 -52.58 15.57
N LEU A 173 -11.56 -52.46 14.46
CA LEU A 173 -12.62 -51.47 14.31
C LEU A 173 -14.00 -52.11 14.30
N GLN A 174 -14.09 -53.32 14.85
CA GLN A 174 -15.33 -54.06 14.90
C GLN A 174 -16.41 -53.33 15.70
N PHE A 175 -16.01 -52.76 16.83
CA PHE A 175 -16.96 -52.02 17.66
C PHE A 175 -17.70 -50.97 16.84
N LEU A 176 -16.96 -50.21 16.02
CA LEU A 176 -17.50 -49.17 15.15
C LEU A 176 -18.37 -49.75 14.03
N ARG A 177 -17.98 -50.95 13.56
CA ARG A 177 -18.72 -51.68 12.54
C ARG A 177 -20.06 -52.10 13.08
N GLU A 178 -20.07 -52.58 14.32
CA GLU A 178 -21.29 -53.07 14.96
C GLU A 178 -22.16 -51.94 15.49
N ASN A 179 -21.63 -50.71 15.47
CA ASN A 179 -22.35 -49.54 15.98
C ASN A 179 -22.25 -48.34 15.06
N PRO A 180 -23.01 -48.34 13.95
CA PRO A 180 -22.98 -47.26 12.96
C PRO A 180 -23.42 -45.89 13.49
N GLN A 181 -24.10 -45.88 14.63
CA GLN A 181 -24.67 -44.66 15.20
C GLN A 181 -23.65 -43.80 15.97
N VAL A 182 -22.49 -44.38 16.27
CA VAL A 182 -21.45 -43.69 17.04
C VAL A 182 -20.83 -42.52 16.26
N ASN A 183 -20.83 -41.35 16.87
CA ASN A 183 -20.23 -40.12 16.34
C ASN A 183 -18.86 -39.96 17.01
N LEU A 184 -17.84 -40.53 16.38
CA LEU A 184 -16.50 -40.60 16.96
C LEU A 184 -15.44 -40.02 16.05
N SER A 185 -14.45 -39.39 16.70
CA SER A 185 -13.31 -38.81 16.05
C SER A 185 -12.05 -39.38 16.66
N LEU A 186 -10.99 -39.45 15.86
CA LEU A 186 -9.85 -40.27 16.20
C LEU A 186 -8.60 -39.62 15.69
N ASP A 187 -7.71 -39.22 16.60
CA ASP A 187 -6.40 -38.70 16.19
C ASP A 187 -5.41 -39.86 16.22
N MET A 188 -4.87 -40.20 15.06
CA MET A 188 -3.98 -41.33 14.94
C MET A 188 -2.57 -40.87 14.57
N SER A 189 -2.36 -39.55 14.56
CA SER A 189 -1.08 -38.96 14.20
C SER A 189 0.09 -39.55 14.96
N LEU A 190 1.29 -39.45 14.37
CA LEU A 190 2.54 -39.80 15.04
C LEU A 190 2.56 -41.23 15.60
N ASN A 191 1.84 -42.12 14.91
CA ASN A 191 1.97 -43.55 15.10
C ASN A 191 2.66 -44.14 13.87
N PRO A 192 3.61 -45.08 14.08
CA PRO A 192 4.29 -45.67 12.91
C PRO A 192 3.44 -46.77 12.22
N ILE A 193 2.30 -46.36 11.66
CA ILE A 193 1.43 -47.27 10.91
C ILE A 193 2.11 -47.72 9.62
N ASP A 194 2.18 -49.04 9.43
CA ASP A 194 2.81 -49.59 8.22
C ASP A 194 1.92 -50.60 7.51
N PHE A 195 0.76 -50.91 8.08
CA PHE A 195 -0.17 -51.82 7.42
C PHE A 195 -1.61 -51.63 7.84
N ILE A 196 -2.49 -51.59 6.86
CA ILE A 196 -3.92 -51.63 7.13
C ILE A 196 -4.46 -52.86 6.42
N GLN A 197 -5.14 -53.71 7.17
CA GLN A 197 -5.71 -54.93 6.60
C GLN A 197 -6.70 -54.57 5.51
N ASP A 198 -6.80 -55.44 4.51
CA ASP A 198 -7.79 -55.30 3.46
C ASP A 198 -9.18 -55.33 4.07
N GLN A 199 -10.02 -54.37 3.71
CA GLN A 199 -11.42 -54.33 4.14
C GLN A 199 -11.59 -53.91 5.61
N ALA A 200 -10.50 -53.53 6.26
CA ALA A 200 -10.54 -53.00 7.62
C ALA A 200 -11.57 -51.87 7.76
N PHE A 201 -11.69 -51.03 6.74
CA PHE A 201 -12.54 -49.85 6.84
C PHE A 201 -13.91 -49.99 6.17
N GLN A 202 -14.30 -51.24 5.90
CA GLN A 202 -15.60 -51.50 5.33
C GLN A 202 -16.64 -51.40 6.46
N GLY A 203 -17.72 -50.68 6.18
CA GLY A 203 -18.78 -50.43 7.15
C GLY A 203 -18.39 -49.50 8.30
N ILE A 204 -17.39 -48.66 8.13
CA ILE A 204 -17.09 -47.77 9.23
C ILE A 204 -17.22 -46.28 8.92
N LYS A 205 -17.66 -45.56 9.95
CA LYS A 205 -17.96 -44.16 9.85
C LYS A 205 -17.22 -43.41 10.95
N LEU A 206 -16.56 -42.35 10.53
CA LEU A 206 -15.86 -41.49 11.44
C LEU A 206 -16.24 -40.06 11.19
N HIS A 207 -16.37 -39.27 12.26
CA HIS A 207 -16.52 -37.86 12.09
C HIS A 207 -15.21 -37.24 11.62
N GLU A 208 -14.18 -37.29 12.44
CA GLU A 208 -12.86 -36.74 12.10
C GLU A 208 -11.76 -37.79 12.27
N LEU A 209 -10.96 -38.00 11.23
CA LEU A 209 -9.80 -38.87 11.35
C LEU A 209 -8.59 -38.02 10.98
N THR A 210 -7.63 -37.91 11.90
CA THR A 210 -6.39 -37.16 11.68
C THR A 210 -5.23 -38.13 11.47
N LEU A 211 -4.55 -38.00 10.35
CA LEU A 211 -3.39 -38.85 10.07
C LEU A 211 -2.20 -37.99 9.67
N ARG A 212 -1.57 -37.38 10.66
CA ARG A 212 -0.42 -36.52 10.41
C ARG A 212 0.86 -37.19 10.93
N GLY A 213 1.91 -37.21 10.10
CA GLY A 213 3.22 -37.67 10.53
C GLY A 213 3.33 -39.16 10.84
N ASN A 214 2.61 -39.99 10.09
CA ASN A 214 2.57 -41.44 10.31
C ASN A 214 3.53 -42.28 9.47
N PHE A 215 4.00 -41.70 8.38
CA PHE A 215 4.62 -42.47 7.31
C PHE A 215 6.01 -41.96 6.97
N ASN A 216 6.91 -42.92 6.72
CA ASN A 216 8.30 -42.65 6.37
C ASN A 216 8.54 -42.91 4.89
N SER A 217 7.75 -43.82 4.33
CA SER A 217 7.89 -44.26 2.96
C SER A 217 6.64 -43.94 2.12
N SER A 218 6.86 -43.35 0.94
CA SER A 218 5.77 -43.10 -0.01
C SER A 218 5.00 -44.38 -0.38
N ASN A 219 5.70 -45.50 -0.50
CA ASN A 219 5.07 -46.77 -0.88
C ASN A 219 4.10 -47.24 0.21
N ILE A 220 4.50 -47.05 1.46
CA ILE A 220 3.70 -47.46 2.61
C ILE A 220 2.43 -46.61 2.73
N MET A 221 2.55 -45.33 2.43
CA MET A 221 1.42 -44.41 2.52
C MET A 221 0.39 -44.70 1.43
N LYS A 222 0.88 -44.95 0.22
CA LYS A 222 0.04 -45.40 -0.89
C LYS A 222 -0.78 -46.63 -0.49
N THR A 223 -0.11 -47.63 0.07
CA THR A 223 -0.73 -48.92 0.28
C THR A 223 -1.62 -48.94 1.54
N CYS A 224 -1.31 -48.06 2.47
CA CYS A 224 -2.18 -47.87 3.63
C CYS A 224 -3.47 -47.13 3.28
N LEU A 225 -3.36 -46.06 2.47
CA LEU A 225 -4.54 -45.29 2.05
C LEU A 225 -5.41 -46.09 1.09
N GLN A 226 -4.81 -47.09 0.44
CA GLN A 226 -5.57 -48.02 -0.38
C GLN A 226 -6.57 -48.80 0.47
N ASN A 227 -6.15 -49.24 1.66
CA ASN A 227 -7.02 -50.04 2.51
C ASN A 227 -7.86 -49.20 3.47
N LEU A 228 -8.00 -47.93 3.13
CA LEU A 228 -8.94 -47.05 3.79
C LEU A 228 -10.26 -47.20 3.05
N ALA A 229 -10.23 -47.96 1.95
CA ALA A 229 -11.41 -48.24 1.15
C ALA A 229 -12.61 -48.55 2.03
N GLY A 230 -13.69 -47.84 1.79
CA GLY A 230 -14.95 -48.11 2.45
C GLY A 230 -15.30 -47.12 3.52
N LEU A 231 -14.31 -46.34 3.96
CA LEU A 231 -14.50 -45.39 5.05
C LEU A 231 -15.33 -44.19 4.61
N HIS A 232 -16.26 -43.78 5.46
CA HIS A 232 -16.95 -42.49 5.32
C HIS A 232 -16.44 -41.59 6.40
N VAL A 233 -15.64 -40.58 6.02
CA VAL A 233 -15.20 -39.53 6.94
C VAL A 233 -15.78 -38.17 6.62
N HIS A 234 -16.22 -37.45 7.65
CA HIS A 234 -16.60 -36.06 7.47
C HIS A 234 -15.38 -35.20 7.22
N ARG A 235 -14.30 -35.43 7.97
CA ARG A 235 -13.09 -34.65 7.85
C ARG A 235 -11.82 -35.49 7.93
N LEU A 236 -11.14 -35.60 6.80
CA LEU A 236 -9.88 -36.28 6.78
C LEU A 236 -8.74 -35.27 6.79
N ILE A 237 -7.89 -35.34 7.81
CA ILE A 237 -6.70 -34.48 7.93
C ILE A 237 -5.40 -35.25 7.69
N LEU A 238 -4.63 -34.79 6.72
CA LEU A 238 -3.45 -35.52 6.24
C LEU A 238 -2.26 -34.59 6.17
N GLY A 239 -1.05 -35.13 6.33
CA GLY A 239 0.14 -34.30 6.21
C GLY A 239 1.23 -34.68 7.18
N GLU A 240 2.27 -33.85 7.27
CA GLU A 240 3.44 -34.16 8.07
C GLU A 240 3.90 -32.96 8.93
N PHE A 241 5.06 -33.09 9.59
CA PHE A 241 5.61 -32.00 10.42
C PHE A 241 7.05 -31.65 10.03
N LYS A 242 7.42 -30.37 10.10
CA LYS A 242 8.79 -29.95 9.77
C LYS A 242 9.84 -30.53 10.72
N ASP A 243 9.46 -30.77 11.98
CA ASP A 243 10.36 -31.27 13.00
C ASP A 243 10.22 -32.79 13.18
N GLU A 244 9.92 -33.50 12.10
CA GLU A 244 9.81 -34.97 12.13
C GLU A 244 10.23 -35.58 10.79
N ARG A 245 10.61 -36.86 10.83
CA ARG A 245 10.69 -37.75 9.67
C ARG A 245 9.67 -37.37 8.58
N ASN A 246 10.16 -36.98 7.41
CA ASN A 246 9.32 -36.51 6.31
C ASN A 246 9.38 -37.45 5.10
N LEU A 247 8.36 -37.38 4.23
CA LEU A 247 8.40 -38.13 2.96
C LEU A 247 9.42 -37.54 1.98
N GLU A 248 10.21 -38.41 1.37
CA GLU A 248 11.20 -38.04 0.36
C GLU A 248 10.54 -37.38 -0.86
N ILE A 249 9.62 -38.11 -1.48
CA ILE A 249 8.85 -37.61 -2.62
C ILE A 249 7.35 -37.75 -2.33
N PHE A 250 6.59 -36.76 -2.80
CA PHE A 250 5.14 -36.80 -2.70
C PHE A 250 4.50 -36.61 -4.07
N GLU A 251 4.01 -37.71 -4.63
CA GLU A 251 3.31 -37.71 -5.91
C GLU A 251 1.80 -37.75 -5.67
N PRO A 252 1.01 -37.14 -6.58
CA PRO A 252 -0.44 -37.26 -6.53
C PRO A 252 -0.93 -38.70 -6.45
N SER A 253 -0.20 -39.63 -7.06
CA SER A 253 -0.54 -41.07 -7.09
C SER A 253 -0.57 -41.79 -5.72
N ILE A 254 0.13 -41.23 -4.72
CA ILE A 254 0.02 -41.72 -3.34
C ILE A 254 -1.43 -41.60 -2.84
N MET A 255 -2.11 -40.56 -3.31
CA MET A 255 -3.49 -40.29 -2.91
C MET A 255 -4.48 -41.32 -3.45
N GLU A 256 -4.08 -42.06 -4.50
CA GLU A 256 -4.89 -43.18 -5.01
C GLU A 256 -5.25 -44.09 -3.83
N GLY A 257 -6.54 -44.38 -3.72
CA GLY A 257 -7.04 -45.09 -2.54
C GLY A 257 -8.14 -44.24 -1.92
N LEU A 258 -7.89 -42.94 -1.81
CA LEU A 258 -8.89 -41.97 -1.38
C LEU A 258 -10.09 -41.91 -2.35
N CYS A 259 -9.95 -42.58 -3.48
CA CYS A 259 -11.03 -42.68 -4.48
C CYS A 259 -12.13 -43.60 -3.99
N ASP A 260 -11.78 -44.56 -3.13
CA ASP A 260 -12.73 -45.52 -2.55
C ASP A 260 -13.14 -45.13 -1.13
N VAL A 261 -12.84 -43.89 -0.76
CA VAL A 261 -13.25 -43.37 0.53
C VAL A 261 -14.15 -42.17 0.26
N THR A 262 -15.25 -42.05 1.01
CA THR A 262 -16.12 -40.89 0.83
C THR A 262 -15.80 -39.84 1.90
N ILE A 263 -15.38 -38.68 1.42
CA ILE A 263 -14.82 -37.60 2.22
C ILE A 263 -15.65 -36.34 2.07
N ASP A 264 -16.15 -35.79 3.18
CA ASP A 264 -16.87 -34.51 3.14
C ASP A 264 -15.90 -33.33 3.11
N GLU A 265 -14.90 -33.35 3.98
CA GLU A 265 -13.92 -32.28 4.12
C GLU A 265 -12.52 -32.87 4.17
N PHE A 266 -11.61 -32.26 3.42
CA PHE A 266 -10.25 -32.76 3.27
C PHE A 266 -9.29 -31.66 3.65
N ARG A 267 -8.39 -31.95 4.58
CA ARG A 267 -7.41 -30.97 5.04
C ARG A 267 -5.99 -31.48 4.82
N LEU A 268 -5.20 -30.73 4.07
CA LEU A 268 -3.80 -31.07 3.82
C LEU A 268 -2.94 -30.10 4.63
N THR A 269 -2.02 -30.61 5.43
CA THR A 269 -1.14 -29.74 6.21
C THR A 269 0.26 -29.76 5.60
N TYR A 270 1.23 -29.24 6.34
CA TYR A 270 2.61 -29.14 5.85
C TYR A 270 3.08 -30.45 5.22
N THR A 271 3.66 -30.31 4.04
CA THR A 271 4.23 -31.43 3.32
C THR A 271 5.60 -30.99 2.86
N ASN A 272 6.61 -31.80 3.16
CA ASN A 272 7.98 -31.54 2.73
C ASN A 272 8.10 -31.31 1.24
N ASP A 273 7.62 -32.27 0.45
CA ASP A 273 7.80 -32.27 -1.00
C ASP A 273 6.51 -32.08 -1.80
N PHE A 274 5.81 -30.97 -1.57
CA PHE A 274 4.56 -30.66 -2.27
C PHE A 274 4.71 -30.37 -3.77
N SER A 275 3.72 -30.81 -4.54
CA SER A 275 3.55 -30.45 -5.96
C SER A 275 2.19 -29.82 -6.16
N ASP A 276 2.10 -28.79 -6.99
CA ASP A 276 0.84 -28.06 -7.18
C ASP A 276 -0.33 -28.96 -7.63
N ASP A 277 -0.02 -30.03 -8.35
CA ASP A 277 -1.05 -30.89 -8.94
C ASP A 277 -1.71 -31.88 -7.97
N ILE A 278 -1.16 -32.00 -6.76
CA ILE A 278 -1.74 -32.93 -5.80
C ILE A 278 -3.06 -32.47 -5.17
N VAL A 279 -3.36 -31.17 -5.27
CA VAL A 279 -4.70 -30.67 -4.91
C VAL A 279 -5.64 -30.64 -6.12
N LYS A 280 -5.08 -30.89 -7.30
CA LYS A 280 -5.81 -31.03 -8.54
C LYS A 280 -6.21 -32.51 -8.78
N PHE A 281 -5.71 -33.40 -7.91
CA PHE A 281 -5.94 -34.84 -8.02
C PHE A 281 -7.42 -35.25 -8.13
N HIS A 282 -7.70 -36.16 -9.06
CA HIS A 282 -9.07 -36.54 -9.46
C HIS A 282 -9.88 -37.19 -8.35
N CYS A 283 -9.21 -37.88 -7.43
CA CYS A 283 -9.89 -38.50 -6.31
C CYS A 283 -10.36 -37.51 -5.22
N LEU A 284 -10.12 -36.21 -5.44
CA LEU A 284 -10.61 -35.14 -4.53
C LEU A 284 -11.78 -34.34 -5.10
N ALA A 285 -12.18 -34.69 -6.32
CA ALA A 285 -13.23 -33.97 -7.07
C ALA A 285 -14.51 -33.73 -6.28
N ASN A 286 -14.94 -34.73 -5.51
CA ASN A 286 -16.28 -34.69 -4.91
C ASN A 286 -16.34 -34.20 -3.47
N VAL A 287 -15.17 -33.90 -2.92
CA VAL A 287 -15.04 -33.32 -1.60
C VAL A 287 -15.85 -32.02 -1.58
N SER A 288 -16.50 -31.69 -0.48
CA SER A 288 -17.23 -30.41 -0.41
C SER A 288 -16.43 -29.27 0.25
N ALA A 289 -15.39 -29.60 1.01
CA ALA A 289 -14.47 -28.59 1.55
C ALA A 289 -13.02 -29.01 1.40
N MET A 290 -12.24 -28.14 0.79
CA MET A 290 -10.84 -28.35 0.52
C MET A 290 -10.06 -27.33 1.36
N SER A 291 -9.00 -27.78 2.02
CA SER A 291 -8.23 -26.93 2.91
C SER A 291 -6.76 -27.20 2.79
N LEU A 292 -6.00 -26.12 2.61
CA LEU A 292 -4.54 -26.14 2.63
C LEU A 292 -4.04 -25.22 3.73
N ALA A 293 -3.14 -25.73 4.56
CA ALA A 293 -2.57 -24.94 5.65
C ALA A 293 -1.09 -25.23 5.79
N GLY A 294 -0.25 -24.21 5.59
CA GLY A 294 1.19 -24.35 5.74
C GLY A 294 1.80 -25.14 4.61
N VAL A 295 1.21 -25.01 3.42
CA VAL A 295 1.57 -25.82 2.27
C VAL A 295 2.31 -24.98 1.25
N SER A 296 3.44 -25.52 0.77
CA SER A 296 4.32 -24.84 -0.18
C SER A 296 3.72 -24.68 -1.57
N ILE A 297 2.40 -24.57 -1.67
CA ILE A 297 1.76 -24.36 -2.97
C ILE A 297 2.19 -23.01 -3.53
N LYS A 298 2.59 -23.00 -4.79
CA LYS A 298 3.12 -21.81 -5.43
C LYS A 298 2.11 -21.21 -6.41
N TYR A 299 1.30 -22.07 -7.02
CA TYR A 299 0.31 -21.67 -8.02
C TYR A 299 -0.90 -22.58 -7.92
N LEU A 300 -2.08 -22.00 -8.08
CA LEU A 300 -3.32 -22.77 -8.20
C LEU A 300 -4.03 -22.35 -9.48
N GLU A 301 -3.69 -23.02 -10.58
CA GLU A 301 -4.30 -22.76 -11.88
C GLU A 301 -4.50 -24.07 -12.63
N ASP A 302 -5.36 -24.91 -12.08
CA ASP A 302 -5.56 -26.25 -12.58
C ASP A 302 -7.05 -26.57 -12.68
N VAL A 303 -7.78 -26.08 -11.68
CA VAL A 303 -8.97 -26.73 -11.17
C VAL A 303 -10.08 -26.89 -12.21
N PRO A 304 -10.34 -28.16 -12.59
CA PRO A 304 -11.42 -28.53 -13.49
C PRO A 304 -12.77 -28.08 -12.97
N LYS A 305 -13.68 -27.79 -13.89
CA LYS A 305 -14.99 -27.24 -13.56
C LYS A 305 -15.93 -28.24 -12.90
N HIS A 306 -15.75 -29.53 -13.19
CA HIS A 306 -16.62 -30.56 -12.64
C HIS A 306 -16.47 -30.79 -11.16
N PHE A 307 -15.33 -30.34 -10.61
CA PHE A 307 -15.03 -30.39 -9.17
C PHE A 307 -16.15 -29.76 -8.34
N LYS A 308 -16.57 -30.46 -7.29
CA LYS A 308 -17.77 -30.12 -6.54
C LYS A 308 -17.49 -29.31 -5.27
N TRP A 309 -16.31 -28.69 -5.17
CA TRP A 309 -15.93 -27.93 -3.96
C TRP A 309 -16.88 -26.81 -3.65
N GLN A 310 -17.32 -26.74 -2.40
CA GLN A 310 -18.18 -25.65 -1.94
C GLN A 310 -17.39 -24.62 -1.14
N SER A 311 -16.35 -25.08 -0.45
CA SER A 311 -15.40 -24.20 0.22
C SER A 311 -13.94 -24.58 -0.05
N LEU A 312 -13.13 -23.55 -0.24
CA LEU A 312 -11.70 -23.69 -0.40
C LEU A 312 -11.08 -22.75 0.63
N SER A 313 -10.15 -23.28 1.40
CA SER A 313 -9.50 -22.51 2.45
C SER A 313 -7.98 -22.68 2.31
N ILE A 314 -7.27 -21.56 2.18
CA ILE A 314 -5.81 -21.56 1.94
C ILE A 314 -5.15 -20.66 2.97
N ILE A 315 -4.49 -21.29 3.94
CA ILE A 315 -4.01 -20.60 5.12
C ILE A 315 -2.49 -20.79 5.31
N ARG A 316 -1.78 -19.68 5.49
CA ARG A 316 -0.30 -19.65 5.60
C ARG A 316 0.38 -20.49 4.53
N CYS A 317 -0.04 -20.30 3.28
CA CYS A 317 0.61 -20.94 2.14
C CYS A 317 1.56 -19.98 1.43
N GLN A 318 2.09 -20.39 0.27
CA GLN A 318 3.11 -19.59 -0.42
C GLN A 318 2.79 -19.29 -1.88
N LEU A 319 1.56 -18.86 -2.15
CA LEU A 319 1.19 -18.51 -3.53
C LEU A 319 2.03 -17.34 -4.03
N LYS A 320 2.59 -17.50 -5.22
CA LYS A 320 3.31 -16.41 -5.88
C LYS A 320 2.36 -15.55 -6.72
N GLN A 321 1.23 -16.13 -7.11
CA GLN A 321 0.17 -15.46 -7.86
C GLN A 321 -1.21 -15.78 -7.30
N PHE A 322 -2.13 -14.83 -7.46
CA PHE A 322 -3.51 -15.03 -7.06
C PHE A 322 -4.10 -16.12 -7.94
N PRO A 323 -4.78 -17.10 -7.32
CA PRO A 323 -5.21 -18.29 -8.05
C PRO A 323 -6.36 -18.01 -9.00
N THR A 324 -6.23 -18.47 -10.24
CA THR A 324 -7.31 -18.37 -11.21
C THR A 324 -8.28 -19.51 -10.96
N LEU A 325 -9.53 -19.14 -10.67
CA LEU A 325 -10.54 -20.07 -10.23
C LEU A 325 -11.88 -19.76 -10.93
N ASP A 326 -12.61 -20.80 -11.31
CA ASP A 326 -13.95 -20.64 -11.88
C ASP A 326 -14.82 -21.85 -11.59
N LEU A 327 -14.88 -22.22 -10.33
CA LEU A 327 -15.68 -23.35 -9.88
C LEU A 327 -17.14 -22.90 -9.71
N PRO A 328 -18.07 -23.59 -10.38
CA PRO A 328 -19.51 -23.28 -10.35
C PRO A 328 -20.16 -23.39 -8.96
N PHE A 329 -19.53 -24.10 -8.03
CA PHE A 329 -20.18 -24.42 -6.77
C PHE A 329 -19.56 -23.79 -5.54
N LEU A 330 -18.37 -23.22 -5.68
CA LEU A 330 -17.66 -22.62 -4.55
C LEU A 330 -18.48 -21.50 -3.87
N LYS A 331 -18.99 -21.77 -2.68
CA LYS A 331 -19.74 -20.78 -1.93
C LYS A 331 -18.85 -19.97 -1.00
N SER A 332 -17.60 -20.41 -0.81
CA SER A 332 -16.76 -19.87 0.25
C SER A 332 -15.29 -20.00 -0.09
N LEU A 333 -14.61 -18.86 -0.22
CA LEU A 333 -13.17 -18.80 -0.46
C LEU A 333 -12.40 -18.07 0.66
N THR A 334 -11.39 -18.74 1.19
CA THR A 334 -10.48 -18.15 2.19
C THR A 334 -9.06 -18.26 1.67
N LEU A 335 -8.36 -17.13 1.66
CA LEU A 335 -6.95 -17.07 1.34
C LEU A 335 -6.40 -16.06 2.31
N THR A 336 -5.57 -16.52 3.25
CA THR A 336 -5.14 -15.69 4.35
C THR A 336 -3.72 -16.05 4.79
N MET A 337 -3.08 -15.09 5.46
CA MET A 337 -1.69 -15.21 5.91
C MET A 337 -0.71 -15.77 4.87
N ASN A 338 -0.91 -15.46 3.60
CA ASN A 338 -0.03 -15.91 2.52
C ASN A 338 1.34 -15.24 2.57
N LYS A 339 2.36 -15.90 2.02
CA LYS A 339 3.70 -15.33 1.97
C LYS A 339 3.82 -14.18 0.96
N GLY A 340 4.69 -13.22 1.26
CA GLY A 340 4.98 -12.11 0.36
C GLY A 340 3.82 -11.16 0.12
N SER A 341 3.77 -10.61 -1.08
CA SER A 341 2.61 -9.89 -1.54
C SER A 341 2.10 -10.63 -2.75
N ILE A 342 0.80 -10.47 -3.01
CA ILE A 342 0.21 -10.88 -4.27
C ILE A 342 -0.81 -9.84 -4.67
N SER A 343 -1.05 -9.74 -5.96
CA SER A 343 -2.00 -8.77 -6.45
C SER A 343 -3.23 -9.50 -6.91
N PHE A 344 -4.39 -9.03 -6.46
CA PHE A 344 -5.66 -9.64 -6.79
C PHE A 344 -5.80 -9.82 -8.31
N LYS A 345 -6.39 -10.94 -8.70
CA LYS A 345 -6.71 -11.23 -10.09
C LYS A 345 -8.19 -11.64 -10.14
N LYS A 346 -8.84 -11.26 -11.23
CA LYS A 346 -10.24 -11.58 -11.45
C LYS A 346 -10.47 -13.08 -11.36
N VAL A 347 -11.54 -13.46 -10.67
CA VAL A 347 -11.99 -14.85 -10.65
C VAL A 347 -13.40 -14.89 -11.20
N ALA A 348 -13.96 -16.08 -11.32
CA ALA A 348 -15.30 -16.25 -11.84
C ALA A 348 -16.07 -17.25 -11.00
N LEU A 349 -16.69 -16.77 -9.93
CA LEU A 349 -17.31 -17.68 -8.96
C LEU A 349 -18.81 -17.40 -8.75
N PRO A 350 -19.68 -18.00 -9.59
CA PRO A 350 -21.14 -17.75 -9.55
C PRO A 350 -21.84 -17.98 -8.21
N SER A 351 -21.38 -18.97 -7.44
CA SER A 351 -22.01 -19.32 -6.18
C SER A 351 -21.40 -18.58 -4.99
N LEU A 352 -20.39 -17.76 -5.24
CA LEU A 352 -19.58 -17.20 -4.13
C LEU A 352 -20.35 -16.25 -3.24
N SER A 353 -20.47 -16.61 -1.96
CA SER A 353 -21.15 -15.77 -0.99
C SER A 353 -20.25 -15.31 0.14
N TYR A 354 -19.13 -16.00 0.34
CA TYR A 354 -18.22 -15.64 1.44
C TYR A 354 -16.77 -15.57 0.95
N LEU A 355 -16.16 -14.40 1.12
CA LEU A 355 -14.78 -14.17 0.64
C LEU A 355 -13.90 -13.51 1.71
N ASP A 356 -12.90 -14.24 2.19
CA ASP A 356 -11.96 -13.69 3.19
C ASP A 356 -10.56 -13.69 2.57
N LEU A 357 -10.02 -12.48 2.34
CA LEU A 357 -8.73 -12.29 1.66
C LEU A 357 -7.81 -11.45 2.54
N SER A 358 -7.92 -11.63 3.84
CA SER A 358 -7.20 -10.82 4.79
C SER A 358 -5.77 -11.30 5.06
N ARG A 359 -4.94 -10.37 5.55
CA ARG A 359 -3.62 -10.71 6.11
C ARG A 359 -2.63 -11.26 5.08
N ASN A 360 -2.72 -10.80 3.83
CA ASN A 360 -1.87 -11.28 2.73
C ASN A 360 -0.90 -10.25 2.13
N ALA A 361 -0.79 -9.07 2.75
CA ALA A 361 -0.24 -7.88 2.06
C ALA A 361 -0.76 -7.78 0.62
N LEU A 362 -2.08 -7.91 0.46
CA LEU A 362 -2.71 -8.03 -0.87
C LEU A 362 -2.80 -6.67 -1.56
N SER A 363 -2.50 -6.66 -2.86
CA SER A 363 -2.68 -5.47 -3.71
C SER A 363 -3.94 -5.71 -4.49
N PHE A 364 -4.67 -4.65 -4.75
CA PHE A 364 -5.97 -4.75 -5.40
C PHE A 364 -6.19 -3.45 -6.17
N SER A 365 -5.97 -3.52 -7.49
CA SER A 365 -6.18 -2.34 -8.33
C SER A 365 -7.50 -2.47 -9.05
N GLY A 366 -8.47 -1.67 -8.64
CA GLY A 366 -9.77 -1.68 -9.29
C GLY A 366 -10.82 -2.38 -8.46
N CYS A 367 -10.83 -2.06 -7.17
CA CYS A 367 -11.86 -2.52 -6.26
C CYS A 367 -13.08 -1.61 -6.38
N CYS A 368 -14.29 -2.18 -6.44
CA CYS A 368 -14.55 -3.61 -6.58
C CYS A 368 -15.92 -3.69 -7.22
N SER A 369 -16.12 -4.69 -8.09
CA SER A 369 -17.41 -4.87 -8.77
C SER A 369 -17.65 -6.33 -9.14
N TYR A 370 -18.79 -6.58 -9.78
CA TYR A 370 -19.15 -7.90 -10.28
C TYR A 370 -18.03 -8.54 -11.13
N SER A 371 -17.48 -7.79 -12.08
CA SER A 371 -16.48 -8.33 -13.02
C SER A 371 -15.19 -8.81 -12.34
N ASP A 372 -15.00 -8.48 -11.07
CA ASP A 372 -13.86 -8.95 -10.32
C ASP A 372 -14.08 -10.36 -9.78
N LEU A 373 -15.35 -10.67 -9.50
CA LEU A 373 -15.67 -11.89 -8.73
C LEU A 373 -16.61 -12.85 -9.41
N GLY A 374 -17.51 -12.31 -10.23
CA GLY A 374 -18.39 -13.11 -11.06
C GLY A 374 -19.51 -13.72 -10.24
N THR A 375 -19.83 -13.07 -9.13
CA THR A 375 -20.96 -13.46 -8.30
C THR A 375 -21.92 -12.28 -8.08
N ASN A 376 -23.17 -12.59 -7.77
CA ASN A 376 -24.16 -11.59 -7.38
C ASN A 376 -24.62 -11.80 -5.94
N SER A 377 -24.04 -12.80 -5.28
CA SER A 377 -24.54 -13.19 -3.96
C SER A 377 -23.56 -13.03 -2.79
N LEU A 378 -22.47 -12.30 -3.01
CA LEU A 378 -21.49 -12.01 -1.97
C LEU A 378 -22.15 -11.33 -0.79
N ARG A 379 -22.03 -11.93 0.38
CA ARG A 379 -22.55 -11.34 1.59
C ARG A 379 -21.44 -10.87 2.53
N HIS A 380 -20.24 -11.42 2.34
CA HIS A 380 -19.13 -11.19 3.27
C HIS A 380 -17.85 -10.99 2.51
N LEU A 381 -17.21 -9.85 2.74
CA LEU A 381 -15.96 -9.53 2.06
C LEU A 381 -15.00 -8.90 3.06
N ASP A 382 -13.92 -9.64 3.35
CA ASP A 382 -12.88 -9.17 4.26
C ASP A 382 -11.59 -8.94 3.45
N LEU A 383 -11.20 -7.68 3.36
CA LEU A 383 -9.97 -7.31 2.67
C LEU A 383 -8.94 -6.64 3.60
N SER A 384 -9.11 -6.86 4.91
CA SER A 384 -8.27 -6.27 5.95
C SER A 384 -6.83 -6.77 5.97
N PHE A 385 -5.97 -6.04 6.71
CA PHE A 385 -4.51 -6.30 6.82
C PHE A 385 -3.79 -6.56 5.49
N ASN A 386 -4.10 -5.74 4.49
CA ASN A 386 -3.51 -5.86 3.17
C ASN A 386 -2.71 -4.62 2.74
N GLY A 387 -2.37 -4.57 1.46
CA GLY A 387 -1.58 -3.46 0.88
C GLY A 387 -2.46 -2.36 0.36
N ALA A 388 -2.02 -1.71 -0.72
CA ALA A 388 -2.80 -0.67 -1.37
C ALA A 388 -4.00 -1.28 -2.05
N ILE A 389 -5.18 -0.79 -1.67
CA ILE A 389 -6.44 -1.15 -2.34
C ILE A 389 -6.95 0.13 -2.97
N ILE A 390 -6.88 0.20 -4.28
CA ILE A 390 -7.30 1.39 -4.99
C ILE A 390 -8.77 1.28 -5.38
N MET A 391 -9.61 2.13 -4.79
CA MET A 391 -11.04 2.13 -5.10
C MET A 391 -11.22 2.72 -6.49
N SER A 392 -11.92 1.98 -7.33
CA SER A 392 -12.13 2.35 -8.72
C SER A 392 -13.61 2.18 -9.06
N ALA A 393 -14.30 1.39 -8.24
CA ALA A 393 -15.67 0.97 -8.48
C ALA A 393 -16.40 0.86 -7.16
N ASN A 394 -17.65 1.31 -7.14
CA ASN A 394 -18.47 1.26 -5.94
C ASN A 394 -19.44 0.07 -5.85
N PHE A 395 -18.91 -1.14 -6.04
CA PHE A 395 -19.63 -2.39 -5.76
C PHE A 395 -20.89 -2.66 -6.59
N MET A 396 -20.88 -2.21 -7.84
CA MET A 396 -21.95 -2.57 -8.78
C MET A 396 -22.02 -4.08 -8.93
N GLY A 397 -23.18 -4.65 -8.62
CA GLY A 397 -23.45 -6.06 -8.82
C GLY A 397 -23.26 -6.86 -7.54
N LEU A 398 -22.71 -6.22 -6.52
CA LEU A 398 -22.39 -6.87 -5.25
C LEU A 398 -23.26 -6.27 -4.15
N GLU A 399 -24.50 -5.96 -4.47
CA GLU A 399 -25.38 -5.26 -3.52
C GLU A 399 -25.96 -6.13 -2.39
N GLU A 400 -25.75 -7.44 -2.45
CA GLU A 400 -26.14 -8.31 -1.33
C GLU A 400 -25.15 -8.16 -0.17
N LEU A 401 -24.05 -7.49 -0.42
CA LEU A 401 -22.95 -7.40 0.53
C LEU A 401 -23.46 -6.95 1.87
N GLN A 402 -23.13 -7.68 2.93
CA GLN A 402 -23.58 -7.27 4.26
C GLN A 402 -22.51 -7.07 5.31
N HIS A 403 -21.30 -7.54 4.99
CA HIS A 403 -20.15 -7.36 5.86
C HIS A 403 -18.93 -6.98 5.06
N LEU A 404 -18.36 -5.82 5.36
CA LEU A 404 -17.19 -5.31 4.61
C LEU A 404 -16.11 -4.82 5.56
N ASP A 405 -14.90 -5.36 5.40
CA ASP A 405 -13.79 -5.06 6.30
C ASP A 405 -12.51 -4.73 5.56
N PHE A 406 -12.03 -3.52 5.77
CA PHE A 406 -10.80 -3.00 5.14
C PHE A 406 -9.72 -2.63 6.16
N GLN A 407 -10.01 -2.85 7.44
CA GLN A 407 -9.14 -2.45 8.56
C GLN A 407 -7.65 -2.63 8.23
N HIS A 408 -6.83 -1.64 8.57
CA HIS A 408 -5.35 -1.66 8.44
C HIS A 408 -4.78 -1.77 7.04
N SER A 409 -5.63 -1.80 6.01
CA SER A 409 -5.18 -1.78 4.63
C SER A 409 -5.10 -0.33 4.17
N THR A 410 -4.35 -0.03 3.11
CA THR A 410 -4.35 1.34 2.57
C THR A 410 -5.44 1.50 1.51
N LEU A 411 -6.47 2.26 1.86
CA LEU A 411 -7.48 2.58 0.88
C LEU A 411 -7.03 3.83 0.17
N LYS A 412 -7.28 3.87 -1.13
CA LYS A 412 -6.88 4.96 -1.99
C LYS A 412 -8.10 5.35 -2.81
N ARG A 413 -8.24 6.65 -3.05
CA ARG A 413 -9.32 7.22 -3.89
C ARG A 413 -10.74 7.04 -3.34
N VAL A 414 -10.86 6.63 -2.08
CA VAL A 414 -12.16 6.40 -1.43
C VAL A 414 -12.96 7.69 -1.23
N THR A 415 -12.29 8.82 -1.17
CA THR A 415 -12.99 10.10 -0.99
C THR A 415 -13.26 10.79 -2.33
N GLU A 416 -12.84 10.19 -3.44
CA GLU A 416 -13.04 10.77 -4.77
C GLU A 416 -14.44 10.54 -5.34
N PHE A 417 -15.26 9.78 -4.63
CA PHE A 417 -16.65 9.54 -5.02
C PHE A 417 -17.36 8.77 -3.91
N SER A 418 -18.60 8.37 -4.17
CA SER A 418 -19.36 7.56 -3.24
C SER A 418 -18.99 6.09 -3.44
N ALA A 419 -17.97 5.62 -2.71
CA ALA A 419 -17.42 4.30 -2.94
C ALA A 419 -18.31 3.15 -2.46
N PHE A 420 -19.30 3.45 -1.63
CA PHE A 420 -20.15 2.41 -1.07
C PHE A 420 -21.60 2.55 -1.52
N LEU A 421 -21.82 3.34 -2.58
CA LEU A 421 -23.18 3.71 -3.01
C LEU A 421 -24.11 2.52 -3.23
N SER A 422 -23.65 1.45 -3.87
CA SER A 422 -24.56 0.34 -4.17
C SER A 422 -24.88 -0.57 -2.99
N LEU A 423 -24.31 -0.27 -1.84
CA LEU A 423 -24.38 -1.20 -0.71
C LEU A 423 -25.53 -0.92 0.26
N GLU A 424 -26.73 -0.85 -0.30
CA GLU A 424 -27.98 -0.62 0.42
C GLU A 424 -28.31 -1.66 1.50
N LYS A 425 -27.65 -2.82 1.46
CA LYS A 425 -27.90 -3.87 2.46
C LYS A 425 -26.82 -4.03 3.53
N LEU A 426 -25.77 -3.23 3.45
CA LEU A 426 -24.59 -3.40 4.32
C LEU A 426 -24.89 -3.17 5.80
N LEU A 427 -24.52 -4.13 6.64
CA LEU A 427 -24.73 -4.03 8.08
C LEU A 427 -23.47 -3.60 8.85
N TYR A 428 -22.30 -4.01 8.37
CA TYR A 428 -21.05 -3.85 9.09
C TYR A 428 -19.98 -3.30 8.17
N LEU A 429 -19.34 -2.20 8.58
CA LEU A 429 -18.27 -1.62 7.79
C LEU A 429 -17.14 -1.15 8.70
N ASP A 430 -15.94 -1.66 8.42
CA ASP A 430 -14.75 -1.30 9.17
C ASP A 430 -13.69 -0.75 8.20
N ILE A 431 -13.44 0.55 8.30
CA ILE A 431 -12.37 1.20 7.57
C ILE A 431 -11.35 1.82 8.52
N SER A 432 -11.27 1.28 9.72
CA SER A 432 -10.26 1.74 10.68
C SER A 432 -8.83 1.60 10.17
N TYR A 433 -7.99 2.57 10.51
CA TYR A 433 -6.54 2.55 10.22
C TYR A 433 -6.21 2.31 8.74
N THR A 434 -6.94 3.02 7.87
CA THR A 434 -6.74 2.91 6.43
C THR A 434 -6.11 4.16 5.81
N ASN A 435 -5.68 5.10 6.65
CA ASN A 435 -5.10 6.39 6.22
C ASN A 435 -5.96 7.15 5.22
N THR A 436 -7.25 7.18 5.54
CA THR A 436 -8.25 7.91 4.80
C THR A 436 -8.41 9.28 5.44
N LYS A 437 -8.38 10.32 4.61
CA LYS A 437 -8.63 11.68 5.04
C LYS A 437 -9.99 12.05 4.50
N ILE A 438 -11.00 12.06 5.38
CA ILE A 438 -12.38 12.35 4.97
C ILE A 438 -12.54 13.80 4.55
N ASP A 439 -12.76 14.04 3.26
CA ASP A 439 -13.02 15.41 2.78
C ASP A 439 -14.14 15.47 1.74
N PHE A 440 -15.11 14.58 1.85
CA PHE A 440 -16.28 14.55 0.98
C PHE A 440 -17.45 14.06 1.82
N ASP A 441 -18.44 14.94 1.98
CA ASP A 441 -19.62 14.68 2.81
C ASP A 441 -20.44 13.48 2.36
N GLY A 442 -20.26 13.07 1.11
CA GLY A 442 -21.05 11.97 0.57
C GLY A 442 -20.39 10.60 0.60
N ILE A 443 -19.28 10.49 1.35
CA ILE A 443 -18.53 9.23 1.49
C ILE A 443 -19.38 8.02 1.93
N PHE A 444 -20.44 8.25 2.71
CA PHE A 444 -21.27 7.14 3.19
C PHE A 444 -22.65 7.08 2.53
N LEU A 445 -22.86 7.88 1.50
CA LEU A 445 -24.06 7.78 0.66
C LEU A 445 -24.35 6.32 0.27
N GLY A 446 -25.62 5.92 0.36
CA GLY A 446 -26.03 4.56 0.01
C GLY A 446 -26.07 3.57 1.16
N LEU A 447 -25.46 3.91 2.29
CA LEU A 447 -25.35 2.97 3.42
C LEU A 447 -26.52 3.07 4.39
N THR A 448 -27.73 2.95 3.85
CA THR A 448 -28.97 3.18 4.61
C THR A 448 -29.37 2.02 5.54
N SER A 449 -28.70 0.87 5.43
CA SER A 449 -28.92 -0.25 6.35
C SER A 449 -27.80 -0.43 7.37
N LEU A 450 -26.73 0.34 7.24
CA LEU A 450 -25.54 0.22 8.11
C LEU A 450 -25.85 0.27 9.60
N ASN A 451 -25.38 -0.74 10.35
CA ASN A 451 -25.47 -0.78 11.81
C ASN A 451 -24.18 -0.41 12.52
N THR A 452 -23.04 -0.93 12.03
CA THR A 452 -21.74 -0.78 12.70
C THR A 452 -20.74 -0.07 11.79
N LEU A 453 -20.19 1.04 12.28
CA LEU A 453 -19.16 1.79 11.54
C LEU A 453 -17.94 2.04 12.42
N LYS A 454 -16.85 1.39 12.04
CA LYS A 454 -15.57 1.53 12.71
C LYS A 454 -14.62 2.27 11.78
N MET A 455 -14.32 3.52 12.11
CA MET A 455 -13.42 4.32 11.30
C MET A 455 -12.30 4.98 12.11
N ALA A 456 -11.86 4.29 13.17
CA ALA A 456 -10.74 4.76 13.99
C ALA A 456 -9.44 4.90 13.19
N GLY A 457 -8.63 5.89 13.57
CA GLY A 457 -7.28 6.06 13.02
C GLY A 457 -7.20 6.75 11.67
N ASN A 458 -8.23 7.52 11.33
CA ASN A 458 -8.21 8.31 10.09
C ASN A 458 -8.12 9.83 10.36
N SER A 459 -8.55 10.65 9.42
CA SER A 459 -8.60 12.09 9.68
C SER A 459 -9.67 12.78 8.83
N PHE A 460 -9.96 14.05 9.15
CA PHE A 460 -10.95 14.87 8.44
C PHE A 460 -10.30 16.16 7.99
N LYS A 461 -10.69 16.68 6.83
CA LYS A 461 -10.22 18.02 6.42
C LYS A 461 -10.38 19.00 7.58
N ASP A 462 -9.34 19.79 7.82
CA ASP A 462 -9.32 20.81 8.90
C ASP A 462 -9.59 20.26 10.30
N ASN A 463 -9.43 18.95 10.46
CA ASN A 463 -9.76 18.23 11.72
C ASN A 463 -11.13 18.52 12.34
N THR A 464 -12.11 18.83 11.49
CA THR A 464 -13.47 19.01 11.95
C THR A 464 -14.39 17.85 11.48
N LEU A 465 -15.07 17.22 12.42
CA LEU A 465 -16.11 16.22 12.14
C LEU A 465 -17.28 16.84 11.36
N SER A 466 -17.49 16.37 10.14
CA SER A 466 -18.43 16.97 9.20
C SER A 466 -19.71 16.15 9.02
N ASN A 467 -20.66 16.70 8.26
CA ASN A 467 -21.96 16.08 8.03
C ASN A 467 -21.89 14.86 7.10
N VAL A 468 -21.28 13.77 7.58
CA VAL A 468 -21.23 12.51 6.80
C VAL A 468 -22.22 11.42 7.25
N PHE A 469 -23.05 11.69 8.26
CA PHE A 469 -23.93 10.66 8.84
C PHE A 469 -25.42 10.86 8.57
N ALA A 470 -25.76 11.84 7.74
CA ALA A 470 -27.15 12.20 7.41
C ALA A 470 -28.02 11.05 6.86
N ASN A 471 -27.40 10.11 6.14
CA ASN A 471 -28.10 8.97 5.54
C ASN A 471 -27.94 7.63 6.25
N THR A 472 -27.00 7.55 7.20
CA THR A 472 -26.78 6.32 7.97
C THR A 472 -27.67 6.25 9.22
N THR A 473 -28.97 6.20 8.98
CA THR A 473 -29.99 6.23 10.04
C THR A 473 -29.91 5.06 11.02
N ASN A 474 -29.70 3.84 10.48
CA ASN A 474 -29.77 2.62 11.29
C ASN A 474 -28.51 2.28 12.08
N LEU A 475 -27.68 3.30 12.30
CA LEU A 475 -26.40 3.14 12.99
C LEU A 475 -26.59 2.96 14.50
N THR A 476 -26.14 1.81 15.02
CA THR A 476 -26.14 1.59 16.47
C THR A 476 -24.74 1.64 17.11
N PHE A 477 -23.71 1.58 16.28
CA PHE A 477 -22.32 1.54 16.74
C PHE A 477 -21.43 2.39 15.82
N LEU A 478 -20.76 3.39 16.39
CA LEU A 478 -19.89 4.27 15.62
C LEU A 478 -18.61 4.62 16.36
N ASP A 479 -17.47 4.31 15.74
CA ASP A 479 -16.15 4.47 16.34
C ASP A 479 -15.29 5.49 15.61
N LEU A 480 -15.00 6.61 16.26
CA LEU A 480 -14.23 7.72 15.70
C LEU A 480 -12.99 8.06 16.52
N SER A 481 -12.51 7.12 17.33
CA SER A 481 -11.26 7.32 18.08
C SER A 481 -10.06 7.56 17.16
N LYS A 482 -9.05 8.23 17.71
CA LYS A 482 -7.77 8.43 17.03
C LYS A 482 -7.91 9.05 15.65
N CYS A 483 -8.91 9.93 15.50
CA CYS A 483 -9.14 10.59 14.22
C CYS A 483 -8.62 12.01 14.17
N GLN A 484 -7.78 12.35 15.15
CA GLN A 484 -7.16 13.67 15.25
C GLN A 484 -8.16 14.82 15.26
N LEU A 485 -9.36 14.56 15.79
CA LEU A 485 -10.43 15.57 15.72
C LEU A 485 -10.19 16.70 16.68
N GLU A 486 -10.51 17.91 16.24
CA GLU A 486 -10.38 19.11 17.06
C GLU A 486 -11.71 19.84 17.21
N GLN A 487 -12.65 19.55 16.29
CA GLN A 487 -13.93 20.28 16.20
C GLN A 487 -15.07 19.39 15.69
N ILE A 488 -16.29 19.76 16.06
CA ILE A 488 -17.50 19.03 15.63
C ILE A 488 -18.54 19.97 15.00
N SER A 489 -18.87 19.74 13.73
CA SER A 489 -19.93 20.50 13.05
C SER A 489 -21.31 20.33 13.70
N TRP A 490 -22.23 21.24 13.38
CA TRP A 490 -23.46 21.40 14.14
C TRP A 490 -24.39 20.22 14.24
N GLY A 491 -25.01 19.84 13.12
CA GLY A 491 -26.08 18.83 13.20
C GLY A 491 -25.65 17.40 12.92
N VAL A 492 -24.34 17.16 13.05
CA VAL A 492 -23.67 15.92 12.63
C VAL A 492 -24.31 14.61 13.10
N PHE A 493 -24.89 14.59 14.30
CA PHE A 493 -25.52 13.36 14.85
C PHE A 493 -27.05 13.34 14.83
N ASP A 494 -27.68 14.44 14.43
CA ASP A 494 -29.14 14.60 14.58
C ASP A 494 -30.01 13.43 14.07
N THR A 495 -29.53 12.79 13.02
CA THR A 495 -30.21 11.68 12.35
C THR A 495 -30.04 10.33 13.07
N LEU A 496 -29.03 10.20 13.93
CA LEU A 496 -28.67 8.89 14.47
C LEU A 496 -29.54 8.48 15.64
N HIS A 497 -30.83 8.28 15.36
CA HIS A 497 -31.83 8.02 16.40
C HIS A 497 -31.65 6.70 17.09
N ARG A 498 -30.92 5.79 16.46
CA ARG A 498 -30.81 4.43 16.94
C ARG A 498 -29.44 4.14 17.57
N LEU A 499 -28.55 5.13 17.57
CA LEU A 499 -27.15 4.97 18.00
C LEU A 499 -26.99 4.62 19.48
N GLN A 500 -26.26 3.55 19.76
CA GLN A 500 -26.11 3.06 21.13
C GLN A 500 -24.73 3.32 21.73
N LEU A 501 -23.72 3.43 20.88
CA LEU A 501 -22.32 3.53 21.30
C LEU A 501 -21.59 4.52 20.41
N LEU A 502 -20.86 5.45 21.03
CA LEU A 502 -20.04 6.41 20.30
C LEU A 502 -18.65 6.55 20.94
N ASN A 503 -17.63 5.97 20.31
CA ASN A 503 -16.24 6.08 20.79
C ASN A 503 -15.64 7.27 20.06
N MET A 504 -15.40 8.36 20.78
CA MET A 504 -14.66 9.50 20.22
C MET A 504 -13.35 9.77 20.98
N SER A 505 -12.82 8.74 21.64
CA SER A 505 -11.63 8.86 22.48
C SER A 505 -10.35 9.15 21.69
N HIS A 506 -9.28 9.48 22.39
CA HIS A 506 -7.97 9.76 21.81
C HIS A 506 -8.02 10.70 20.64
N ASN A 507 -8.75 11.80 20.82
CA ASN A 507 -8.75 12.89 19.85
C ASN A 507 -8.16 14.13 20.50
N ASN A 508 -8.42 15.29 19.89
CA ASN A 508 -7.90 16.55 20.38
C ASN A 508 -9.02 17.56 20.64
N LEU A 509 -10.14 17.07 21.17
CA LEU A 509 -11.27 17.93 21.48
C LEU A 509 -10.96 18.84 22.67
N LEU A 510 -11.00 20.15 22.45
CA LEU A 510 -10.76 21.15 23.50
C LEU A 510 -11.89 21.18 24.55
N PHE A 511 -13.13 21.00 24.07
CA PHE A 511 -14.33 21.01 24.91
C PHE A 511 -15.45 20.23 24.23
N LEU A 512 -16.47 19.88 25.02
CA LEU A 512 -17.71 19.29 24.47
C LEU A 512 -18.78 20.35 24.23
N ASP A 513 -19.86 19.93 23.57
CA ASP A 513 -21.02 20.77 23.32
C ASP A 513 -22.29 19.91 23.31
N SER A 514 -23.18 20.21 24.24
CA SER A 514 -24.33 19.37 24.57
C SER A 514 -25.34 19.22 23.42
N SER A 515 -25.44 20.24 22.58
CA SER A 515 -26.37 20.22 21.44
C SER A 515 -26.05 19.13 20.39
N HIS A 516 -24.80 18.66 20.38
CA HIS A 516 -24.38 17.62 19.45
C HIS A 516 -25.02 16.29 19.75
N TYR A 517 -25.47 16.08 20.98
CA TYR A 517 -25.89 14.75 21.45
C TYR A 517 -27.38 14.65 21.77
N ASN A 518 -28.05 15.79 21.79
CA ASN A 518 -29.50 15.81 21.74
C ASN A 518 -29.88 15.20 20.40
N GLN A 519 -30.94 14.41 20.38
CA GLN A 519 -31.36 13.62 19.19
C GLN A 519 -30.76 12.20 19.22
N LEU A 520 -29.69 12.03 19.99
CA LEU A 520 -29.13 10.70 20.21
C LEU A 520 -29.92 10.04 21.34
N TYR A 521 -31.20 9.79 21.07
CA TYR A 521 -32.15 9.33 22.08
C TYR A 521 -31.81 7.96 22.65
N SER A 522 -31.02 7.18 21.92
CA SER A 522 -30.75 5.80 22.29
C SER A 522 -29.30 5.55 22.74
N LEU A 523 -28.56 6.63 22.99
CA LEU A 523 -27.14 6.55 23.37
C LEU A 523 -26.93 6.01 24.79
N SER A 524 -26.42 4.78 24.90
CA SER A 524 -26.04 4.23 26.20
C SER A 524 -24.60 4.59 26.61
N THR A 525 -23.67 4.55 25.64
CA THR A 525 -22.24 4.78 25.91
C THR A 525 -21.61 5.87 25.04
N LEU A 526 -21.08 6.89 25.70
CA LEU A 526 -20.33 7.96 25.05
C LEU A 526 -18.93 7.97 25.65
N ASP A 527 -17.91 7.91 24.79
CA ASP A 527 -16.53 7.79 25.23
C ASP A 527 -15.69 8.95 24.69
N CYS A 528 -15.33 9.87 25.58
CA CYS A 528 -14.56 11.06 25.21
C CYS A 528 -13.20 11.15 25.90
N SER A 529 -12.72 10.02 26.41
CA SER A 529 -11.44 9.96 27.12
C SER A 529 -10.25 10.35 26.23
N PHE A 530 -9.14 10.68 26.88
CA PHE A 530 -7.87 10.99 26.21
C PHE A 530 -7.97 12.09 25.16
N ASN A 531 -8.83 13.06 25.43
CA ASN A 531 -8.93 14.28 24.66
C ASN A 531 -8.21 15.40 25.40
N ARG A 532 -8.44 16.64 24.98
CA ARG A 532 -7.98 17.78 25.75
C ARG A 532 -9.18 18.56 26.31
N ILE A 533 -10.21 17.83 26.73
CA ILE A 533 -11.47 18.45 27.11
C ILE A 533 -11.34 19.21 28.43
N GLU A 534 -11.61 20.50 28.37
CA GLU A 534 -11.62 21.34 29.55
C GLU A 534 -13.00 21.31 30.21
N THR A 535 -14.04 21.67 29.44
CA THR A 535 -15.41 21.71 29.96
C THR A 535 -16.47 21.41 28.89
N SER A 536 -17.71 21.22 29.32
CA SER A 536 -18.82 21.08 28.38
C SER A 536 -19.73 22.32 28.42
N LYS A 537 -20.20 22.72 27.24
CA LYS A 537 -21.10 23.87 27.11
C LYS A 537 -22.34 23.52 26.29
N GLY A 538 -23.36 24.37 26.33
CA GLY A 538 -24.57 24.19 25.53
C GLY A 538 -25.77 23.50 26.18
N ILE A 539 -26.00 23.75 27.47
CA ILE A 539 -27.21 23.30 28.20
C ILE A 539 -27.26 21.79 28.44
N LEU A 540 -27.00 21.40 29.69
CA LEU A 540 -26.73 20.01 30.07
C LEU A 540 -27.94 19.07 30.13
N GLN A 541 -29.13 19.64 29.97
CA GLN A 541 -30.38 18.85 29.89
C GLN A 541 -30.45 18.01 28.61
N HIS A 542 -29.73 18.47 27.58
CA HIS A 542 -29.77 17.87 26.25
C HIS A 542 -29.02 16.58 26.12
N PHE A 543 -28.16 16.28 27.10
CA PHE A 543 -27.51 14.97 27.13
C PHE A 543 -28.58 13.89 27.25
N PRO A 544 -28.47 12.83 26.44
CA PRO A 544 -29.50 11.78 26.34
C PRO A 544 -29.92 11.20 27.69
N LYS A 545 -31.20 10.87 27.82
CA LYS A 545 -31.71 10.28 29.05
C LYS A 545 -31.29 8.81 29.17
N SER A 546 -30.88 8.23 28.04
CA SER A 546 -30.47 6.81 27.98
C SER A 546 -28.99 6.61 28.31
N LEU A 547 -28.27 7.69 28.58
CA LEU A 547 -26.82 7.69 28.75
C LEU A 547 -26.34 7.01 30.05
N ALA A 548 -25.90 5.77 29.92
CA ALA A 548 -25.47 4.96 31.08
C ALA A 548 -23.97 5.02 31.42
N PHE A 549 -23.11 5.17 30.40
CA PHE A 549 -21.65 5.17 30.59
C PHE A 549 -20.92 6.29 29.85
N PHE A 550 -20.53 7.34 30.57
CA PHE A 550 -19.91 8.50 29.96
C PHE A 550 -18.45 8.57 30.40
N ASN A 551 -17.54 8.38 29.46
CA ASN A 551 -16.13 8.34 29.81
C ASN A 551 -15.40 9.65 29.57
N LEU A 552 -15.06 10.33 30.66
CA LEU A 552 -14.32 11.59 30.58
C LEU A 552 -12.93 11.50 31.22
N THR A 553 -12.43 10.27 31.40
CA THR A 553 -11.11 10.04 31.98
C THR A 553 -9.99 10.63 31.14
N ASN A 554 -8.80 10.74 31.73
CA ASN A 554 -7.59 11.21 31.04
C ASN A 554 -7.82 12.43 30.14
N ASN A 555 -8.48 13.43 30.72
CA ASN A 555 -8.73 14.71 30.06
C ASN A 555 -8.01 15.82 30.81
N SER A 556 -8.16 17.06 30.32
CA SER A 556 -7.53 18.21 30.97
C SER A 556 -8.55 19.25 31.46
N VAL A 557 -9.33 18.86 32.47
CA VAL A 557 -10.35 19.73 33.06
C VAL A 557 -9.72 20.88 33.87
N ALA A 558 -10.05 22.12 33.47
CA ALA A 558 -9.67 23.30 34.24
C ALA A 558 -10.64 23.53 35.41
N CYS A 559 -10.20 23.13 36.60
CA CYS A 559 -10.99 23.24 37.83
C CYS A 559 -10.99 24.66 38.39
N ILE A 560 -12.13 25.35 38.27
CA ILE A 560 -12.30 26.69 38.86
C ILE A 560 -13.73 26.92 39.41
N CYS A 561 -14.42 27.90 38.82
CA CYS A 561 -15.77 28.29 39.18
C CYS A 561 -16.43 28.96 37.97
N GLU A 562 -15.64 29.21 36.92
CA GLU A 562 -16.14 29.84 35.68
C GLU A 562 -16.92 28.87 34.79
N HIS A 563 -16.69 27.57 34.95
CA HIS A 563 -17.50 26.55 34.28
C HIS A 563 -18.16 25.66 35.31
N GLN A 564 -18.68 26.28 36.38
CA GLN A 564 -19.21 25.56 37.54
C GLN A 564 -20.51 24.80 37.28
N LYS A 565 -21.18 25.14 36.17
CA LYS A 565 -22.42 24.49 35.76
C LYS A 565 -22.20 23.01 35.47
N PHE A 566 -21.14 22.71 34.73
CA PHE A 566 -20.81 21.34 34.36
C PHE A 566 -20.36 20.51 35.56
N LEU A 567 -19.56 21.12 36.42
CA LEU A 567 -19.06 20.47 37.65
C LEU A 567 -20.18 20.07 38.61
N GLN A 568 -21.38 20.63 38.41
CA GLN A 568 -22.55 20.30 39.21
C GLN A 568 -23.34 19.10 38.66
N TRP A 569 -23.01 18.68 37.45
CA TRP A 569 -23.74 17.59 36.78
C TRP A 569 -23.27 16.23 37.23
N VAL A 570 -22.27 16.21 38.10
CA VAL A 570 -21.65 14.99 38.59
C VAL A 570 -22.49 14.30 39.69
N LYS A 571 -23.26 15.09 40.44
CA LYS A 571 -24.04 14.58 41.57
C LYS A 571 -25.13 13.56 41.22
N GLU A 572 -26.22 14.04 40.61
CA GLU A 572 -27.34 13.17 40.23
C GLU A 572 -26.94 12.23 39.09
N GLN A 573 -25.99 12.68 38.27
CA GLN A 573 -25.42 11.87 37.21
C GLN A 573 -24.07 11.34 37.70
N LYS A 574 -24.14 10.36 38.59
CA LYS A 574 -22.97 9.80 39.27
C LYS A 574 -22.75 8.36 38.84
N GLN A 575 -23.81 7.56 38.86
CA GLN A 575 -23.76 6.17 38.39
C GLN A 575 -23.63 6.12 36.87
N PHE A 576 -23.82 7.26 36.23
CA PHE A 576 -23.80 7.36 34.77
C PHE A 576 -22.40 7.64 34.21
N LEU A 577 -21.64 8.50 34.88
CA LEU A 577 -20.22 8.67 34.54
C LEU A 577 -19.42 7.47 35.03
N VAL A 578 -18.40 7.11 34.26
CA VAL A 578 -17.53 5.98 34.61
C VAL A 578 -16.29 6.52 35.31
N ASN A 579 -15.72 5.71 36.21
CA ASN A 579 -14.58 6.13 37.06
C ASN A 579 -14.75 7.52 37.63
N VAL A 580 -15.89 7.74 38.27
CA VAL A 580 -16.31 9.03 38.79
C VAL A 580 -15.32 9.57 39.83
N GLU A 581 -15.12 8.79 40.89
CA GLU A 581 -14.34 9.21 42.05
C GLU A 581 -12.83 9.08 41.87
N GLN A 582 -12.40 8.86 40.63
CA GLN A 582 -10.99 8.70 40.30
C GLN A 582 -10.45 9.86 39.45
N MET A 583 -11.35 10.65 38.90
CA MET A 583 -11.01 11.80 38.04
C MET A 583 -10.27 12.89 38.79
N THR A 584 -9.30 13.51 38.13
CA THR A 584 -8.54 14.61 38.73
C THR A 584 -8.50 15.86 37.86
N CYS A 585 -8.54 17.03 38.50
CA CYS A 585 -8.38 18.32 37.82
C CYS A 585 -6.97 18.43 37.26
N ALA A 586 -6.74 19.40 36.38
CA ALA A 586 -5.41 19.62 35.80
C ALA A 586 -5.00 21.09 35.88
N GLN B 5 24.97 -18.08 33.52
CA GLN B 5 24.97 -18.39 32.05
C GLN B 5 24.73 -19.88 31.79
N GLN B 6 23.68 -20.17 31.01
CA GLN B 6 23.28 -21.56 30.76
C GLN B 6 23.96 -22.20 29.56
N TRP B 7 24.43 -21.39 28.61
CA TRP B 7 24.95 -21.92 27.36
C TRP B 7 25.53 -20.85 26.51
N PHE B 8 26.52 -21.23 25.69
CA PHE B 8 27.14 -20.33 24.73
C PHE B 8 27.76 -21.13 23.59
N CYS B 9 27.86 -20.49 22.43
CA CYS B 9 28.65 -21.01 21.32
C CYS B 9 29.28 -19.84 20.61
N ASN B 10 30.41 -20.09 19.97
CA ASN B 10 31.04 -19.08 19.17
C ASN B 10 30.92 -19.48 17.72
N SER B 11 30.75 -18.47 16.88
CA SER B 11 30.55 -18.63 15.46
C SER B 11 31.60 -17.75 14.81
N SER B 12 31.72 -17.83 13.48
CA SER B 12 32.72 -17.01 12.78
C SER B 12 32.43 -15.51 12.84
N ASP B 13 31.23 -15.11 13.26
CA ASP B 13 30.86 -13.69 13.29
C ASP B 13 30.06 -13.26 14.53
N ALA B 14 29.75 -14.22 15.40
CA ALA B 14 28.97 -13.93 16.59
C ALA B 14 29.39 -14.87 17.71
N ILE B 15 29.34 -14.36 18.94
CA ILE B 15 29.35 -15.24 20.09
C ILE B 15 28.00 -15.10 20.78
N ILE B 16 27.29 -16.22 20.88
CA ILE B 16 25.94 -16.21 21.43
C ILE B 16 25.90 -16.94 22.76
N SER B 17 25.27 -16.31 23.76
CA SER B 17 25.04 -16.94 25.05
C SER B 17 23.62 -16.64 25.57
N TYR B 18 23.13 -17.48 26.48
CA TYR B 18 21.90 -17.13 27.18
C TYR B 18 21.91 -17.52 28.66
N SER B 19 21.12 -16.78 29.43
CA SER B 19 20.84 -17.05 30.83
C SER B 19 19.32 -17.00 31.01
N TYR B 20 18.82 -17.41 32.17
CA TYR B 20 17.40 -17.27 32.45
C TYR B 20 17.07 -15.82 32.80
N CYS B 21 15.87 -15.37 32.40
CA CYS B 21 15.39 -14.04 32.80
C CYS B 21 15.41 -13.96 34.33
N ASP B 22 15.58 -12.74 34.83
CA ASP B 22 15.73 -12.51 36.26
C ASP B 22 14.58 -13.07 37.10
N HIS B 23 13.35 -12.79 36.67
CA HIS B 23 12.16 -13.06 37.47
C HIS B 23 11.26 -14.14 36.91
N LEU B 24 11.83 -15.02 36.08
CA LEU B 24 11.13 -16.19 35.57
C LEU B 24 12.13 -17.24 35.10
N LYS B 25 12.18 -18.35 35.83
CA LYS B 25 13.28 -19.32 35.70
C LYS B 25 12.84 -20.78 35.48
N PHE B 26 11.71 -20.98 34.81
CA PHE B 26 11.28 -22.31 34.39
C PHE B 26 12.29 -22.89 33.40
N PRO B 27 12.73 -24.14 33.63
CA PRO B 27 13.90 -24.68 32.92
C PRO B 27 13.65 -25.13 31.48
N ILE B 28 14.64 -24.87 30.63
CA ILE B 28 14.68 -25.28 29.23
C ILE B 28 16.13 -25.43 28.84
N SER B 29 16.47 -26.54 28.21
CA SER B 29 17.78 -26.62 27.56
C SER B 29 17.54 -26.38 26.08
N ILE B 30 18.05 -25.24 25.60
CA ILE B 30 17.97 -24.93 24.19
C ILE B 30 19.37 -24.69 23.64
N SER B 31 19.61 -25.24 22.45
CA SER B 31 20.92 -25.18 21.79
C SER B 31 20.75 -25.26 20.27
N SER B 32 21.75 -24.82 19.53
CA SER B 32 21.71 -24.84 18.07
C SER B 32 22.90 -25.55 17.48
N GLU B 33 22.67 -26.27 16.40
CA GLU B 33 23.71 -26.95 15.64
C GLU B 33 23.50 -26.53 14.19
N PRO B 34 24.50 -25.85 13.60
CA PRO B 34 25.70 -25.34 14.25
C PRO B 34 25.42 -24.02 14.98
N CYS B 35 26.47 -23.37 15.49
CA CYS B 35 26.34 -22.04 16.09
C CYS B 35 25.95 -21.02 15.01
N ILE B 36 25.02 -20.14 15.32
CA ILE B 36 24.48 -19.21 14.32
C ILE B 36 25.53 -18.21 13.82
N ARG B 37 25.74 -18.22 12.51
CA ARG B 37 26.49 -17.21 11.79
C ARG B 37 25.48 -16.20 11.27
N LEU B 38 25.45 -15.02 11.87
CA LEU B 38 24.46 -13.98 11.51
C LEU B 38 24.37 -13.68 10.03
N ARG B 39 25.44 -13.95 9.30
CA ARG B 39 25.39 -13.71 7.86
C ARG B 39 24.71 -14.83 7.08
N GLY B 40 24.24 -15.87 7.77
CA GLY B 40 23.49 -16.95 7.15
C GLY B 40 23.77 -18.31 7.74
N THR B 41 22.73 -19.06 8.10
CA THR B 41 22.91 -20.37 8.72
C THR B 41 21.80 -21.37 8.36
N ASN B 42 22.22 -22.62 8.07
CA ASN B 42 21.34 -23.77 7.91
C ASN B 42 21.58 -24.69 9.08
N GLY B 43 20.54 -25.19 9.71
CA GLY B 43 20.76 -26.08 10.85
C GLY B 43 19.53 -26.46 11.64
N PHE B 44 19.73 -26.66 12.94
CA PHE B 44 18.69 -27.17 13.82
C PHE B 44 18.72 -26.48 15.17
N VAL B 45 17.55 -26.26 15.76
CA VAL B 45 17.46 -25.77 17.13
C VAL B 45 17.00 -26.94 17.99
N HIS B 46 17.87 -27.40 18.90
CA HIS B 46 17.57 -28.52 19.76
C HIS B 46 16.91 -28.02 21.00
N VAL B 47 15.77 -28.63 21.34
CA VAL B 47 14.93 -28.17 22.44
C VAL B 47 14.48 -29.35 23.24
N GLU B 48 14.76 -29.30 24.54
CA GLU B 48 14.45 -30.38 25.44
C GLU B 48 13.96 -29.73 26.73
N PHE B 49 12.66 -29.84 26.98
CA PHE B 49 12.08 -29.33 28.23
C PHE B 49 10.72 -29.94 28.53
N ILE B 50 10.14 -29.47 29.63
CA ILE B 50 8.80 -29.83 30.03
C ILE B 50 8.01 -28.55 30.31
N PRO B 51 7.14 -28.16 29.37
CA PRO B 51 6.47 -26.86 29.40
C PRO B 51 5.47 -26.74 30.54
N ARG B 52 5.40 -25.55 31.13
CA ARG B 52 4.55 -25.30 32.28
C ARG B 52 3.16 -24.85 31.85
N GLY B 53 2.90 -24.99 30.55
CA GLY B 53 1.59 -24.74 29.96
C GLY B 53 1.47 -25.37 28.58
N ASN B 54 0.23 -25.49 28.10
CA ASN B 54 -0.02 -25.98 26.75
C ASN B 54 0.70 -25.15 25.67
N LEU B 55 1.11 -25.80 24.60
CA LEU B 55 1.88 -25.17 23.52
C LEU B 55 1.05 -24.83 22.26
N LYS B 56 -0.23 -25.16 22.30
CA LYS B 56 -1.17 -24.94 21.18
C LYS B 56 -1.07 -23.56 20.51
N TYR B 57 -0.90 -22.52 21.32
CA TYR B 57 -0.83 -21.13 20.86
C TYR B 57 0.44 -20.43 21.31
N LEU B 58 1.57 -21.12 21.20
CA LEU B 58 2.83 -20.56 21.63
C LEU B 58 3.26 -19.41 20.74
N TYR B 59 3.50 -18.25 21.35
CA TYR B 59 4.26 -17.21 20.66
C TYR B 59 5.34 -16.63 21.56
N PHE B 60 6.20 -15.82 20.96
CA PHE B 60 7.30 -15.16 21.64
C PHE B 60 7.18 -13.65 21.58
N ASN B 61 7.39 -13.01 22.73
CA ASN B 61 7.74 -11.61 22.74
C ASN B 61 9.24 -11.50 22.80
N LEU B 62 9.80 -10.75 21.86
CA LEU B 62 11.24 -10.50 21.81
C LEU B 62 11.47 -9.01 22.04
N PHE B 63 12.31 -8.73 23.04
CA PHE B 63 12.72 -7.38 23.38
C PHE B 63 14.20 -7.31 23.07
N ILE B 64 14.54 -6.56 22.02
CA ILE B 64 15.88 -6.55 21.48
C ILE B 64 16.49 -5.16 21.62
N SER B 65 17.81 -5.15 21.86
CA SER B 65 18.58 -3.93 22.07
C SER B 65 19.90 -4.02 21.32
N VAL B 66 20.26 -2.96 20.62
CA VAL B 66 21.53 -2.88 19.90
C VAL B 66 22.31 -1.73 20.49
N ASN B 67 23.45 -2.05 21.10
CA ASN B 67 24.25 -1.05 21.83
C ASN B 67 23.39 -0.06 22.64
N SER B 68 22.48 -0.63 23.43
CA SER B 68 21.54 0.11 24.29
C SER B 68 20.43 0.89 23.56
N ILE B 69 20.31 0.69 22.24
CA ILE B 69 19.20 1.25 21.47
C ILE B 69 18.17 0.14 21.29
N GLU B 70 16.98 0.29 21.87
CA GLU B 70 16.02 -0.80 21.80
C GLU B 70 15.01 -0.73 20.65
N LEU B 71 14.69 -1.92 20.14
CA LEU B 71 13.70 -2.09 19.10
C LEU B 71 12.32 -2.19 19.72
N PRO B 72 11.28 -1.85 18.96
CA PRO B 72 9.93 -2.14 19.40
C PRO B 72 9.77 -3.65 19.63
N LYS B 73 9.07 -4.02 20.69
CA LYS B 73 8.72 -5.41 20.98
C LYS B 73 8.31 -6.12 19.70
N ARG B 74 8.96 -7.25 19.45
CA ARG B 74 8.70 -8.04 18.25
C ARG B 74 7.97 -9.30 18.70
N LYS B 75 6.88 -9.64 18.02
CA LYS B 75 6.07 -10.80 18.38
C LYS B 75 6.20 -11.92 17.34
N GLU B 76 6.81 -13.04 17.72
CA GLU B 76 6.89 -14.20 16.81
C GLU B 76 5.91 -15.34 17.19
N VAL B 77 4.90 -15.55 16.34
CA VAL B 77 4.02 -16.70 16.48
C VAL B 77 4.64 -17.96 15.89
N LEU B 78 4.58 -19.06 16.63
CA LEU B 78 5.15 -20.35 16.19
C LEU B 78 4.08 -21.42 16.05
N CYS B 79 3.05 -21.33 16.89
CA CYS B 79 1.92 -22.22 16.85
C CYS B 79 0.68 -21.33 16.79
N HIS B 80 -0.09 -21.43 15.72
CA HIS B 80 -1.27 -20.60 15.55
C HIS B 80 -2.51 -21.20 16.18
N GLY B 81 -2.47 -22.51 16.42
CA GLY B 81 -3.59 -23.21 17.06
C GLY B 81 -4.38 -24.11 16.13
N HIS B 82 -3.92 -24.27 14.90
CA HIS B 82 -4.68 -24.94 13.86
C HIS B 82 -3.72 -25.47 12.84
N ASP B 83 -3.82 -26.76 12.53
CA ASP B 83 -2.97 -27.38 11.51
C ASP B 83 -1.54 -26.81 11.50
N ASP B 84 -0.90 -26.76 12.66
CA ASP B 84 0.43 -26.19 12.78
C ASP B 84 1.54 -27.11 12.23
N ASP B 85 2.67 -26.49 11.93
CA ASP B 85 3.77 -27.11 11.20
C ASP B 85 4.68 -27.96 12.10
N TYR B 86 4.75 -27.62 13.38
CA TYR B 86 5.64 -28.29 14.30
C TYR B 86 4.91 -29.24 15.26
N SER B 87 5.48 -30.42 15.43
CA SER B 87 4.93 -31.45 16.30
C SER B 87 4.74 -31.00 17.74
N PHE B 88 5.63 -30.14 18.23
CA PHE B 88 5.56 -29.78 19.64
C PHE B 88 4.34 -28.92 19.99
N CYS B 89 3.73 -28.30 18.98
CA CYS B 89 2.56 -27.46 19.19
C CYS B 89 1.48 -28.20 19.96
N ARG B 90 1.41 -29.52 19.77
CA ARG B 90 0.40 -30.36 20.42
C ARG B 90 0.77 -30.84 21.84
N ALA B 91 1.99 -30.53 22.27
CA ALA B 91 2.47 -30.88 23.62
C ALA B 91 1.69 -30.16 24.73
N LEU B 92 1.22 -30.94 25.71
CA LEU B 92 0.43 -30.40 26.81
C LEU B 92 1.35 -29.99 27.96
N LYS B 93 0.77 -29.27 28.92
CA LYS B 93 1.48 -28.95 30.15
C LYS B 93 1.98 -30.24 30.78
N GLY B 94 3.27 -30.28 31.11
CA GLY B 94 3.81 -31.39 31.89
C GLY B 94 4.32 -32.51 31.01
N GLU B 95 4.14 -32.37 29.72
CA GLU B 95 4.57 -33.41 28.78
C GLU B 95 6.04 -33.19 28.41
N THR B 96 6.76 -34.28 28.20
CA THR B 96 8.16 -34.22 27.77
C THR B 96 8.26 -33.83 26.30
N VAL B 97 8.92 -32.71 26.05
CA VAL B 97 9.19 -32.23 24.70
C VAL B 97 10.68 -32.40 24.42
N ASN B 98 10.98 -33.10 23.32
CA ASN B 98 12.34 -33.30 22.87
C ASN B 98 12.32 -33.31 21.36
N THR B 99 12.75 -32.20 20.77
CA THR B 99 12.59 -32.02 19.35
C THR B 99 13.71 -31.14 18.80
N SER B 100 13.97 -31.31 17.51
CA SER B 100 14.95 -30.47 16.84
C SER B 100 14.32 -29.84 15.62
N ILE B 101 14.36 -28.51 15.62
CA ILE B 101 13.64 -27.67 14.70
C ILE B 101 14.59 -27.13 13.65
N PRO B 102 14.32 -27.45 12.37
CA PRO B 102 15.15 -26.87 11.30
C PRO B 102 14.95 -25.37 11.22
N PHE B 103 15.99 -24.66 10.78
CA PHE B 103 15.91 -23.24 10.49
C PHE B 103 16.89 -22.92 9.38
N SER B 104 16.66 -21.79 8.72
CA SER B 104 17.45 -21.35 7.60
C SER B 104 17.22 -19.85 7.37
N PHE B 105 18.29 -19.13 7.07
CA PHE B 105 18.20 -17.71 6.74
C PHE B 105 19.48 -17.21 6.10
N GLU B 106 19.33 -16.18 5.27
CA GLU B 106 20.44 -15.62 4.49
C GLU B 106 21.26 -14.54 5.17
N GLY B 107 20.63 -13.66 5.95
CA GLY B 107 21.41 -12.68 6.71
C GLY B 107 21.35 -11.26 6.19
N ILE B 108 20.78 -10.38 7.01
CA ILE B 108 20.66 -8.95 6.71
C ILE B 108 21.98 -8.29 7.18
N LEU B 109 22.23 -7.02 6.85
CA LEU B 109 23.35 -6.32 7.49
C LEU B 109 22.96 -5.96 8.92
N PHE B 110 23.72 -6.45 9.89
CA PHE B 110 23.55 -6.08 11.29
C PHE B 110 24.68 -5.18 11.75
N PRO B 111 24.37 -4.15 12.54
CA PRO B 111 25.45 -3.54 13.33
C PRO B 111 25.84 -4.62 14.35
N LYS B 112 26.92 -4.53 15.11
CA LYS B 112 27.91 -3.51 15.25
C LYS B 112 28.69 -4.18 16.37
N GLY B 113 28.08 -4.21 17.56
CA GLY B 113 28.67 -4.85 18.73
C GLY B 113 27.74 -5.68 19.61
N HIS B 114 27.07 -5.02 20.57
CA HIS B 114 26.46 -5.73 21.71
C HIS B 114 24.95 -5.81 21.67
N TYR B 115 24.43 -7.04 21.57
CA TYR B 115 22.99 -7.29 21.53
C TYR B 115 22.44 -7.92 22.79
N ARG B 116 21.35 -7.34 23.27
CA ARG B 116 20.53 -7.94 24.31
C ARG B 116 19.18 -8.36 23.70
N CYS B 117 18.77 -9.58 23.99
CA CYS B 117 17.45 -10.07 23.57
C CYS B 117 16.83 -10.92 24.67
N VAL B 118 15.79 -10.40 25.32
CA VAL B 118 14.98 -11.25 26.18
C VAL B 118 13.82 -11.84 25.37
N ALA B 119 13.68 -13.15 25.48
CA ALA B 119 12.68 -13.89 24.73
C ALA B 119 11.69 -14.49 25.71
N GLU B 120 10.46 -13.98 25.68
CA GLU B 120 9.39 -14.52 26.51
C GLU B 120 8.51 -15.46 25.70
N ALA B 121 8.46 -16.71 26.11
CA ALA B 121 7.59 -17.71 25.53
C ALA B 121 6.25 -17.62 26.22
N ILE B 122 5.16 -17.55 25.44
CA ILE B 122 3.82 -17.33 26.03
C ILE B 122 2.76 -18.23 25.41
N ALA B 123 1.97 -18.87 26.27
CA ALA B 123 0.82 -19.67 25.85
C ALA B 123 -0.32 -18.72 25.52
N GLY B 124 -0.63 -18.58 24.24
CA GLY B 124 -1.58 -17.58 23.76
C GLY B 124 -3.00 -17.73 24.26
N ASP B 125 -3.37 -18.94 24.67
CA ASP B 125 -4.72 -19.20 25.19
C ASP B 125 -4.96 -18.62 26.58
N THR B 126 -3.92 -18.62 27.42
CA THR B 126 -4.04 -18.16 28.80
C THR B 126 -3.26 -16.88 29.09
N GLU B 127 -2.42 -16.48 28.13
CA GLU B 127 -1.48 -15.37 28.29
C GLU B 127 -0.46 -15.58 29.43
N GLU B 128 -0.33 -16.83 29.88
CA GLU B 128 0.67 -17.16 30.90
C GLU B 128 2.06 -17.26 30.29
N LYS B 129 3.03 -16.63 30.94
CA LYS B 129 4.41 -16.76 30.53
C LYS B 129 4.90 -18.14 30.89
N LEU B 130 5.51 -18.79 29.91
CA LEU B 130 5.94 -20.19 29.95
C LEU B 130 7.39 -20.30 30.42
N PHE B 131 8.28 -19.56 29.77
CA PHE B 131 9.68 -19.45 30.15
C PHE B 131 10.27 -18.18 29.55
N CYS B 132 11.42 -17.74 30.06
CA CYS B 132 12.03 -16.48 29.64
C CYS B 132 13.54 -16.58 29.59
N LEU B 133 14.11 -16.33 28.40
CA LEU B 133 15.56 -16.43 28.22
C LEU B 133 16.21 -15.09 27.92
N ASN B 134 17.27 -14.78 28.67
CA ASN B 134 18.05 -13.57 28.45
C ASN B 134 19.27 -13.86 27.58
N PHE B 135 19.19 -13.45 26.31
CA PHE B 135 20.23 -13.68 25.32
C PHE B 135 21.20 -12.52 25.17
N THR B 136 22.46 -12.86 24.94
CA THR B 136 23.51 -11.88 24.66
C THR B 136 24.24 -12.29 23.38
N ILE B 137 24.29 -11.37 22.42
CA ILE B 137 24.96 -11.61 21.16
C ILE B 137 26.02 -10.54 20.93
N ILE B 138 27.25 -10.96 20.70
CA ILE B 138 28.34 -10.07 20.32
C ILE B 138 28.67 -10.39 18.87
N HIS B 139 28.50 -9.39 18.01
CA HIS B 139 28.65 -9.57 16.57
C HIS B 139 29.88 -8.87 16.06
N PRO C 6 -4.68 51.43 -20.82
CA PRO C 6 -3.70 50.96 -19.84
C PRO C 6 -3.53 49.43 -19.88
N CYS C 7 -2.32 48.97 -19.61
CA CYS C 7 -1.99 47.54 -19.64
C CYS C 7 -1.60 47.01 -18.27
N ILE C 8 -2.01 45.78 -18.00
CA ILE C 8 -1.73 45.11 -16.72
C ILE C 8 -0.22 44.86 -16.54
N GLU C 9 0.36 45.51 -15.53
CA GLU C 9 1.81 45.47 -15.28
C GLU C 9 2.18 44.47 -14.18
N VAL C 10 2.71 43.33 -14.60
CA VAL C 10 3.14 42.29 -13.66
C VAL C 10 4.48 42.61 -12.99
N VAL C 11 5.36 43.28 -13.72
CA VAL C 11 6.68 43.65 -13.22
C VAL C 11 6.99 45.13 -13.49
N PRO C 12 7.40 45.88 -12.46
CA PRO C 12 7.78 47.29 -12.53
C PRO C 12 8.88 47.61 -13.55
N ASN C 13 8.48 48.18 -14.68
CA ASN C 13 9.37 48.62 -15.76
C ASN C 13 10.18 47.53 -16.51
N ILE C 14 9.66 46.30 -16.51
CA ILE C 14 10.27 45.21 -17.29
C ILE C 14 9.26 44.45 -18.14
N THR C 15 8.16 44.03 -17.51
CA THR C 15 7.17 43.15 -18.16
C THR C 15 5.76 43.75 -18.14
N TYR C 16 5.07 43.66 -19.27
CA TYR C 16 3.72 44.21 -19.41
C TYR C 16 2.75 43.26 -20.12
N GLN C 17 1.61 43.03 -19.49
CA GLN C 17 0.53 42.22 -20.05
C GLN C 17 -0.49 43.12 -20.74
N CYS C 18 -0.69 42.90 -22.04
CA CYS C 18 -1.61 43.70 -22.84
C CYS C 18 -2.66 42.84 -23.55
N MET C 19 -3.13 41.80 -22.89
CA MET C 19 -4.04 40.84 -23.53
C MET C 19 -5.47 41.37 -23.61
N ASP C 20 -6.12 41.11 -24.75
CA ASP C 20 -7.52 41.45 -24.96
C ASP C 20 -7.86 42.91 -24.57
N GLN C 21 -6.86 43.78 -24.60
CA GLN C 21 -6.99 45.17 -24.17
C GLN C 21 -7.45 46.14 -25.26
N LYS C 22 -8.15 45.63 -26.26
CA LYS C 22 -8.73 46.46 -27.33
C LYS C 22 -7.83 47.59 -27.85
N LEU C 23 -6.51 47.35 -27.85
CA LEU C 23 -5.53 48.29 -28.41
C LEU C 23 -5.40 48.13 -29.93
N SER C 24 -5.27 49.25 -30.62
CA SER C 24 -5.16 49.27 -32.08
C SER C 24 -3.78 49.77 -32.54
N LYS C 25 -2.93 50.08 -31.55
CA LYS C 25 -1.60 50.63 -31.77
C LYS C 25 -0.68 50.18 -30.64
N VAL C 26 0.62 50.39 -30.82
CA VAL C 26 1.60 50.20 -29.75
C VAL C 26 1.39 51.30 -28.71
N PRO C 27 1.16 50.90 -27.44
CA PRO C 27 0.88 51.86 -26.35
C PRO C 27 2.00 52.89 -26.18
N ASP C 28 1.72 54.11 -26.61
CA ASP C 28 2.70 55.20 -26.52
C ASP C 28 2.79 55.81 -25.11
N ASP C 29 1.63 56.02 -24.49
CA ASP C 29 1.56 56.65 -23.17
C ASP C 29 1.96 55.74 -21.99
N ILE C 30 2.22 54.47 -22.31
CA ILE C 30 2.68 53.50 -21.33
C ILE C 30 4.22 53.38 -21.41
N PRO C 31 4.90 53.48 -20.26
CA PRO C 31 6.36 53.50 -20.06
C PRO C 31 7.24 52.86 -21.13
N SER C 32 8.27 53.60 -21.55
CA SER C 32 9.22 53.16 -22.56
C SER C 32 10.52 52.69 -21.90
N SER C 33 10.43 51.58 -21.15
CA SER C 33 11.54 51.12 -20.33
C SER C 33 11.68 49.59 -20.30
N THR C 34 10.69 48.90 -20.83
CA THR C 34 10.54 47.46 -20.59
C THR C 34 11.43 46.57 -21.47
N LYS C 35 11.61 45.33 -21.01
CA LYS C 35 12.43 44.34 -21.72
C LYS C 35 11.53 43.27 -22.36
N ASN C 36 10.42 42.99 -21.69
CA ASN C 36 9.45 42.01 -22.15
C ASN C 36 8.07 42.63 -22.29
N ILE C 37 7.44 42.42 -23.43
CA ILE C 37 6.07 42.88 -23.62
C ILE C 37 5.25 41.88 -24.42
N ASP C 38 4.15 41.44 -23.82
CA ASP C 38 3.19 40.57 -24.48
C ASP C 38 1.97 41.37 -24.94
N LEU C 39 1.84 41.53 -26.25
CA LEU C 39 0.79 42.35 -26.87
C LEU C 39 -0.34 41.54 -27.50
N SER C 40 -0.36 40.25 -27.26
CA SER C 40 -1.28 39.33 -27.97
C SER C 40 -2.77 39.68 -27.84
N PHE C 41 -3.55 39.22 -28.81
CA PHE C 41 -5.02 39.32 -28.81
C PHE C 41 -5.58 40.75 -28.84
N ASN C 42 -4.78 41.68 -29.34
CA ASN C 42 -5.22 43.05 -29.60
C ASN C 42 -5.46 43.26 -31.10
N PRO C 43 -6.53 44.00 -31.46
CA PRO C 43 -6.75 44.29 -32.88
C PRO C 43 -5.84 45.40 -33.39
N LEU C 44 -4.60 45.06 -33.73
CA LEU C 44 -3.65 46.02 -34.33
C LEU C 44 -3.90 46.22 -35.83
N LYS C 45 -4.32 45.15 -36.52
CA LYS C 45 -4.65 45.19 -37.96
C LYS C 45 -3.42 45.34 -38.85
N ILE C 46 -2.71 46.46 -38.69
CA ILE C 46 -1.54 46.79 -39.51
C ILE C 46 -0.42 47.28 -38.59
N LEU C 47 0.77 46.74 -38.79
CA LEU C 47 1.89 47.05 -37.91
C LEU C 47 2.78 48.13 -38.53
N LYS C 48 2.57 49.37 -38.09
CA LYS C 48 3.29 50.53 -38.61
C LYS C 48 4.81 50.43 -38.46
N SER C 49 5.53 51.14 -39.32
CA SER C 49 6.98 51.15 -39.30
C SER C 49 7.53 52.08 -38.22
N TYR C 50 8.71 51.73 -37.71
CA TYR C 50 9.40 52.46 -36.63
C TYR C 50 8.64 52.41 -35.30
N SER C 51 7.62 51.56 -35.23
CA SER C 51 6.75 51.44 -34.06
C SER C 51 7.51 51.12 -32.77
N PHE C 52 8.70 50.54 -32.91
CA PHE C 52 9.49 50.11 -31.76
C PHE C 52 10.83 50.83 -31.70
N SER C 53 10.81 52.12 -32.02
CA SER C 53 12.02 52.96 -32.02
C SER C 53 12.52 53.21 -30.58
N ASN C 54 11.63 53.67 -29.71
CA ASN C 54 11.98 54.02 -28.33
C ASN C 54 12.32 52.83 -27.44
N PHE C 55 11.59 51.73 -27.63
CA PHE C 55 11.91 50.47 -26.96
C PHE C 55 13.17 49.90 -27.62
N SER C 56 14.27 49.89 -26.88
CA SER C 56 15.54 49.35 -27.38
C SER C 56 16.19 48.46 -26.31
N GLU C 57 15.55 48.39 -25.15
CA GLU C 57 15.96 47.51 -24.08
C GLU C 57 15.21 46.17 -24.20
N LEU C 58 14.47 46.02 -25.29
CA LEU C 58 13.54 44.91 -25.47
C LEU C 58 14.23 43.61 -25.89
N GLN C 59 13.86 42.52 -25.21
CA GLN C 59 14.40 41.19 -25.49
C GLN C 59 13.34 40.26 -26.10
N TRP C 60 12.11 40.38 -25.59
CA TRP C 60 11.02 39.44 -25.87
C TRP C 60 9.78 40.19 -26.25
N LEU C 61 9.17 39.77 -27.36
CA LEU C 61 7.98 40.42 -27.88
C LEU C 61 7.03 39.41 -28.50
N ASP C 62 5.77 39.46 -28.06
CA ASP C 62 4.74 38.50 -28.43
C ASP C 62 3.58 39.20 -29.09
N LEU C 63 3.32 38.86 -30.35
CA LEU C 63 2.25 39.48 -31.13
C LEU C 63 1.24 38.48 -31.66
N SER C 64 0.94 37.46 -30.87
CA SER C 64 0.04 36.39 -31.27
C SER C 64 -1.39 36.86 -31.53
N ARG C 65 -1.98 36.39 -32.62
CA ARG C 65 -3.32 36.77 -33.04
C ARG C 65 -3.58 38.28 -32.80
N CYS C 66 -2.78 39.10 -33.48
CA CYS C 66 -2.88 40.54 -33.43
C CYS C 66 -3.49 41.11 -34.71
N GLU C 67 -4.17 40.25 -35.47
CA GLU C 67 -4.85 40.64 -36.72
C GLU C 67 -3.97 41.31 -37.79
N ILE C 68 -2.65 41.19 -37.60
CA ILE C 68 -1.66 41.84 -38.49
C ILE C 68 -1.68 41.27 -39.92
N GLU C 69 -2.07 42.13 -40.86
CA GLU C 69 -2.09 41.77 -42.29
C GLU C 69 -0.83 42.23 -43.03
N THR C 70 -0.22 43.31 -42.55
CA THR C 70 0.92 43.92 -43.19
C THR C 70 2.05 44.17 -42.19
N ILE C 71 3.26 43.76 -42.56
CA ILE C 71 4.45 44.20 -41.83
C ILE C 71 5.16 45.24 -42.70
N GLU C 72 5.02 46.49 -42.30
CA GLU C 72 5.58 47.62 -43.05
C GLU C 72 7.11 47.56 -43.08
N ASP C 73 7.70 48.11 -44.13
CA ASP C 73 9.14 48.12 -44.28
C ASP C 73 9.81 48.79 -43.08
N LYS C 74 10.82 48.14 -42.53
CA LYS C 74 11.61 48.64 -41.39
C LYS C 74 10.83 48.82 -40.09
N ALA C 75 9.86 47.95 -39.84
CA ALA C 75 9.01 48.02 -38.64
C ALA C 75 9.78 47.70 -37.36
N TRP C 76 10.81 46.89 -37.48
CA TRP C 76 11.69 46.59 -36.37
C TRP C 76 12.87 47.51 -36.44
N HIS C 77 12.64 48.78 -36.11
CA HIS C 77 13.64 49.83 -36.26
C HIS C 77 14.87 49.64 -35.39
N GLY C 78 14.72 49.89 -34.10
CA GLY C 78 15.87 49.92 -33.19
C GLY C 78 16.00 48.68 -32.32
N LEU C 79 15.22 47.65 -32.63
CA LEU C 79 15.21 46.41 -31.87
C LEU C 79 16.40 45.53 -32.25
N HIS C 80 17.48 45.66 -31.48
CA HIS C 80 18.72 44.91 -31.74
C HIS C 80 19.17 44.12 -30.55
N HIS C 81 18.37 44.13 -29.49
CA HIS C 81 18.60 43.28 -28.33
C HIS C 81 17.62 42.13 -28.31
N LEU C 82 16.59 42.25 -29.14
CA LEU C 82 15.48 41.29 -29.18
C LEU C 82 15.95 39.90 -29.59
N SER C 83 15.44 38.89 -28.92
CA SER C 83 15.85 37.51 -29.18
C SER C 83 14.64 36.62 -29.43
N ASN C 84 13.46 37.08 -29.04
CA ASN C 84 12.24 36.31 -29.18
C ASN C 84 11.08 37.11 -29.76
N LEU C 85 10.68 36.74 -30.97
CA LEU C 85 9.57 37.36 -31.67
C LEU C 85 8.54 36.28 -31.99
N ILE C 86 7.29 36.52 -31.57
CA ILE C 86 6.22 35.54 -31.72
C ILE C 86 5.08 36.12 -32.56
N LEU C 87 4.85 35.51 -33.73
CA LEU C 87 3.93 36.08 -34.73
C LEU C 87 2.70 35.23 -35.01
N THR C 88 2.46 34.26 -34.15
CA THR C 88 1.42 33.25 -34.34
C THR C 88 0.03 33.80 -34.67
N GLY C 89 -0.53 33.33 -35.78
CA GLY C 89 -1.93 33.58 -36.11
C GLY C 89 -2.25 34.91 -36.75
N ASN C 90 -1.22 35.63 -37.18
CA ASN C 90 -1.41 36.85 -37.96
C ASN C 90 -1.48 36.49 -39.43
N PRO C 91 -2.54 36.93 -40.14
CA PRO C 91 -2.62 36.60 -41.56
C PRO C 91 -1.81 37.58 -42.41
N ILE C 92 -0.48 37.47 -42.35
CA ILE C 92 0.44 38.35 -43.07
C ILE C 92 0.83 37.81 -44.45
N GLN C 93 0.70 36.50 -44.63
CA GLN C 93 0.86 35.82 -45.92
C GLN C 93 2.22 35.98 -46.62
N SER C 94 2.53 37.20 -47.06
CA SER C 94 3.78 37.49 -47.76
C SER C 94 4.61 38.53 -47.01
N PHE C 95 5.91 38.26 -46.93
CA PHE C 95 6.86 39.16 -46.28
C PHE C 95 7.74 39.78 -47.36
N SER C 96 7.68 41.10 -47.50
CA SER C 96 8.51 41.82 -48.46
C SER C 96 9.94 41.94 -47.94
N PRO C 97 10.94 41.83 -48.84
CA PRO C 97 12.36 41.99 -48.49
C PRO C 97 12.61 43.11 -47.48
N GLY C 98 13.47 42.83 -46.50
CA GLY C 98 13.74 43.77 -45.42
C GLY C 98 12.71 43.74 -44.31
N SER C 99 11.90 42.67 -44.28
CA SER C 99 10.88 42.51 -43.24
C SER C 99 11.46 42.48 -41.83
N PHE C 100 12.62 41.83 -41.68
CA PHE C 100 13.23 41.65 -40.37
C PHE C 100 14.55 42.42 -40.22
N SER C 101 14.80 43.34 -41.15
CA SER C 101 15.98 44.23 -41.08
C SER C 101 15.91 45.15 -39.85
N GLY C 102 16.90 45.01 -38.98
CA GLY C 102 16.92 45.71 -37.69
C GLY C 102 17.17 44.69 -36.60
N LEU C 103 16.47 43.56 -36.69
CA LEU C 103 16.66 42.44 -35.79
C LEU C 103 18.01 41.77 -36.06
N THR C 104 19.03 42.22 -35.33
CA THR C 104 20.40 41.78 -35.58
C THR C 104 20.94 40.84 -34.50
N SER C 105 20.08 40.47 -33.55
CA SER C 105 20.45 39.52 -32.49
C SER C 105 19.38 38.45 -32.26
N LEU C 106 18.54 38.21 -33.27
CA LEU C 106 17.39 37.32 -33.10
C LEU C 106 17.80 35.86 -32.97
N GLU C 107 17.34 35.21 -31.92
CA GLU C 107 17.60 33.79 -31.72
C GLU C 107 16.40 32.95 -32.16
N ASN C 108 15.21 33.35 -31.72
CA ASN C 108 14.00 32.58 -31.87
C ASN C 108 12.93 33.32 -32.67
N LEU C 109 12.52 32.69 -33.77
CA LEU C 109 11.46 33.24 -34.61
C LEU C 109 10.31 32.26 -34.76
N VAL C 110 9.12 32.69 -34.32
CA VAL C 110 7.92 31.87 -34.38
C VAL C 110 6.88 32.50 -35.33
N ALA C 111 6.72 31.89 -36.51
CA ALA C 111 5.79 32.41 -37.53
C ALA C 111 4.58 31.49 -37.80
N VAL C 112 4.14 30.78 -36.77
CA VAL C 112 3.04 29.80 -36.87
C VAL C 112 1.71 30.43 -37.33
N GLU C 113 1.08 29.79 -38.32
CA GLU C 113 -0.20 30.26 -38.88
C GLU C 113 -0.12 31.72 -39.31
N THR C 114 0.81 32.00 -40.23
CA THR C 114 0.93 33.32 -40.82
C THR C 114 0.62 33.29 -42.32
N LYS C 115 0.05 32.17 -42.78
CA LYS C 115 -0.22 31.90 -44.22
C LYS C 115 1.06 31.92 -45.06
N LEU C 116 2.16 31.50 -44.43
CA LEU C 116 3.45 31.39 -45.07
C LEU C 116 3.37 30.30 -46.14
N ALA C 117 3.67 30.67 -47.38
CA ALA C 117 3.52 29.75 -48.50
C ALA C 117 4.82 29.09 -48.88
N SER C 118 5.93 29.80 -48.68
CA SER C 118 7.24 29.33 -49.11
C SER C 118 8.34 29.75 -48.14
N LEU C 119 9.38 28.92 -48.04
CA LEU C 119 10.59 29.29 -47.33
C LEU C 119 11.56 30.07 -48.21
N GLU C 120 11.53 29.78 -49.51
CA GLU C 120 12.42 30.42 -50.49
C GLU C 120 12.40 31.94 -50.38
N SER C 121 11.20 32.52 -50.49
CA SER C 121 11.04 33.97 -50.48
C SER C 121 10.92 34.57 -49.07
N PHE C 122 10.97 33.72 -48.05
CA PHE C 122 10.91 34.14 -46.65
C PHE C 122 12.23 34.81 -46.27
N PRO C 123 12.21 36.16 -46.08
CA PRO C 123 13.39 37.03 -45.97
C PRO C 123 14.16 36.96 -44.64
N ILE C 124 14.58 35.76 -44.25
CA ILE C 124 15.37 35.57 -43.03
C ILE C 124 16.83 35.22 -43.34
N GLY C 125 17.26 35.49 -44.57
CA GLY C 125 18.62 35.20 -45.01
C GLY C 125 19.72 35.95 -44.27
N GLN C 126 19.38 37.13 -43.76
CA GLN C 126 20.36 38.02 -43.12
C GLN C 126 20.62 37.68 -41.64
N LEU C 127 19.62 37.08 -40.99
CA LEU C 127 19.66 36.83 -39.55
C LEU C 127 20.62 35.69 -39.15
N ILE C 128 21.92 35.97 -39.14
CA ILE C 128 22.95 34.97 -38.83
C ILE C 128 22.83 34.37 -37.42
N THR C 129 22.16 35.08 -36.53
CA THR C 129 22.12 34.71 -35.11
C THR C 129 21.06 33.66 -34.81
N LEU C 130 20.24 33.36 -35.81
CA LEU C 130 19.03 32.56 -35.65
C LEU C 130 19.30 31.13 -35.20
N LYS C 131 18.51 30.66 -34.24
CA LYS C 131 18.66 29.32 -33.67
C LYS C 131 17.49 28.40 -34.00
N LYS C 132 16.26 28.89 -33.76
CA LYS C 132 15.06 28.09 -33.84
C LYS C 132 14.04 28.76 -34.74
N LEU C 133 13.57 28.01 -35.74
CA LEU C 133 12.61 28.53 -36.70
C LEU C 133 11.33 27.69 -36.66
N ASN C 134 10.23 28.35 -36.30
CA ASN C 134 8.96 27.65 -36.19
C ASN C 134 7.94 28.14 -37.21
N VAL C 135 7.73 27.35 -38.25
CA VAL C 135 6.76 27.68 -39.30
C VAL C 135 5.58 26.69 -39.43
N ALA C 136 5.23 26.05 -38.32
CA ALA C 136 4.10 25.11 -38.30
C ALA C 136 2.77 25.79 -38.66
N HIS C 137 1.82 24.99 -39.13
CA HIS C 137 0.44 25.46 -39.38
C HIS C 137 0.45 26.59 -40.39
N ASN C 138 1.13 26.35 -41.51
CA ASN C 138 1.23 27.32 -42.58
C ASN C 138 0.87 26.59 -43.87
N PHE C 139 1.28 27.12 -45.02
CA PHE C 139 0.90 26.52 -46.31
C PHE C 139 2.08 26.03 -47.16
N ILE C 140 3.18 25.71 -46.50
CA ILE C 140 4.36 25.19 -47.15
C ILE C 140 4.04 23.82 -47.77
N HIS C 141 4.28 23.70 -49.07
CA HIS C 141 3.97 22.46 -49.81
C HIS C 141 5.23 21.70 -50.09
N SER C 142 6.36 22.41 -50.05
CA SER C 142 7.65 21.81 -50.35
C SER C 142 8.49 21.70 -49.10
N CYS C 143 9.25 20.62 -49.01
CA CYS C 143 10.19 20.39 -47.92
C CYS C 143 11.55 21.02 -48.21
N LYS C 144 11.62 21.81 -49.28
CA LYS C 144 12.92 22.30 -49.78
C LYS C 144 13.66 23.21 -48.80
N LEU C 145 14.93 22.88 -48.58
CA LEU C 145 15.82 23.67 -47.73
C LEU C 145 16.65 24.62 -48.58
N PRO C 146 16.35 25.93 -48.49
CA PRO C 146 16.94 26.97 -49.35
C PRO C 146 18.41 27.24 -49.03
N ALA C 147 19.14 27.76 -50.03
CA ALA C 147 20.58 28.00 -49.93
C ALA C 147 20.97 29.02 -48.86
N TYR C 148 20.15 30.06 -48.65
CA TYR C 148 20.43 31.07 -47.61
C TYR C 148 20.60 30.49 -46.20
N PHE C 149 20.25 29.21 -46.03
CA PHE C 149 20.53 28.46 -44.81
C PHE C 149 22.03 28.35 -44.54
N SER C 150 22.85 28.44 -45.59
CA SER C 150 24.31 28.41 -45.44
C SER C 150 24.84 29.68 -44.80
N ASN C 151 24.08 30.78 -44.94
CA ASN C 151 24.35 32.00 -44.19
C ASN C 151 23.95 31.85 -42.72
N LEU C 152 22.86 31.12 -42.50
CA LEU C 152 22.32 30.90 -41.16
C LEU C 152 23.09 29.82 -40.41
N THR C 153 24.29 30.18 -39.97
CA THR C 153 25.26 29.23 -39.42
C THR C 153 25.14 28.91 -37.90
N ASN C 154 24.02 29.28 -37.30
CA ASN C 154 23.71 28.89 -35.92
C ASN C 154 22.37 28.17 -35.84
N LEU C 155 21.78 27.90 -37.02
CA LEU C 155 20.48 27.27 -37.11
C LEU C 155 20.55 25.83 -36.64
N VAL C 156 19.71 25.48 -35.67
CA VAL C 156 19.72 24.15 -35.07
C VAL C 156 18.35 23.43 -35.05
N HIS C 157 17.25 24.18 -35.15
CA HIS C 157 15.90 23.57 -35.17
C HIS C 157 14.93 24.28 -36.08
N VAL C 158 14.42 23.55 -37.08
CA VAL C 158 13.36 24.06 -37.96
C VAL C 158 12.11 23.19 -37.82
N ASP C 159 11.00 23.82 -37.44
CA ASP C 159 9.70 23.15 -37.28
C ASP C 159 8.79 23.37 -38.52
N LEU C 160 8.51 22.27 -39.23
CA LEU C 160 7.67 22.32 -40.43
C LEU C 160 6.41 21.48 -40.23
N SER C 161 6.02 21.32 -38.98
CA SER C 161 4.83 20.56 -38.60
C SER C 161 3.57 21.12 -39.26
N TYR C 162 2.61 20.23 -39.51
CA TYR C 162 1.26 20.64 -39.93
C TYR C 162 1.33 21.61 -41.11
N ASN C 163 1.95 21.14 -42.19
CA ASN C 163 1.97 21.85 -43.45
C ASN C 163 1.50 20.86 -44.51
N TYR C 164 1.78 21.13 -45.78
CA TYR C 164 1.19 20.35 -46.86
C TYR C 164 2.25 19.60 -47.66
N ILE C 165 3.35 19.28 -46.98
CA ILE C 165 4.48 18.59 -47.56
C ILE C 165 4.10 17.13 -47.77
N GLN C 166 4.31 16.64 -48.99
CA GLN C 166 3.84 15.29 -49.37
C GLN C 166 5.00 14.45 -49.88
N THR C 167 6.04 15.12 -50.34
CA THR C 167 7.17 14.47 -50.95
C THR C 167 8.48 14.96 -50.31
N ILE C 168 9.49 14.11 -50.25
CA ILE C 168 10.86 14.54 -49.99
C ILE C 168 11.74 13.99 -51.08
N THR C 169 12.48 14.88 -51.75
CA THR C 169 13.38 14.51 -52.86
C THR C 169 14.84 14.50 -52.38
N VAL C 170 15.76 13.91 -53.14
CA VAL C 170 17.19 14.06 -52.80
C VAL C 170 17.57 15.53 -52.81
N ASN C 171 17.05 16.27 -53.80
CA ASN C 171 17.41 17.67 -54.03
C ASN C 171 16.88 18.60 -52.95
N ASP C 172 15.75 18.22 -52.38
CA ASP C 172 15.20 18.91 -51.21
C ASP C 172 16.25 19.03 -50.11
N LEU C 173 17.06 17.98 -49.97
CA LEU C 173 17.99 17.81 -48.86
C LEU C 173 19.47 18.05 -49.24
N GLN C 174 19.69 18.61 -50.43
CA GLN C 174 21.04 18.89 -50.93
C GLN C 174 21.86 19.79 -49.97
N PHE C 175 21.22 20.81 -49.42
CA PHE C 175 21.89 21.68 -48.44
C PHE C 175 22.71 20.87 -47.42
N LEU C 176 22.05 19.97 -46.72
CA LEU C 176 22.70 19.09 -45.75
C LEU C 176 23.77 18.18 -46.35
N ARG C 177 23.59 17.80 -47.61
CA ARG C 177 24.53 16.89 -48.27
C ARG C 177 25.91 17.52 -48.40
N GLU C 178 25.94 18.78 -48.86
CA GLU C 178 27.17 19.53 -49.06
C GLU C 178 27.64 20.22 -47.77
N ASN C 179 26.81 20.15 -46.73
CA ASN C 179 27.13 20.77 -45.45
C ASN C 179 26.99 19.78 -44.28
N PRO C 180 27.89 18.78 -44.24
CA PRO C 180 27.88 17.76 -43.18
C PRO C 180 28.10 18.34 -41.78
N GLN C 181 28.76 19.49 -41.70
CA GLN C 181 29.13 20.12 -40.43
C GLN C 181 27.95 20.76 -39.69
N VAL C 182 26.81 20.87 -40.37
CA VAL C 182 25.61 21.47 -39.80
C VAL C 182 24.96 20.51 -38.81
N ASN C 183 24.52 21.07 -37.68
CA ASN C 183 23.76 20.34 -36.70
C ASN C 183 22.33 20.85 -36.73
N LEU C 184 21.45 20.13 -37.42
CA LEU C 184 20.08 20.56 -37.62
C LEU C 184 19.08 19.51 -37.14
N SER C 185 17.93 19.97 -36.68
CA SER C 185 16.87 19.09 -36.22
C SER C 185 15.57 19.49 -36.88
N LEU C 186 14.76 18.49 -37.20
CA LEU C 186 13.64 18.66 -38.10
C LEU C 186 12.39 17.98 -37.56
N ASP C 187 11.39 18.79 -37.21
CA ASP C 187 10.07 18.25 -36.89
C ASP C 187 9.22 18.35 -38.15
N MET C 188 8.75 17.19 -38.62
CA MET C 188 8.05 17.10 -39.90
C MET C 188 6.68 16.48 -39.67
N SER C 189 6.25 16.45 -38.40
CA SER C 189 4.96 15.88 -37.99
C SER C 189 3.79 16.51 -38.73
N LEU C 190 2.69 15.75 -38.80
CA LEU C 190 1.42 16.20 -39.38
C LEU C 190 1.48 16.63 -40.85
N ASN C 191 2.46 16.10 -41.57
CA ASN C 191 2.51 16.28 -43.01
C ASN C 191 2.07 15.02 -43.73
N PRO C 192 1.18 15.17 -44.73
CA PRO C 192 0.71 14.02 -45.48
C PRO C 192 1.77 13.51 -46.46
N ILE C 193 2.88 13.01 -45.93
CA ILE C 193 4.00 12.48 -46.71
C ILE C 193 3.65 11.10 -47.26
N ASP C 194 3.70 10.96 -48.57
CA ASP C 194 3.34 9.70 -49.18
C ASP C 194 4.37 9.20 -50.21
N PHE C 195 5.43 9.99 -50.40
CA PHE C 195 6.52 9.59 -51.26
C PHE C 195 7.83 10.23 -50.83
N ILE C 196 8.88 9.42 -50.69
CA ILE C 196 10.23 9.91 -50.43
C ILE C 196 11.13 9.35 -51.53
N GLN C 197 11.89 10.22 -52.20
CA GLN C 197 12.70 9.79 -53.34
C GLN C 197 13.72 8.75 -52.91
N ASP C 198 13.97 7.76 -53.77
CA ASP C 198 15.07 6.84 -53.57
C ASP C 198 16.34 7.62 -53.28
N GLN C 199 17.03 7.21 -52.22
CA GLN C 199 18.36 7.76 -51.89
C GLN C 199 18.31 9.24 -51.45
N ALA C 200 17.13 9.72 -51.09
CA ALA C 200 16.96 11.09 -50.63
C ALA C 200 17.81 11.35 -49.41
N PHE C 201 17.96 10.31 -48.59
CA PHE C 201 18.59 10.47 -47.28
C PHE C 201 20.03 9.98 -47.25
N GLN C 202 20.57 9.71 -48.44
CA GLN C 202 21.98 9.38 -48.61
C GLN C 202 22.85 10.59 -48.24
N GLY C 203 23.87 10.32 -47.42
CA GLY C 203 24.84 11.35 -47.02
C GLY C 203 24.26 12.55 -46.29
N ILE C 204 23.23 12.33 -45.48
CA ILE C 204 22.72 13.41 -44.66
C ILE C 204 22.64 13.04 -43.17
N LYS C 205 23.12 13.96 -42.33
CA LYS C 205 23.06 13.82 -40.88
C LYS C 205 21.94 14.70 -40.34
N LEU C 206 21.23 14.18 -39.35
CA LEU C 206 20.26 14.98 -38.63
C LEU C 206 20.44 14.73 -37.15
N HIS C 207 20.13 15.73 -36.32
CA HIS C 207 20.22 15.54 -34.90
C HIS C 207 18.99 14.84 -34.41
N GLU C 208 17.86 15.52 -34.41
CA GLU C 208 16.57 14.86 -34.18
C GLU C 208 15.64 15.00 -35.38
N LEU C 209 14.90 13.93 -35.67
CA LEU C 209 13.85 13.94 -36.69
C LEU C 209 12.55 13.44 -36.09
N THR C 210 11.53 14.27 -36.15
CA THR C 210 10.23 13.92 -35.61
C THR C 210 9.25 13.65 -36.75
N LEU C 211 8.79 12.42 -36.82
CA LEU C 211 7.82 12.00 -37.83
C LEU C 211 6.61 11.37 -37.16
N ARG C 212 5.74 12.23 -36.63
CA ARG C 212 4.53 11.74 -35.98
C ARG C 212 3.31 12.05 -36.84
N GLY C 213 2.42 11.07 -36.95
CA GLY C 213 1.13 11.25 -37.64
C GLY C 213 1.26 11.70 -39.08
N ASN C 214 2.10 11.01 -39.85
CA ASN C 214 2.33 11.36 -41.24
C ASN C 214 1.57 10.53 -42.27
N PHE C 215 1.49 9.23 -42.03
CA PHE C 215 1.04 8.26 -43.04
C PHE C 215 -0.37 7.74 -42.79
N ASN C 216 -1.13 7.53 -43.85
CA ASN C 216 -2.51 7.05 -43.73
C ASN C 216 -2.62 5.55 -43.94
N SER C 217 -1.75 5.01 -44.78
CA SER C 217 -1.67 3.58 -45.03
C SER C 217 -0.35 3.05 -44.51
N SER C 218 -0.37 1.81 -44.07
CA SER C 218 0.82 1.17 -43.52
C SER C 218 1.79 0.87 -44.66
N ASN C 219 1.26 0.74 -45.87
CA ASN C 219 2.09 0.52 -47.04
C ASN C 219 2.91 1.76 -47.39
N ILE C 220 2.25 2.92 -47.44
CA ILE C 220 2.96 4.20 -47.65
C ILE C 220 3.98 4.43 -46.54
N MET C 221 3.61 4.08 -45.31
CA MET C 221 4.54 4.16 -44.18
C MET C 221 5.74 3.28 -44.43
N LYS C 222 5.49 2.03 -44.84
CA LYS C 222 6.53 1.03 -45.06
C LYS C 222 7.55 1.49 -46.09
N THR C 223 7.06 1.99 -47.22
CA THR C 223 7.93 2.36 -48.33
C THR C 223 8.68 3.65 -48.03
N CYS C 224 8.05 4.55 -47.29
CA CYS C 224 8.70 5.79 -46.89
C CYS C 224 9.91 5.53 -46.00
N LEU C 225 9.75 4.63 -45.04
CA LEU C 225 10.80 4.30 -44.11
C LEU C 225 11.99 3.63 -44.80
N GLN C 226 11.69 2.92 -45.88
CA GLN C 226 12.73 2.25 -46.65
C GLN C 226 13.62 3.29 -47.29
N ASN C 227 13.05 4.42 -47.69
CA ASN C 227 13.79 5.50 -48.35
C ASN C 227 14.42 6.50 -47.39
N LEU C 228 14.34 6.19 -46.11
CA LEU C 228 15.15 6.85 -45.13
C LEU C 228 16.60 6.34 -45.20
N ALA C 229 16.82 5.23 -45.91
CA ALA C 229 18.15 4.61 -46.07
C ALA C 229 19.27 5.65 -46.20
N GLY C 230 20.39 5.39 -45.54
CA GLY C 230 21.49 6.35 -45.52
C GLY C 230 21.45 7.37 -44.38
N LEU C 231 20.27 7.71 -43.86
CA LEU C 231 20.17 8.69 -42.76
C LEU C 231 20.99 8.35 -41.51
N HIS C 232 21.64 9.37 -40.96
CA HIS C 232 22.26 9.30 -39.63
C HIS C 232 21.48 10.24 -38.76
N VAL C 233 20.65 9.69 -37.86
CA VAL C 233 19.90 10.47 -36.85
C VAL C 233 20.39 10.14 -35.45
N HIS C 234 20.59 11.18 -34.65
CA HIS C 234 20.86 10.96 -33.24
C HIS C 234 19.60 10.47 -32.56
N ARG C 235 18.49 11.18 -32.78
CA ARG C 235 17.21 10.83 -32.17
C ARG C 235 16.07 10.79 -33.20
N LEU C 236 15.36 9.67 -33.25
CA LEU C 236 14.27 9.49 -34.19
C LEU C 236 12.98 9.24 -33.44
N ILE C 237 11.98 10.08 -33.70
CA ILE C 237 10.70 10.00 -33.03
C ILE C 237 9.59 9.70 -34.04
N LEU C 238 8.87 8.62 -33.77
CA LEU C 238 7.89 8.07 -34.67
C LEU C 238 6.59 7.82 -33.92
N GLY C 239 5.46 8.01 -34.60
CA GLY C 239 4.20 7.52 -34.10
C GLY C 239 3.01 8.35 -34.51
N GLU C 240 1.92 8.20 -33.77
CA GLU C 240 0.71 8.94 -34.07
C GLU C 240 0.09 9.66 -32.88
N PHE C 241 -1.08 10.22 -33.14
CA PHE C 241 -1.82 10.96 -32.15
C PHE C 241 -3.18 10.30 -31.99
N LYS C 242 -3.77 10.38 -30.80
CA LYS C 242 -5.06 9.75 -30.56
C LYS C 242 -6.21 10.46 -31.28
N ASP C 243 -6.04 11.74 -31.52
CA ASP C 243 -7.10 12.56 -32.09
C ASP C 243 -6.85 12.85 -33.57
N GLU C 244 -6.19 11.92 -34.23
CA GLU C 244 -5.93 12.05 -35.66
C GLU C 244 -6.12 10.72 -36.39
N ARG C 245 -5.98 10.80 -37.72
CA ARG C 245 -5.87 9.66 -38.63
C ARG C 245 -4.80 8.67 -38.14
N ASN C 246 -5.14 7.38 -38.11
CA ASN C 246 -4.23 6.36 -37.61
C ASN C 246 -4.20 5.11 -38.48
N LEU C 247 -3.10 4.37 -38.41
CA LEU C 247 -2.95 3.13 -39.14
C LEU C 247 -3.74 2.00 -38.49
N GLU C 248 -4.44 1.25 -39.34
CA GLU C 248 -5.27 0.11 -38.93
C GLU C 248 -4.42 -0.99 -38.31
N ILE C 249 -3.41 -1.44 -39.06
CA ILE C 249 -2.51 -2.50 -38.63
C ILE C 249 -1.07 -2.02 -38.59
N PHE C 250 -0.38 -2.37 -37.51
CA PHE C 250 0.98 -1.90 -37.25
C PHE C 250 1.93 -3.09 -37.05
N GLU C 251 2.32 -3.73 -38.14
CA GLU C 251 3.31 -4.81 -38.13
C GLU C 251 4.73 -4.27 -37.92
N PRO C 252 5.56 -4.99 -37.15
CA PRO C 252 7.01 -4.66 -37.11
C PRO C 252 7.67 -4.66 -38.50
N SER C 253 7.05 -5.29 -39.50
CA SER C 253 7.63 -5.37 -40.84
C SER C 253 7.52 -4.05 -41.62
N ILE C 254 6.75 -3.12 -41.07
CA ILE C 254 6.67 -1.75 -41.58
C ILE C 254 7.98 -1.03 -41.25
N MET C 255 8.72 -1.59 -40.30
CA MET C 255 9.89 -0.95 -39.69
C MET C 255 11.20 -1.41 -40.33
N GLU C 256 11.11 -2.17 -41.43
CA GLU C 256 12.29 -2.81 -42.02
C GLU C 256 13.27 -1.84 -42.66
N GLY C 257 12.77 -0.71 -43.15
CA GLY C 257 13.65 0.35 -43.69
C GLY C 257 14.62 0.92 -42.67
N LEU C 258 14.26 0.82 -41.39
CA LEU C 258 15.09 1.29 -40.28
C LEU C 258 16.49 0.67 -40.12
N CYS C 259 16.67 -0.62 -40.41
CA CYS C 259 18.02 -1.22 -40.30
C CYS C 259 19.02 -0.65 -41.30
N ASP C 260 18.55 0.13 -42.27
CA ASP C 260 19.43 0.86 -43.18
C ASP C 260 19.60 2.33 -42.78
N VAL C 261 19.15 2.67 -41.58
CA VAL C 261 19.42 3.99 -41.00
C VAL C 261 20.13 3.82 -39.64
N THR C 262 21.09 4.69 -39.34
CA THR C 262 21.85 4.53 -38.11
C THR C 262 21.28 5.47 -37.07
N ILE C 263 20.76 4.85 -36.01
CA ILE C 263 19.99 5.56 -34.99
C ILE C 263 20.65 5.38 -33.63
N ASP C 264 21.06 6.49 -33.01
CA ASP C 264 21.57 6.47 -31.64
C ASP C 264 20.44 6.25 -30.64
N GLU C 265 19.38 7.05 -30.79
CA GLU C 265 18.25 7.06 -29.85
C GLU C 265 16.92 6.96 -30.61
N PHE C 266 16.03 6.09 -30.14
CA PHE C 266 14.76 5.85 -30.80
C PHE C 266 13.58 6.09 -29.85
N ARG C 267 12.60 6.88 -30.31
CA ARG C 267 11.39 7.12 -29.52
C ARG C 267 10.10 6.75 -30.25
N LEU C 268 9.31 5.86 -29.64
CA LEU C 268 7.99 5.55 -30.13
C LEU C 268 6.92 6.15 -29.21
N THR C 269 5.93 6.79 -29.83
CA THR C 269 4.84 7.42 -29.10
C THR C 269 3.57 6.64 -29.39
N TYR C 270 2.40 7.23 -29.10
CA TYR C 270 1.13 6.51 -29.24
C TYR C 270 0.97 5.85 -30.60
N THR C 271 0.31 4.68 -30.60
CA THR C 271 0.00 3.96 -31.83
C THR C 271 -1.36 3.28 -31.63
N ASN C 272 -2.22 3.34 -32.64
CA ASN C 272 -3.56 2.80 -32.56
C ASN C 272 -3.53 1.28 -32.37
N ASP C 273 -2.73 0.63 -33.21
CA ASP C 273 -2.46 -0.79 -33.08
C ASP C 273 -1.05 -0.96 -32.50
N PHE C 274 -0.82 -2.01 -31.73
CA PHE C 274 0.54 -2.27 -31.24
C PHE C 274 0.82 -3.74 -30.91
N SER C 275 1.91 -4.25 -31.46
CA SER C 275 2.34 -5.62 -31.21
C SER C 275 3.53 -5.61 -30.28
N ASP C 276 3.41 -6.30 -29.15
CA ASP C 276 4.47 -6.36 -28.14
C ASP C 276 5.87 -6.63 -28.72
N ASP C 277 5.96 -7.54 -29.68
CA ASP C 277 7.26 -7.95 -30.23
C ASP C 277 7.92 -6.91 -31.18
N ILE C 278 7.37 -5.70 -31.21
CA ILE C 278 7.98 -4.58 -31.93
C ILE C 278 9.26 -4.09 -31.24
N VAL C 279 9.37 -4.33 -29.93
CA VAL C 279 10.54 -3.94 -29.14
C VAL C 279 11.66 -4.95 -29.32
N LYS C 280 11.29 -6.16 -29.72
CA LYS C 280 12.22 -7.23 -30.00
C LYS C 280 12.84 -7.06 -31.41
N PHE C 281 12.21 -6.22 -32.24
CA PHE C 281 12.60 -6.04 -33.65
C PHE C 281 14.09 -5.78 -33.81
N HIS C 282 14.71 -6.54 -34.70
CA HIS C 282 16.16 -6.62 -34.85
C HIS C 282 16.82 -5.38 -35.40
N CYS C 283 16.06 -4.55 -36.09
CA CYS C 283 16.62 -3.33 -36.67
C CYS C 283 16.82 -2.21 -35.63
N LEU C 284 16.47 -2.52 -34.39
CA LEU C 284 16.63 -1.58 -33.27
C LEU C 284 17.68 -2.06 -32.28
N ALA C 285 18.48 -3.04 -32.68
CA ALA C 285 19.40 -3.72 -31.76
C ALA C 285 20.59 -2.86 -31.32
N ASN C 286 20.97 -1.88 -32.15
CA ASN C 286 22.19 -1.10 -31.92
C ASN C 286 21.88 0.30 -31.39
N VAL C 287 20.61 0.53 -31.10
CA VAL C 287 20.13 1.76 -30.51
C VAL C 287 20.73 1.87 -29.11
N SER C 288 21.12 3.08 -28.72
CA SER C 288 21.63 3.29 -27.36
C SER C 288 20.53 3.70 -26.36
N ALA C 289 19.51 4.43 -26.82
CA ALA C 289 18.39 4.78 -25.96
C ALA C 289 17.05 4.41 -26.60
N MET C 290 16.31 3.54 -25.93
CA MET C 290 15.01 3.11 -26.40
C MET C 290 13.92 3.75 -25.54
N SER C 291 12.93 4.35 -26.20
CA SER C 291 11.81 4.95 -25.47
C SER C 291 10.46 4.65 -26.10
N LEU C 292 9.51 4.33 -25.21
CA LEU C 292 8.11 4.14 -25.55
C LEU C 292 7.22 4.95 -24.59
N ALA C 293 6.35 5.79 -25.14
CA ALA C 293 5.51 6.68 -24.35
C ALA C 293 4.08 6.67 -24.84
N GLY C 294 3.16 6.23 -23.98
CA GLY C 294 1.75 6.14 -24.34
C GLY C 294 1.44 4.96 -25.25
N VAL C 295 2.23 3.90 -25.10
CA VAL C 295 2.17 2.78 -26.03
C VAL C 295 1.39 1.63 -25.38
N SER C 296 0.67 0.88 -26.19
CA SER C 296 -0.19 -0.20 -25.71
C SER C 296 0.55 -1.50 -25.41
N ILE C 297 1.84 -1.42 -25.09
CA ILE C 297 2.61 -2.61 -24.74
C ILE C 297 2.04 -3.26 -23.47
N LYS C 298 1.81 -4.57 -23.54
CA LYS C 298 1.25 -5.34 -22.44
C LYS C 298 2.29 -6.23 -21.76
N TYR C 299 3.32 -6.62 -22.49
CA TYR C 299 4.37 -7.47 -21.94
C TYR C 299 5.70 -7.11 -22.59
N LEU C 300 6.78 -7.33 -21.84
CA LEU C 300 8.12 -7.10 -22.33
C LEU C 300 9.05 -8.15 -21.71
N GLU C 301 9.21 -9.30 -22.39
CA GLU C 301 10.03 -10.37 -21.84
C GLU C 301 10.95 -11.13 -22.81
N ASP C 302 10.77 -10.95 -24.10
CA ASP C 302 11.58 -11.71 -25.07
C ASP C 302 12.63 -10.81 -25.73
N VAL C 303 13.49 -10.19 -24.91
CA VAL C 303 14.49 -9.24 -25.41
C VAL C 303 15.84 -9.94 -25.53
N PRO C 304 16.46 -9.88 -26.72
CA PRO C 304 17.75 -10.54 -26.96
C PRO C 304 18.90 -9.87 -26.22
N LYS C 305 19.86 -10.68 -25.77
CA LYS C 305 20.97 -10.22 -24.96
C LYS C 305 22.01 -9.41 -25.70
N HIS C 306 21.99 -9.48 -27.03
CA HIS C 306 22.95 -8.73 -27.85
C HIS C 306 22.50 -7.33 -28.15
N PHE C 307 21.26 -7.01 -27.77
CA PHE C 307 20.72 -5.66 -27.91
C PHE C 307 21.57 -4.71 -27.08
N LYS C 308 21.86 -3.54 -27.66
CA LYS C 308 22.90 -2.65 -27.12
C LYS C 308 22.34 -1.54 -26.25
N TRP C 309 21.06 -1.63 -25.90
CA TRP C 309 20.37 -0.55 -25.19
C TRP C 309 21.08 -0.14 -23.92
N GLN C 310 21.34 1.15 -23.79
CA GLN C 310 22.02 1.69 -22.62
C GLN C 310 21.06 2.43 -21.68
N SER C 311 19.93 2.87 -22.23
CA SER C 311 18.82 3.35 -21.44
C SER C 311 17.51 2.90 -22.07
N LEU C 312 16.52 2.71 -21.21
CA LEU C 312 15.23 2.22 -21.61
C LEU C 312 14.21 2.98 -20.77
N SER C 313 13.24 3.54 -21.46
CA SER C 313 12.28 4.40 -20.81
C SER C 313 10.88 3.98 -21.27
N ILE C 314 10.04 3.66 -20.29
CA ILE C 314 8.67 3.23 -20.53
C ILE C 314 7.73 4.15 -19.75
N ILE C 315 7.06 5.03 -20.48
CA ILE C 315 6.31 6.13 -19.90
C ILE C 315 4.86 6.02 -20.34
N ARG C 316 3.94 5.87 -19.38
CA ARG C 316 2.50 5.93 -19.67
C ARG C 316 2.02 4.79 -20.55
N CYS C 317 2.60 3.61 -20.35
CA CYS C 317 2.21 2.44 -21.13
C CYS C 317 1.32 1.53 -20.31
N GLN C 318 1.15 0.31 -20.77
CA GLN C 318 0.07 -0.52 -20.27
C GLN C 318 0.52 -1.91 -19.83
N LEU C 319 1.64 -1.96 -19.12
CA LEU C 319 2.26 -3.21 -18.72
C LEU C 319 1.36 -3.99 -17.77
N LYS C 320 1.18 -5.28 -18.08
CA LYS C 320 0.45 -6.18 -17.18
C LYS C 320 1.40 -6.94 -16.26
N GLN C 321 2.70 -6.92 -16.60
CA GLN C 321 3.71 -7.53 -15.76
C GLN C 321 4.93 -6.68 -15.80
N PHE C 322 5.64 -6.64 -14.68
CA PHE C 322 6.94 -6.01 -14.64
C PHE C 322 7.84 -6.71 -15.66
N PRO C 323 8.46 -5.93 -16.57
CA PRO C 323 9.31 -6.51 -17.61
C PRO C 323 10.34 -7.46 -17.01
N THR C 324 10.60 -8.57 -17.69
CA THR C 324 11.72 -9.42 -17.31
C THR C 324 12.90 -8.98 -18.15
N LEU C 325 13.96 -8.52 -17.48
CA LEU C 325 15.07 -7.90 -18.19
C LEU C 325 16.39 -8.50 -17.78
N ASP C 326 17.25 -8.71 -18.77
CA ASP C 326 18.57 -9.31 -18.57
C ASP C 326 19.64 -8.57 -19.37
N LEU C 327 19.26 -7.41 -19.93
CA LEU C 327 20.15 -6.57 -20.73
C LEU C 327 21.46 -6.24 -19.99
N PRO C 328 22.62 -6.62 -20.55
CA PRO C 328 23.88 -6.48 -19.82
C PRO C 328 24.50 -5.09 -19.85
N PHE C 329 24.14 -4.28 -20.84
CA PHE C 329 24.66 -2.90 -20.95
C PHE C 329 23.65 -1.82 -20.58
N LEU C 330 22.50 -2.21 -20.05
CA LEU C 330 21.50 -1.21 -19.63
C LEU C 330 21.97 -0.44 -18.39
N LYS C 331 22.12 0.88 -18.53
CA LYS C 331 22.59 1.74 -17.42
C LYS C 331 21.45 2.47 -16.70
N SER C 332 20.42 2.79 -17.47
CA SER C 332 19.33 3.60 -16.99
C SER C 332 17.99 3.00 -17.43
N LEU C 333 17.13 2.74 -16.45
CA LEU C 333 15.78 2.22 -16.67
C LEU C 333 14.76 3.09 -15.96
N THR C 334 13.79 3.56 -16.75
CA THR C 334 12.66 4.33 -16.27
C THR C 334 11.43 3.57 -16.69
N LEU C 335 10.58 3.26 -15.71
CA LEU C 335 9.24 2.76 -15.98
C LEU C 335 8.31 3.55 -15.05
N THR C 336 7.46 4.37 -15.64
CA THR C 336 6.70 5.30 -14.85
C THR C 336 5.30 5.50 -15.42
N MET C 337 4.36 5.79 -14.54
CA MET C 337 2.98 6.18 -14.91
C MET C 337 2.24 5.09 -15.64
N ASN C 338 2.52 3.86 -15.27
CA ASN C 338 1.92 2.72 -15.90
C ASN C 338 0.45 2.65 -15.51
N LYS C 339 -0.37 2.21 -16.44
CA LYS C 339 -1.82 2.13 -16.26
C LYS C 339 -2.30 1.30 -15.05
N GLY C 340 -1.71 0.13 -14.85
CA GLY C 340 -2.29 -0.85 -13.93
C GLY C 340 -1.85 -0.80 -12.48
N SER C 341 -1.18 -1.87 -12.06
CA SER C 341 -0.64 -2.00 -10.71
C SER C 341 0.30 -3.19 -10.60
N ILE C 342 1.19 -3.31 -11.58
CA ILE C 342 2.22 -4.34 -11.59
C ILE C 342 2.92 -4.49 -10.22
N SER C 343 3.44 -5.67 -9.94
CA SER C 343 4.25 -5.85 -8.75
C SER C 343 5.69 -6.16 -9.14
N PHE C 344 6.65 -5.69 -8.34
CA PHE C 344 8.07 -5.85 -8.69
C PHE C 344 8.41 -7.31 -8.93
N LYS C 345 9.21 -7.54 -9.95
CA LYS C 345 9.73 -8.88 -10.25
C LYS C 345 11.25 -8.76 -10.43
N LYS C 346 11.98 -9.67 -9.80
CA LYS C 346 13.45 -9.68 -9.86
C LYS C 346 14.03 -9.54 -11.28
N VAL C 347 15.13 -8.81 -11.39
CA VAL C 347 15.68 -8.43 -12.69
C VAL C 347 17.22 -8.58 -12.66
N ALA C 348 17.85 -8.73 -13.82
CA ALA C 348 19.33 -8.92 -13.85
C ALA C 348 20.07 -7.91 -14.72
N LEU C 349 20.43 -6.77 -14.14
CA LEU C 349 21.01 -5.66 -14.91
C LEU C 349 22.34 -5.16 -14.33
N PRO C 350 23.46 -5.84 -14.63
CA PRO C 350 24.76 -5.55 -14.00
C PRO C 350 25.36 -4.16 -14.29
N SER C 351 24.89 -3.49 -15.34
CA SER C 351 25.36 -2.13 -15.69
C SER C 351 24.51 -1.01 -15.10
N LEU C 352 23.37 -1.37 -14.51
CA LEU C 352 22.36 -0.41 -14.03
C LEU C 352 22.82 0.49 -12.90
N SER C 353 22.74 1.80 -13.12
CA SER C 353 23.06 2.79 -12.09
C SER C 353 21.91 3.76 -11.80
N TYR C 354 20.91 3.77 -12.68
CA TYR C 354 19.80 4.69 -12.55
C TYR C 354 18.48 3.94 -12.73
N LEU C 355 17.63 4.02 -11.71
CA LEU C 355 16.36 3.30 -11.70
C LEU C 355 15.23 4.17 -11.16
N ASP C 356 14.22 4.36 -12.01
CA ASP C 356 13.06 5.20 -11.69
C ASP C 356 11.81 4.39 -11.95
N LEU C 357 11.13 4.01 -10.87
CA LEU C 357 9.98 3.16 -10.92
C LEU C 357 8.80 3.88 -10.26
N SER C 358 8.77 5.19 -10.41
CA SER C 358 7.74 5.95 -9.72
C SER C 358 6.39 5.89 -10.42
N ARG C 359 5.33 6.07 -9.63
CA ARG C 359 3.98 6.33 -10.15
C ARG C 359 3.31 5.16 -10.87
N ASN C 360 3.60 3.93 -10.44
CA ASN C 360 2.99 2.76 -11.07
C ASN C 360 2.05 1.98 -10.16
N ALA C 361 1.86 2.46 -8.94
CA ALA C 361 1.16 1.68 -7.90
C ALA C 361 1.78 0.30 -7.70
N LEU C 362 3.10 0.22 -7.90
CA LEU C 362 3.91 -0.97 -7.69
C LEU C 362 3.81 -1.50 -6.28
N SER C 363 3.73 -2.82 -6.17
CA SER C 363 3.95 -3.47 -4.90
C SER C 363 5.31 -4.13 -4.96
N PHE C 364 6.02 -4.09 -3.84
CA PHE C 364 7.36 -4.60 -3.76
C PHE C 364 7.48 -5.35 -2.45
N SER C 365 7.41 -6.68 -2.49
CA SER C 365 7.70 -7.43 -1.28
C SER C 365 9.20 -7.70 -1.24
N GLY C 366 9.77 -7.68 -0.04
CA GLY C 366 11.18 -7.97 0.16
C GLY C 366 12.15 -6.97 -0.44
N CYS C 367 11.83 -5.69 -0.32
CA CYS C 367 12.75 -4.61 -0.67
C CYS C 367 13.79 -4.51 0.44
N CYS C 368 15.08 -4.31 0.14
CA CYS C 368 15.68 -4.28 -1.19
C CYS C 368 17.14 -4.76 -1.04
N SER C 369 17.66 -5.48 -2.02
CA SER C 369 19.09 -5.80 -2.02
C SER C 369 19.56 -6.18 -3.41
N TYR C 370 20.85 -6.56 -3.48
CA TYR C 370 21.53 -6.92 -4.73
C TYR C 370 20.76 -7.90 -5.62
N SER C 371 20.19 -8.93 -5.02
CA SER C 371 19.55 -10.01 -5.76
C SER C 371 18.27 -9.61 -6.48
N ASP C 372 17.71 -8.45 -6.13
CA ASP C 372 16.52 -7.97 -6.81
C ASP C 372 16.84 -7.33 -8.15
N LEU C 373 18.06 -6.83 -8.30
CA LEU C 373 18.43 -5.97 -9.43
C LEU C 373 19.62 -6.45 -10.23
N GLY C 374 20.55 -7.12 -9.55
CA GLY C 374 21.73 -7.68 -10.21
C GLY C 374 22.81 -6.66 -10.49
N THR C 375 22.73 -5.51 -9.84
CA THR C 375 23.75 -4.51 -10.00
C THR C 375 24.40 -4.09 -8.69
N ASN C 376 25.67 -3.69 -8.78
CA ASN C 376 26.39 -3.08 -7.69
C ASN C 376 26.67 -1.61 -7.97
N SER C 377 26.07 -1.07 -9.02
CA SER C 377 26.40 0.29 -9.50
C SER C 377 25.28 1.32 -9.31
N LEU C 378 24.12 0.87 -8.83
CA LEU C 378 22.95 1.73 -8.59
C LEU C 378 23.23 3.00 -7.79
N ARG C 379 23.04 4.17 -8.40
CA ARG C 379 23.22 5.46 -7.68
C ARG C 379 21.92 6.20 -7.43
N HIS C 380 20.87 5.83 -8.14
CA HIS C 380 19.60 6.53 -8.06
C HIS C 380 18.51 5.52 -8.04
N LEU C 381 17.70 5.55 -6.97
CA LEU C 381 16.51 4.69 -6.89
C LEU C 381 15.30 5.55 -6.53
N ASP C 382 14.34 5.60 -7.45
CA ASP C 382 13.09 6.28 -7.21
C ASP C 382 11.92 5.29 -7.18
N LEU C 383 11.32 5.14 -6.00
CA LEU C 383 10.17 4.26 -5.82
C LEU C 383 8.95 5.03 -5.32
N SER C 384 8.92 6.33 -5.57
CA SER C 384 7.83 7.20 -5.10
C SER C 384 6.49 6.94 -5.79
N PHE C 385 5.42 7.37 -5.12
CA PHE C 385 4.04 7.27 -5.63
C PHE C 385 3.64 5.85 -6.02
N ASN C 386 4.00 4.88 -5.19
CA ASN C 386 3.64 3.49 -5.42
C ASN C 386 2.76 2.93 -4.33
N GLY C 387 2.55 1.62 -4.34
CA GLY C 387 1.71 0.97 -3.35
C GLY C 387 2.55 0.52 -2.19
N ALA C 388 2.22 -0.64 -1.63
CA ALA C 388 2.94 -1.13 -0.47
C ALA C 388 4.32 -1.63 -0.86
N ILE C 389 5.31 -1.20 -0.09
CA ILE C 389 6.69 -1.61 -0.24
C ILE C 389 7.11 -2.22 1.10
N ILE C 390 7.36 -3.52 1.09
CA ILE C 390 7.71 -4.20 2.32
C ILE C 390 9.23 -4.25 2.45
N MET C 391 9.74 -3.58 3.47
CA MET C 391 11.17 -3.61 3.72
C MET C 391 11.52 -4.94 4.37
N SER C 392 12.54 -5.59 3.82
CA SER C 392 12.92 -6.93 4.24
C SER C 392 14.44 -7.11 4.26
N ALA C 393 15.15 -6.24 3.55
CA ALA C 393 16.61 -6.29 3.49
C ALA C 393 17.15 -4.86 3.49
N ASN C 394 18.23 -4.63 4.25
CA ASN C 394 18.76 -3.26 4.37
C ASN C 394 19.80 -2.84 3.32
N PHE C 395 19.50 -3.12 2.06
CA PHE C 395 20.30 -2.68 0.90
C PHE C 395 21.70 -3.29 0.75
N MET C 396 21.86 -4.55 1.16
CA MET C 396 23.11 -5.28 0.93
C MET C 396 23.40 -5.31 -0.54
N GLY C 397 24.60 -4.85 -0.89
CA GLY C 397 25.04 -4.79 -2.28
C GLY C 397 24.66 -3.51 -3.03
N LEU C 398 23.97 -2.58 -2.36
CA LEU C 398 23.53 -1.35 -3.01
C LEU C 398 24.07 -0.11 -2.33
N GLU C 399 25.28 -0.20 -1.79
CA GLU C 399 25.86 0.88 -0.99
C GLU C 399 26.47 2.05 -1.78
N GLU C 400 26.27 2.05 -3.10
CA GLU C 400 26.62 3.19 -3.95
C GLU C 400 25.43 4.14 -4.10
N LEU C 401 24.29 3.78 -3.53
CA LEU C 401 23.10 4.62 -3.61
C LEU C 401 23.32 6.04 -3.09
N GLN C 402 22.96 7.05 -3.87
CA GLN C 402 23.13 8.45 -3.44
C GLN C 402 21.78 9.12 -3.30
N HIS C 403 20.81 8.61 -4.05
CA HIS C 403 19.48 9.21 -4.12
C HIS C 403 18.44 8.13 -3.96
N LEU C 404 17.58 8.27 -2.96
CA LEU C 404 16.53 7.30 -2.70
C LEU C 404 15.20 7.97 -2.34
N ASP C 405 14.15 7.60 -3.06
CA ASP C 405 12.87 8.30 -2.96
C ASP C 405 11.74 7.30 -2.84
N PHE C 406 10.99 7.41 -1.75
CA PHE C 406 9.86 6.55 -1.46
C PHE C 406 8.62 7.37 -1.22
N GLN C 407 8.71 8.68 -1.47
CA GLN C 407 7.63 9.58 -1.08
C GLN C 407 6.25 9.09 -1.54
N HIS C 408 5.27 9.16 -0.65
CA HIS C 408 3.85 8.81 -0.96
C HIS C 408 3.57 7.37 -1.17
N SER C 409 4.58 6.51 -0.97
CA SER C 409 4.38 5.08 -1.08
C SER C 409 4.09 4.54 0.30
N THR C 410 3.64 3.30 0.40
CA THR C 410 3.28 2.71 1.69
C THR C 410 4.42 1.80 2.14
N LEU C 411 5.36 2.36 2.89
CA LEU C 411 6.51 1.60 3.37
C LEU C 411 6.08 0.73 4.53
N LYS C 412 6.64 -0.46 4.61
CA LYS C 412 6.34 -1.35 5.72
C LYS C 412 7.62 -1.84 6.37
N ARG C 413 7.54 -2.01 7.69
CA ARG C 413 8.55 -2.67 8.51
C ARG C 413 9.82 -1.87 8.61
N VAL C 414 9.78 -0.62 8.15
CA VAL C 414 10.95 0.25 8.12
C VAL C 414 11.48 0.60 9.53
N THR C 415 10.63 0.42 10.53
CA THR C 415 11.02 0.72 11.92
C THR C 415 11.34 -0.56 12.67
N GLU C 416 11.29 -1.67 11.95
CA GLU C 416 11.50 -3.01 12.51
C GLU C 416 12.97 -3.31 12.70
N PHE C 417 13.82 -2.57 12.00
CA PHE C 417 15.28 -2.72 12.06
C PHE C 417 15.85 -1.46 11.43
N SER C 418 17.16 -1.47 11.16
CA SER C 418 17.85 -0.33 10.53
C SER C 418 17.89 -0.59 9.04
N ALA C 419 16.76 -0.29 8.41
CA ALA C 419 16.46 -0.52 6.98
C ALA C 419 17.43 0.16 6.02
N PHE C 420 18.20 1.12 6.50
CA PHE C 420 19.10 1.84 5.59
C PHE C 420 20.60 1.63 5.87
N LEU C 421 20.90 0.68 6.75
CA LEU C 421 22.26 0.52 7.30
C LEU C 421 23.38 0.49 6.25
N SER C 422 23.14 -0.09 5.06
CA SER C 422 24.22 -0.18 4.06
C SER C 422 24.51 1.12 3.31
N LEU C 423 23.67 2.13 3.52
CA LEU C 423 23.68 3.28 2.63
C LEU C 423 24.57 4.43 3.13
N GLU C 424 25.86 4.13 3.23
CA GLU C 424 26.86 5.06 3.73
C GLU C 424 27.21 6.20 2.74
N LYS C 425 26.82 6.08 1.49
CA LYS C 425 27.03 7.14 0.50
C LYS C 425 25.75 7.91 0.14
N LEU C 426 24.63 7.58 0.77
CA LEU C 426 23.35 8.21 0.46
C LEU C 426 23.31 9.70 0.82
N LEU C 427 22.93 10.54 -0.14
CA LEU C 427 22.91 11.99 0.06
C LEU C 427 21.49 12.52 0.25
N TYR C 428 20.55 11.91 -0.46
CA TYR C 428 19.17 12.37 -0.52
C TYR C 428 18.25 11.22 -0.10
N LEU C 429 17.36 11.49 0.86
CA LEU C 429 16.34 10.49 1.26
C LEU C 429 14.97 11.15 1.41
N ASP C 430 13.98 10.61 0.72
CA ASP C 430 12.60 11.09 0.87
C ASP C 430 11.66 9.97 1.28
N ILE C 431 11.19 10.01 2.52
CA ILE C 431 10.17 9.08 3.00
C ILE C 431 8.91 9.84 3.44
N SER C 432 8.68 11.02 2.87
CA SER C 432 7.48 11.78 3.17
C SER C 432 6.20 11.02 2.78
N TYR C 433 5.14 11.19 3.57
CA TYR C 433 3.84 10.57 3.31
C TYR C 433 3.91 9.06 3.06
N THR C 434 4.69 8.36 3.87
CA THR C 434 4.81 6.91 3.71
C THR C 434 4.09 6.15 4.83
N ASN C 435 3.39 6.90 5.67
CA ASN C 435 2.73 6.35 6.83
C ASN C 435 3.61 5.60 7.78
N THR C 436 4.75 6.21 8.05
CA THR C 436 5.75 5.67 8.96
C THR C 436 5.59 6.27 10.34
N LYS C 437 5.53 5.42 11.35
CA LYS C 437 5.48 5.87 12.73
C LYS C 437 6.82 5.51 13.33
N ILE C 438 7.63 6.52 13.66
CA ILE C 438 8.99 6.29 14.14
C ILE C 438 9.01 5.79 15.59
N ASP C 439 9.45 4.56 15.74
CA ASP C 439 9.34 3.78 16.95
C ASP C 439 10.73 3.37 17.40
N PHE C 440 11.74 3.71 16.61
CA PHE C 440 13.06 3.12 16.78
C PHE C 440 14.15 4.16 16.50
N ASP C 441 14.93 4.47 17.53
CA ASP C 441 16.00 5.48 17.50
C ASP C 441 17.08 5.18 16.48
N GLY C 442 17.25 3.90 16.18
CA GLY C 442 18.18 3.47 15.18
C GLY C 442 17.65 3.44 13.74
N ILE C 443 16.46 3.99 13.51
CA ILE C 443 15.84 3.99 12.16
C ILE C 443 16.71 4.53 11.01
N PHE C 444 17.58 5.49 11.31
CA PHE C 444 18.46 6.09 10.29
C PHE C 444 19.92 5.69 10.43
N LEU C 445 20.22 4.72 11.29
CA LEU C 445 21.60 4.24 11.45
C LEU C 445 22.26 3.96 10.10
N GLY C 446 23.52 4.36 9.95
CA GLY C 446 24.25 4.08 8.71
C GLY C 446 24.24 5.26 7.75
N LEU C 447 23.35 6.21 7.99
CA LEU C 447 23.17 7.34 7.07
C LEU C 447 24.12 8.55 7.28
N THR C 448 25.42 8.31 7.31
CA THR C 448 26.38 9.36 7.68
C THR C 448 26.75 10.38 6.58
N SER C 449 26.36 10.14 5.33
CA SER C 449 26.61 11.09 4.25
C SER C 449 25.39 11.95 3.96
N LEU C 450 24.24 11.57 4.52
CA LEU C 450 22.95 12.11 4.13
C LEU C 450 22.86 13.63 4.29
N ASN C 451 22.53 14.33 3.20
CA ASN C 451 22.32 15.79 3.30
C ASN C 451 20.88 16.19 3.50
N THR C 452 20.02 15.63 2.65
CA THR C 452 18.60 15.95 2.59
C THR C 452 17.79 14.81 3.19
N LEU C 453 17.03 15.13 4.24
CA LEU C 453 16.08 14.19 4.82
C LEU C 453 14.70 14.81 4.77
N LYS C 454 13.88 14.28 3.88
CA LYS C 454 12.50 14.69 3.75
C LYS C 454 11.69 13.60 4.37
N MET C 455 10.91 13.94 5.39
CA MET C 455 10.09 12.94 6.07
C MET C 455 8.73 13.50 6.53
N ALA C 456 8.18 14.43 5.76
CA ALA C 456 6.89 15.04 6.06
C ALA C 456 5.71 14.04 6.05
N GLY C 457 4.67 14.33 6.84
CA GLY C 457 3.42 13.55 6.82
C GLY C 457 3.45 12.18 7.47
N ASN C 458 4.36 11.99 8.41
CA ASN C 458 4.46 10.76 9.18
C ASN C 458 4.11 11.05 10.65
N SER C 459 4.57 10.22 11.57
CA SER C 459 4.32 10.51 12.95
C SER C 459 5.38 9.86 13.81
N PHE C 460 5.39 10.16 15.11
CA PHE C 460 6.35 9.60 16.07
C PHE C 460 5.63 8.97 17.24
N LYS C 461 6.28 8.00 17.91
CA LYS C 461 5.66 7.41 19.09
C LYS C 461 5.48 8.48 20.18
N ASP C 462 4.26 8.54 20.73
CA ASP C 462 3.88 9.51 21.76
C ASP C 462 3.93 10.95 21.28
N ASN C 463 3.81 11.14 19.97
CA ASN C 463 3.98 12.47 19.34
C ASN C 463 5.23 13.24 19.81
N THR C 464 6.29 12.50 20.12
CA THR C 464 7.53 13.07 20.62
C THR C 464 8.63 12.89 19.58
N LEU C 465 9.37 13.95 19.31
CA LEU C 465 10.53 13.88 18.41
C LEU C 465 11.72 13.28 19.15
N SER C 466 12.10 12.08 18.73
CA SER C 466 13.12 11.31 19.42
C SER C 466 14.51 11.48 18.81
N ASN C 467 15.50 10.89 19.48
CA ASN C 467 16.89 11.01 19.13
C ASN C 467 17.24 10.16 17.91
N VAL C 468 16.62 10.46 16.76
CA VAL C 468 16.85 9.70 15.53
C VAL C 468 17.93 10.31 14.61
N PHE C 469 18.54 11.42 15.03
CA PHE C 469 19.42 12.23 14.19
C PHE C 469 20.86 12.31 14.73
N ALA C 470 21.12 11.63 15.84
CA ALA C 470 22.41 11.67 16.52
C ALA C 470 23.63 11.41 15.62
N ASN C 471 23.46 10.61 14.58
CA ASN C 471 24.54 10.27 13.67
C ASN C 471 24.28 10.61 12.19
N THR C 472 23.25 11.41 11.94
CA THR C 472 23.03 11.97 10.62
C THR C 472 23.62 13.37 10.63
N THR C 473 24.93 13.38 10.80
CA THR C 473 25.69 14.58 11.08
C THR C 473 25.89 15.51 9.87
N ASN C 474 25.81 14.95 8.67
CA ASN C 474 26.00 15.72 7.44
C ASN C 474 24.71 16.37 6.89
N LEU C 475 23.62 16.27 7.64
CA LEU C 475 22.32 16.89 7.27
C LEU C 475 22.41 18.41 7.09
N THR C 476 21.95 18.91 5.94
CA THR C 476 21.83 20.35 5.67
C THR C 476 20.37 20.75 5.45
N PHE C 477 19.51 19.77 5.23
CA PHE C 477 18.09 20.00 4.94
C PHE C 477 17.25 18.95 5.66
N LEU C 478 16.37 19.39 6.56
CA LEU C 478 15.53 18.48 7.34
C LEU C 478 14.08 18.95 7.39
N ASP C 479 13.18 18.18 6.75
CA ASP C 479 11.74 18.50 6.71
C ASP C 479 10.92 17.55 7.59
N LEU C 480 10.37 18.10 8.67
CA LEU C 480 9.56 17.33 9.64
C LEU C 480 8.12 17.85 9.74
N SER C 481 7.69 18.54 8.69
CA SER C 481 6.34 19.12 8.67
C SER C 481 5.24 18.04 8.68
N LYS C 482 4.10 18.40 9.25
CA LYS C 482 2.90 17.54 9.26
C LYS C 482 3.11 16.19 9.94
N CYS C 483 3.98 16.18 10.94
CA CYS C 483 4.31 14.97 11.67
C CYS C 483 3.56 14.79 12.99
N GLN C 484 2.49 15.58 13.17
CA GLN C 484 1.66 15.53 14.39
C GLN C 484 2.50 15.68 15.68
N LEU C 485 3.64 16.35 15.58
CA LEU C 485 4.52 16.52 16.75
C LEU C 485 3.92 17.42 17.82
N GLU C 486 4.13 17.05 19.08
CA GLU C 486 3.63 17.80 20.24
C GLU C 486 4.76 18.15 21.19
N GLN C 487 5.84 17.38 21.11
CA GLN C 487 6.99 17.53 22.00
C GLN C 487 8.29 17.23 21.29
N ILE C 488 9.40 17.72 21.86
CA ILE C 488 10.73 17.48 21.34
C ILE C 488 11.63 17.04 22.48
N SER C 489 12.14 15.81 22.42
CA SER C 489 13.09 15.35 23.44
C SER C 489 14.29 16.27 23.45
N TRP C 490 14.94 16.35 24.61
CA TRP C 490 16.11 17.20 24.80
C TRP C 490 17.27 16.64 24.04
N GLY C 491 18.03 17.51 23.38
CA GLY C 491 19.28 17.12 22.71
C GLY C 491 19.19 16.66 21.27
N VAL C 492 17.95 16.54 20.77
CA VAL C 492 17.66 15.98 19.46
C VAL C 492 18.46 16.56 18.27
N PHE C 493 18.72 17.87 18.29
CA PHE C 493 19.39 18.56 17.18
C PHE C 493 20.86 18.90 17.44
N ASP C 494 21.37 18.53 18.61
CA ASP C 494 22.68 18.97 19.09
C ASP C 494 23.84 18.62 18.17
N THR C 495 23.65 17.57 17.39
CA THR C 495 24.64 16.99 16.50
C THR C 495 24.66 17.64 15.09
N LEU C 496 23.64 18.43 14.81
CA LEU C 496 23.43 18.88 13.43
C LEU C 496 24.09 20.23 13.12
N HIS C 497 25.40 20.30 13.33
CA HIS C 497 26.16 21.57 13.17
C HIS C 497 26.12 22.20 11.80
N ARG C 498 25.78 21.42 10.78
CA ARG C 498 25.72 21.88 9.38
C ARG C 498 24.30 22.07 8.85
N LEU C 499 23.30 21.79 9.67
CA LEU C 499 21.91 21.96 9.23
C LEU C 499 21.62 23.41 8.81
N GLN C 500 21.06 23.60 7.62
CA GLN C 500 20.74 24.94 7.10
C GLN C 500 19.26 25.29 7.10
N LEU C 501 18.43 24.27 6.90
CA LEU C 501 17.00 24.47 6.90
C LEU C 501 16.33 23.39 7.72
N LEU C 502 15.45 23.82 8.61
CA LEU C 502 14.68 22.94 9.44
C LEU C 502 13.21 23.35 9.38
N ASN C 503 12.39 22.48 8.82
CA ASN C 503 10.98 22.77 8.67
C ASN C 503 10.21 21.92 9.64
N MET C 504 9.51 22.58 10.56
CA MET C 504 8.66 21.87 11.50
C MET C 504 7.28 22.47 11.53
N SER C 505 6.84 23.00 10.40
CA SER C 505 5.55 23.65 10.31
C SER C 505 4.40 22.63 10.27
N HIS C 506 3.21 23.05 10.68
CA HIS C 506 2.00 22.23 10.59
C HIS C 506 2.08 21.07 11.52
N ASN C 507 2.68 21.31 12.69
CA ASN C 507 2.61 20.35 13.81
C ASN C 507 1.69 20.90 14.91
N ASN C 508 1.89 20.42 16.15
CA ASN C 508 1.07 20.82 17.30
C ASN C 508 1.91 21.26 18.53
N LEU C 509 3.09 21.84 18.27
CA LEU C 509 3.93 22.38 19.33
C LEU C 509 3.21 23.52 20.06
N LEU C 510 3.18 23.46 21.38
CA LEU C 510 2.57 24.50 22.21
C LEU C 510 3.53 25.64 22.50
N PHE C 511 4.82 25.36 22.37
CA PHE C 511 5.86 26.37 22.55
C PHE C 511 7.18 25.94 21.92
N LEU C 512 8.10 26.89 21.77
CA LEU C 512 9.48 26.61 21.40
C LEU C 512 10.42 26.74 22.59
N ASP C 513 11.59 26.11 22.46
CA ASP C 513 12.65 26.16 23.46
C ASP C 513 13.99 26.45 22.76
N SER C 514 14.64 27.54 23.13
CA SER C 514 15.94 27.94 22.55
C SER C 514 16.98 26.81 22.46
N SER C 515 17.08 26.00 23.51
CA SER C 515 18.19 25.04 23.64
C SER C 515 18.19 23.90 22.62
N HIS C 516 17.03 23.64 22.02
CA HIS C 516 16.90 22.69 20.95
C HIS C 516 17.69 23.13 19.75
N TYR C 517 17.84 24.44 19.60
CA TYR C 517 18.44 25.04 18.42
C TYR C 517 19.81 25.68 18.66
N ASN C 518 20.30 25.65 19.90
CA ASN C 518 21.50 26.44 20.21
C ASN C 518 22.79 25.93 19.55
N GLN C 519 22.78 24.70 19.08
CA GLN C 519 23.98 24.15 18.46
C GLN C 519 23.87 24.11 16.95
N LEU C 520 22.80 24.70 16.43
CA LEU C 520 22.56 24.73 14.99
C LEU C 520 23.27 25.92 14.36
N TYR C 521 24.59 25.89 14.48
CA TYR C 521 25.45 27.00 14.13
C TYR C 521 25.35 27.47 12.71
N SER C 522 24.72 26.66 11.86
CA SER C 522 24.62 26.92 10.41
C SER C 522 23.20 27.24 9.95
N LEU C 523 22.25 27.21 10.87
CA LEU C 523 20.83 27.34 10.52
C LEU C 523 20.54 28.71 9.93
N SER C 524 19.94 28.72 8.73
CA SER C 524 19.47 29.95 8.11
C SER C 524 17.93 30.05 8.10
N THR C 525 17.26 28.94 7.88
CA THR C 525 15.81 28.95 7.87
C THR C 525 15.22 27.96 8.86
N LEU C 526 14.37 28.48 9.73
CA LEU C 526 13.64 27.66 10.68
C LEU C 526 12.15 27.97 10.55
N ASP C 527 11.40 26.99 10.07
CA ASP C 527 9.98 27.16 9.81
C ASP C 527 9.11 26.46 10.85
N CYS C 528 8.49 27.24 11.72
CA CYS C 528 7.56 26.68 12.72
C CYS C 528 6.13 27.21 12.58
N SER C 529 5.80 27.66 11.37
CA SER C 529 4.48 28.17 11.08
C SER C 529 3.39 27.07 11.16
N PHE C 530 2.17 27.47 11.50
CA PHE C 530 1.02 26.56 11.60
C PHE C 530 1.22 25.51 12.66
N ASN C 531 1.80 25.93 13.77
CA ASN C 531 1.80 25.12 14.95
C ASN C 531 0.79 25.77 15.89
N ARG C 532 1.02 25.67 17.20
CA ARG C 532 0.17 26.32 18.20
C ARG C 532 1.06 27.02 19.21
N ILE C 533 2.16 27.55 18.71
CA ILE C 533 3.19 28.18 19.53
C ILE C 533 2.59 29.37 20.31
N GLU C 534 2.73 29.32 21.63
CA GLU C 534 2.28 30.39 22.53
C GLU C 534 3.42 31.34 22.90
N THR C 535 4.61 30.79 23.13
CA THR C 535 5.85 31.55 23.30
C THR C 535 7.06 30.65 23.13
N SER C 536 8.25 31.25 23.27
CA SER C 536 9.47 30.46 23.38
C SER C 536 10.15 30.65 24.75
N LYS C 537 10.76 29.57 25.23
CA LYS C 537 11.50 29.57 26.47
C LYS C 537 13.01 29.43 26.22
N GLY C 538 13.81 29.49 27.29
CA GLY C 538 15.26 29.35 27.21
C GLY C 538 15.93 30.69 26.99
N ILE C 539 17.25 30.67 26.77
CA ILE C 539 18.00 31.90 26.45
C ILE C 539 17.76 32.32 25.01
N LEU C 540 16.88 33.28 24.83
CA LEU C 540 16.47 33.73 23.50
C LEU C 540 17.63 34.17 22.59
N GLN C 541 18.66 34.79 23.16
CA GLN C 541 19.85 35.20 22.39
C GLN C 541 20.67 33.98 21.91
N HIS C 542 20.27 32.79 22.33
CA HIS C 542 20.98 31.59 21.95
C HIS C 542 20.49 30.92 20.68
N PHE C 543 19.38 31.43 20.11
CA PHE C 543 18.95 31.02 18.76
C PHE C 543 20.13 31.29 17.83
N PRO C 544 20.33 30.42 16.81
CA PRO C 544 21.50 30.58 15.96
C PRO C 544 21.64 31.99 15.41
N LYS C 545 22.85 32.54 15.50
CA LYS C 545 23.11 33.89 15.01
C LYS C 545 22.95 33.98 13.49
N SER C 546 23.19 32.85 12.80
CA SER C 546 23.08 32.74 11.33
C SER C 546 21.64 32.74 10.83
N LEU C 547 20.68 32.75 11.75
CA LEU C 547 19.26 32.66 11.40
C LEU C 547 18.85 33.88 10.58
N ALA C 548 18.21 33.64 9.45
CA ALA C 548 17.75 34.73 8.60
C ALA C 548 16.23 34.74 8.41
N PHE C 549 15.66 33.57 8.16
CA PHE C 549 14.21 33.45 7.95
C PHE C 549 13.63 32.53 9.00
N PHE C 550 12.92 33.12 9.97
CA PHE C 550 12.36 32.38 11.09
C PHE C 550 10.86 32.57 11.00
N ASN C 551 10.18 31.53 10.54
CA ASN C 551 8.76 31.63 10.29
C ASN C 551 7.93 31.19 11.47
N LEU C 552 7.17 32.13 12.01
CA LEU C 552 6.31 31.91 13.16
C LEU C 552 4.88 32.36 12.91
N THR C 553 4.50 32.50 11.64
CA THR C 553 3.14 32.93 11.33
C THR C 553 2.17 31.81 11.69
N ASN C 554 0.89 32.17 11.79
CA ASN C 554 -0.18 31.19 11.97
C ASN C 554 0.01 30.35 13.21
N ASN C 555 0.38 31.01 14.30
CA ASN C 555 0.49 30.35 15.57
C ASN C 555 -0.56 30.87 16.54
N SER C 556 -0.33 30.72 17.85
CA SER C 556 -1.23 31.34 18.83
C SER C 556 -0.46 31.98 19.99
N VAL C 557 0.30 33.03 19.66
CA VAL C 557 1.12 33.76 20.63
C VAL C 557 0.27 34.31 21.78
N ALA C 558 0.82 34.26 22.99
CA ALA C 558 0.09 34.63 24.19
C ALA C 558 0.62 35.97 24.75
N CYS C 559 -0.06 37.05 24.39
CA CYS C 559 0.33 38.41 24.79
C CYS C 559 0.00 38.70 26.27
N ILE C 560 0.66 37.96 27.15
CA ILE C 560 0.51 38.11 28.59
C ILE C 560 1.84 38.63 29.17
N CYS C 561 1.76 39.33 30.30
CA CYS C 561 2.93 39.93 30.96
C CYS C 561 3.97 38.94 31.50
N GLU C 562 3.72 37.63 31.41
CA GLU C 562 4.73 36.65 31.80
C GLU C 562 5.52 36.09 30.60
N HIS C 563 5.23 36.60 29.41
CA HIS C 563 6.02 36.26 28.25
C HIS C 563 6.75 37.46 27.73
N GLN C 564 7.09 38.38 28.64
CA GLN C 564 7.66 39.68 28.26
C GLN C 564 9.05 39.59 27.61
N LYS C 565 9.96 38.84 28.21
CA LYS C 565 11.28 38.66 27.59
C LYS C 565 11.12 38.24 26.14
N PHE C 566 10.24 37.27 25.89
CA PHE C 566 9.93 36.82 24.52
C PHE C 566 9.32 37.92 23.65
N LEU C 567 8.32 38.60 24.19
CA LEU C 567 7.62 39.65 23.44
C LEU C 567 8.56 40.80 23.10
N GLN C 568 9.39 41.20 24.05
CA GLN C 568 10.49 42.12 23.77
C GLN C 568 11.40 41.59 22.64
N TRP C 569 11.83 40.33 22.76
CA TRP C 569 12.69 39.68 21.76
C TRP C 569 12.12 39.69 20.37
N VAL C 570 10.80 39.51 20.25
CA VAL C 570 10.10 39.62 18.96
C VAL C 570 10.43 40.93 18.24
N LYS C 571 10.41 42.05 18.99
CA LYS C 571 10.66 43.37 18.41
C LYS C 571 12.10 43.57 17.94
N GLU C 572 13.07 43.17 18.77
CA GLU C 572 14.49 43.31 18.42
C GLU C 572 14.89 42.40 17.24
N GLN C 573 14.38 41.17 17.25
CA GLN C 573 14.72 40.18 16.21
C GLN C 573 13.74 40.19 15.03
N LYS C 574 13.02 41.29 14.84
CA LYS C 574 11.95 41.36 13.83
C LYS C 574 12.43 41.36 12.37
N GLN C 575 13.67 41.79 12.15
CA GLN C 575 14.33 41.73 10.84
C GLN C 575 14.34 40.30 10.27
N PHE C 576 14.41 39.31 11.17
CA PHE C 576 14.57 37.90 10.79
C PHE C 576 13.27 37.11 10.85
N LEU C 577 12.35 37.53 11.71
CA LEU C 577 11.01 36.97 11.73
C LEU C 577 10.28 37.39 10.45
N VAL C 578 9.60 36.44 9.80
CA VAL C 578 8.97 36.72 8.51
C VAL C 578 7.48 37.06 8.67
N ASN C 579 7.06 38.14 8.03
CA ASN C 579 5.71 38.69 8.20
C ASN C 579 5.39 38.97 9.67
N VAL C 580 6.36 39.53 10.39
CA VAL C 580 6.19 39.92 11.80
C VAL C 580 5.02 40.89 11.95
N GLU C 581 4.86 41.76 10.96
CA GLU C 581 3.89 42.86 11.00
C GLU C 581 2.44 42.41 10.78
N GLN C 582 2.27 41.18 10.30
CA GLN C 582 0.94 40.58 10.20
C GLN C 582 0.61 39.64 11.37
N MET C 583 1.56 39.49 12.30
CA MET C 583 1.38 38.61 13.45
C MET C 583 0.45 39.22 14.47
N THR C 584 -0.57 38.45 14.86
CA THR C 584 -1.57 38.91 15.82
C THR C 584 -1.63 37.99 17.05
N CYS C 585 -1.91 38.58 18.21
CA CYS C 585 -2.11 37.83 19.44
C CYS C 585 -3.31 36.89 19.34
N ALA C 586 -3.30 35.84 20.17
CA ALA C 586 -4.46 35.00 20.38
C ALA C 586 -4.82 35.08 21.88
N GLN D 5 -26.68 27.38 -21.78
CA GLN D 5 -26.54 28.64 -22.57
C GLN D 5 -25.85 28.34 -23.90
N GLN D 6 -24.74 27.60 -23.85
CA GLN D 6 -23.93 27.31 -25.03
C GLN D 6 -24.33 26.02 -25.74
N TRP D 7 -24.45 24.93 -24.99
CA TRP D 7 -24.76 23.62 -25.56
C TRP D 7 -25.66 22.80 -24.68
N PHE D 8 -26.32 21.81 -25.28
CA PHE D 8 -27.33 21.01 -24.59
C PHE D 8 -27.39 19.65 -25.27
N CYS D 9 -27.44 18.57 -24.49
CA CYS D 9 -27.67 17.23 -25.03
C CYS D 9 -28.34 16.32 -24.02
N ASN D 10 -29.06 15.33 -24.56
CA ASN D 10 -29.84 14.41 -23.74
C ASN D 10 -29.47 12.98 -24.07
N SER D 11 -29.47 12.17 -23.03
CA SER D 11 -29.17 10.75 -23.13
C SER D 11 -30.22 10.01 -22.32
N SER D 12 -30.26 8.68 -22.47
CA SER D 12 -31.17 7.87 -21.66
C SER D 12 -31.07 8.18 -20.16
N ASP D 13 -29.85 8.38 -19.63
CA ASP D 13 -29.69 8.60 -18.19
C ASP D 13 -29.23 9.99 -17.73
N ALA D 14 -28.81 10.84 -18.68
CA ALA D 14 -28.38 12.20 -18.33
C ALA D 14 -28.84 13.30 -19.29
N ILE D 15 -29.03 14.49 -18.73
CA ILE D 15 -29.08 15.69 -19.54
C ILE D 15 -27.89 16.55 -19.15
N ILE D 16 -27.19 17.07 -20.16
CA ILE D 16 -25.91 17.75 -19.98
C ILE D 16 -25.97 19.11 -20.69
N SER D 17 -25.44 20.14 -20.02
CA SER D 17 -25.41 21.50 -20.54
C SER D 17 -24.33 22.34 -19.87
N TYR D 18 -23.91 23.42 -20.54
CA TYR D 18 -22.92 24.31 -19.95
C TYR D 18 -23.01 25.76 -20.42
N SER D 19 -22.37 26.63 -19.64
CA SER D 19 -22.14 28.03 -19.96
C SER D 19 -20.71 28.35 -19.56
N TYR D 20 -20.24 29.54 -19.94
CA TYR D 20 -18.95 30.03 -19.47
C TYR D 20 -19.00 30.35 -17.98
N CYS D 21 -17.86 30.23 -17.31
CA CYS D 21 -17.70 30.63 -15.90
C CYS D 21 -17.97 32.12 -15.76
N ASP D 22 -18.76 32.47 -14.74
CA ASP D 22 -19.21 33.85 -14.51
C ASP D 22 -18.15 34.94 -14.68
N HIS D 23 -16.99 34.74 -14.07
CA HIS D 23 -15.91 35.73 -14.13
C HIS D 23 -14.73 35.31 -14.97
N LEU D 24 -14.98 34.44 -15.95
CA LEU D 24 -13.99 34.05 -16.94
C LEU D 24 -14.71 33.44 -18.13
N LYS D 25 -14.58 34.08 -19.30
CA LYS D 25 -15.49 33.85 -20.42
C LYS D 25 -14.81 33.69 -21.78
N PHE D 26 -13.51 33.37 -21.80
CA PHE D 26 -12.78 33.09 -23.05
C PHE D 26 -13.48 32.03 -23.92
N PRO D 27 -13.66 32.30 -25.23
CA PRO D 27 -14.48 31.45 -26.11
C PRO D 27 -13.92 30.04 -26.36
N ILE D 28 -14.81 29.04 -26.28
CA ILE D 28 -14.52 27.65 -26.64
C ILE D 28 -15.85 27.05 -27.10
N SER D 29 -15.89 26.48 -28.29
CA SER D 29 -17.03 25.65 -28.67
C SER D 29 -16.68 24.18 -28.49
N ILE D 30 -17.36 23.54 -27.53
CA ILE D 30 -17.11 22.13 -27.24
C ILE D 30 -18.39 21.29 -27.24
N SER D 31 -18.25 20.04 -27.68
CA SER D 31 -19.39 19.18 -27.95
C SER D 31 -18.99 17.70 -27.94
N SER D 32 -19.89 16.84 -27.47
CA SER D 32 -19.65 15.41 -27.47
C SER D 32 -20.66 14.69 -28.34
N GLU D 33 -20.18 13.69 -29.07
CA GLU D 33 -21.02 12.85 -29.90
C GLU D 33 -20.71 11.39 -29.59
N PRO D 34 -21.68 10.65 -29.04
CA PRO D 34 -23.03 11.14 -28.71
C PRO D 34 -23.05 11.92 -27.40
N CYS D 35 -24.25 12.32 -26.98
CA CYS D 35 -24.47 12.80 -25.62
C CYS D 35 -24.06 11.70 -24.64
N ILE D 36 -23.63 12.11 -23.45
CA ILE D 36 -23.05 11.16 -22.50
C ILE D 36 -24.07 10.33 -21.68
N ARG D 37 -24.10 9.03 -21.93
CA ARG D 37 -24.71 8.07 -21.02
C ARG D 37 -23.70 7.87 -19.90
N LEU D 38 -24.05 8.30 -18.69
CA LEU D 38 -23.15 8.19 -17.55
C LEU D 38 -22.81 6.75 -17.20
N ARG D 39 -23.72 5.83 -17.51
CA ARG D 39 -23.50 4.40 -17.28
C ARG D 39 -22.48 3.79 -18.24
N GLY D 40 -22.22 4.47 -19.35
CA GLY D 40 -21.27 3.98 -20.36
C GLY D 40 -21.43 4.57 -21.75
N THR D 41 -20.38 5.23 -22.23
CA THR D 41 -20.38 5.91 -23.53
C THR D 41 -19.08 5.71 -24.30
N ASN D 42 -19.19 5.57 -25.61
CA ASN D 42 -18.07 5.65 -26.55
C ASN D 42 -18.36 6.75 -27.56
N GLY D 43 -17.37 7.59 -27.84
CA GLY D 43 -17.57 8.64 -28.84
C GLY D 43 -16.42 9.59 -29.02
N PHE D 44 -16.71 10.80 -29.46
CA PHE D 44 -15.70 11.83 -29.67
C PHE D 44 -16.14 13.11 -28.97
N VAL D 45 -15.17 13.85 -28.43
CA VAL D 45 -15.43 15.20 -27.94
C VAL D 45 -14.87 16.14 -28.99
N HIS D 46 -15.76 16.91 -29.61
CA HIS D 46 -15.35 17.91 -30.61
C HIS D 46 -15.04 19.21 -29.95
N VAL D 47 -13.91 19.80 -30.32
CA VAL D 47 -13.44 21.03 -29.68
C VAL D 47 -12.89 21.96 -30.72
N GLU D 48 -13.48 23.15 -30.80
CA GLU D 48 -12.96 24.20 -31.68
C GLU D 48 -12.69 25.47 -30.87
N PHE D 49 -11.45 25.95 -30.94
CA PHE D 49 -11.10 27.23 -30.28
C PHE D 49 -9.70 27.76 -30.55
N ILE D 50 -9.49 29.00 -30.12
CA ILE D 50 -8.19 29.64 -30.14
C ILE D 50 -7.79 29.81 -28.68
N PRO D 51 -6.90 28.94 -28.19
CA PRO D 51 -6.41 29.02 -26.81
C PRO D 51 -5.59 30.29 -26.54
N ARG D 52 -5.64 30.76 -25.29
CA ARG D 52 -4.98 32.00 -24.90
C ARG D 52 -3.57 31.76 -24.32
N GLY D 53 -3.15 30.51 -24.28
CA GLY D 53 -1.80 30.13 -23.84
C GLY D 53 -1.32 28.86 -24.54
N ASN D 54 -0.04 28.57 -24.43
CA ASN D 54 0.56 27.32 -24.93
C ASN D 54 -0.07 26.11 -24.28
N LEU D 55 -0.45 25.12 -25.09
CA LEU D 55 -1.13 23.94 -24.55
C LEU D 55 -0.14 22.85 -24.09
N LYS D 56 1.15 23.15 -24.17
CA LYS D 56 2.17 22.15 -23.87
C LYS D 56 1.96 21.38 -22.55
N TYR D 57 1.45 22.07 -21.53
CA TYR D 57 1.28 21.47 -20.21
C TYR D 57 -0.16 21.52 -19.70
N LEU D 58 -1.12 21.37 -20.60
CA LEU D 58 -2.53 21.56 -20.29
C LEU D 58 -3.11 20.55 -19.30
N TYR D 59 -3.80 21.06 -18.27
CA TYR D 59 -4.57 20.21 -17.36
C TYR D 59 -5.86 20.92 -16.93
N PHE D 60 -6.75 20.18 -16.27
CA PHE D 60 -8.02 20.75 -15.76
C PHE D 60 -8.16 20.60 -14.25
N ASN D 61 -8.54 21.70 -13.58
CA ASN D 61 -9.09 21.60 -12.24
C ASN D 61 -10.58 21.40 -12.39
N LEU D 62 -11.10 20.35 -11.77
CA LEU D 62 -12.54 20.08 -11.78
C LEU D 62 -13.17 20.17 -10.39
N PHE D 63 -14.15 21.06 -10.28
CA PHE D 63 -14.87 21.35 -9.06
C PHE D 63 -16.29 20.83 -9.17
N ILE D 64 -16.52 19.64 -8.60
CA ILE D 64 -17.79 18.93 -8.70
C ILE D 64 -18.64 19.06 -7.42
N SER D 65 -19.94 19.23 -7.61
CA SER D 65 -20.92 19.16 -6.53
C SER D 65 -22.04 18.21 -6.92
N VAL D 66 -22.47 17.38 -5.97
CA VAL D 66 -23.60 16.48 -6.16
C VAL D 66 -24.68 16.96 -5.19
N ASN D 67 -25.82 17.40 -5.73
CA ASN D 67 -26.89 17.94 -4.92
C ASN D 67 -26.39 18.90 -3.82
N SER D 68 -25.37 19.70 -4.19
CA SER D 68 -24.75 20.70 -3.32
C SER D 68 -23.73 20.14 -2.30
N ILE D 69 -23.48 18.83 -2.36
CA ILE D 69 -22.42 18.19 -1.61
C ILE D 69 -21.18 18.21 -2.50
N GLU D 70 -20.12 18.91 -2.09
CA GLU D 70 -18.99 19.11 -3.01
C GLU D 70 -17.79 18.19 -2.84
N LEU D 71 -17.26 17.77 -3.99
CA LEU D 71 -16.09 16.90 -4.07
C LEU D 71 -14.81 17.72 -3.92
N PRO D 72 -13.74 17.09 -3.37
CA PRO D 72 -12.43 17.73 -3.42
C PRO D 72 -12.02 18.03 -4.85
N LYS D 73 -11.23 19.08 -5.05
CA LYS D 73 -10.68 19.43 -6.37
C LYS D 73 -10.10 18.20 -7.08
N ARG D 74 -10.56 17.96 -8.30
CA ARG D 74 -10.06 16.85 -9.09
C ARG D 74 -9.15 17.37 -10.21
N LYS D 75 -7.85 17.18 -10.05
CA LYS D 75 -6.86 17.59 -11.04
C LYS D 75 -6.66 16.50 -12.11
N GLU D 76 -7.01 16.82 -13.36
CA GLU D 76 -6.85 15.91 -14.51
C GLU D 76 -5.95 16.51 -15.59
N VAL D 77 -4.88 15.80 -15.93
CA VAL D 77 -3.88 16.23 -16.92
C VAL D 77 -4.20 15.71 -18.33
N LEU D 78 -3.94 16.52 -19.34
CA LEU D 78 -4.11 16.10 -20.73
C LEU D 78 -2.81 16.13 -21.52
N CYS D 79 -1.95 17.08 -21.21
CA CYS D 79 -0.66 17.20 -21.85
C CYS D 79 0.42 17.29 -20.79
N HIS D 80 1.30 16.30 -20.78
CA HIS D 80 2.38 16.12 -19.78
C HIS D 80 3.64 16.85 -20.12
N GLY D 81 3.89 17.10 -21.40
CA GLY D 81 5.09 17.84 -21.84
C GLY D 81 6.12 17.04 -22.62
N HIS D 82 5.85 15.76 -22.83
CA HIS D 82 6.77 14.84 -23.49
C HIS D 82 5.97 13.81 -24.22
N ASP D 83 6.16 13.74 -25.54
CA ASP D 83 5.51 12.73 -26.36
C ASP D 83 4.06 12.50 -25.98
N ASP D 84 3.27 13.57 -25.98
CA ASP D 84 1.86 13.46 -25.61
C ASP D 84 1.03 12.82 -26.69
N ASP D 85 -0.04 12.17 -26.26
CA ASP D 85 -0.96 11.42 -27.10
C ASP D 85 -1.70 12.30 -28.11
N TYR D 86 -1.93 13.55 -27.75
CA TYR D 86 -2.86 14.39 -28.53
C TYR D 86 -2.18 15.46 -29.39
N SER D 87 -2.74 15.64 -30.58
CA SER D 87 -2.41 16.73 -31.51
C SER D 87 -2.43 18.13 -30.88
N PHE D 88 -3.44 18.44 -30.06
CA PHE D 88 -3.57 19.80 -29.53
C PHE D 88 -2.47 20.25 -28.55
N CYS D 89 -1.84 19.30 -27.87
CA CYS D 89 -0.73 19.60 -26.95
C CYS D 89 0.35 20.48 -27.58
N ARG D 90 0.52 20.38 -28.89
CA ARG D 90 1.59 21.12 -29.57
C ARG D 90 1.19 22.53 -30.00
N ALA D 91 -0.10 22.84 -29.89
CA ALA D 91 -0.63 24.14 -30.29
C ALA D 91 -0.13 25.27 -29.39
N LEU D 92 0.15 26.41 -30.02
CA LEU D 92 0.65 27.59 -29.32
C LEU D 92 -0.46 28.60 -29.02
N LYS D 93 -0.15 29.58 -28.17
CA LYS D 93 -1.02 30.73 -27.95
C LYS D 93 -1.34 31.41 -29.28
N GLY D 94 -2.62 31.61 -29.55
CA GLY D 94 -3.09 32.24 -30.79
C GLY D 94 -3.43 31.28 -31.91
N GLU D 95 -2.87 30.08 -31.88
CA GLU D 95 -3.06 29.09 -32.94
C GLU D 95 -4.45 28.45 -32.89
N THR D 96 -5.09 28.32 -34.04
CA THR D 96 -6.41 27.69 -34.10
C THR D 96 -6.33 26.20 -33.77
N VAL D 97 -7.32 25.72 -33.03
CA VAL D 97 -7.43 24.33 -32.60
C VAL D 97 -8.78 23.78 -33.05
N ASN D 98 -8.75 22.74 -33.86
CA ASN D 98 -9.96 22.10 -34.34
C ASN D 98 -9.71 20.61 -34.41
N THR D 99 -10.28 19.85 -33.45
CA THR D 99 -10.02 18.42 -33.35
C THR D 99 -11.17 17.60 -32.76
N SER D 100 -11.12 16.28 -32.96
CA SER D 100 -12.07 15.34 -32.37
C SER D 100 -11.35 14.32 -31.48
N ILE D 101 -11.52 14.47 -30.17
CA ILE D 101 -10.89 13.60 -29.18
C ILE D 101 -11.77 12.42 -28.81
N PRO D 102 -11.33 11.19 -29.11
CA PRO D 102 -12.13 10.03 -28.72
C PRO D 102 -12.13 9.81 -27.19
N PHE D 103 -13.18 9.15 -26.70
CA PHE D 103 -13.27 8.77 -25.30
C PHE D 103 -14.13 7.53 -25.09
N SER D 104 -13.91 6.84 -23.99
CA SER D 104 -14.63 5.63 -23.62
C SER D 104 -14.61 5.49 -22.10
N PHE D 105 -15.71 5.00 -21.54
CA PHE D 105 -15.73 4.62 -20.12
C PHE D 105 -16.87 3.65 -19.85
N GLU D 106 -16.70 2.83 -18.82
CA GLU D 106 -17.59 1.71 -18.54
C GLU D 106 -18.68 2.04 -17.54
N GLY D 107 -18.49 3.11 -16.77
CA GLY D 107 -19.60 3.66 -15.98
C GLY D 107 -19.70 3.16 -14.56
N ILE D 108 -19.49 4.09 -13.63
CA ILE D 108 -19.67 3.83 -12.21
C ILE D 108 -21.15 4.06 -11.85
N LEU D 109 -21.53 3.79 -10.61
CA LEU D 109 -22.86 4.14 -10.13
C LEU D 109 -22.80 5.54 -9.53
N PHE D 110 -23.68 6.41 -10.03
CA PHE D 110 -23.68 7.82 -9.64
C PHE D 110 -24.96 8.14 -8.88
N PRO D 111 -24.86 8.90 -7.77
CA PRO D 111 -26.10 9.31 -7.13
C PRO D 111 -26.93 10.06 -8.15
N LYS D 112 -28.24 9.77 -8.18
CA LYS D 112 -29.15 10.50 -9.05
C LYS D 112 -29.31 11.90 -8.50
N GLY D 113 -29.31 12.89 -9.38
CA GLY D 113 -29.54 14.26 -8.96
C GLY D 113 -28.86 15.31 -9.81
N HIS D 114 -28.53 16.43 -9.17
CA HIS D 114 -28.06 17.64 -9.83
C HIS D 114 -26.60 17.85 -9.58
N TYR D 115 -25.81 17.69 -10.64
CA TYR D 115 -24.37 17.87 -10.54
C TYR D 115 -23.96 19.20 -11.13
N ARG D 116 -23.13 19.93 -10.38
CA ARG D 116 -22.42 21.10 -10.93
C ARG D 116 -20.94 20.73 -11.09
N CYS D 117 -20.34 21.20 -12.18
CA CYS D 117 -18.91 20.98 -12.43
C CYS D 117 -18.24 22.14 -13.16
N VAL D 118 -17.54 23.02 -12.44
CA VAL D 118 -16.74 24.03 -13.13
C VAL D 118 -15.41 23.42 -13.56
N ALA D 119 -15.11 23.56 -14.85
CA ALA D 119 -13.92 22.96 -15.44
C ALA D 119 -12.96 24.07 -15.87
N GLU D 120 -11.92 24.30 -15.07
CA GLU D 120 -10.91 25.32 -15.33
C GLU D 120 -9.79 24.72 -16.13
N ALA D 121 -9.41 25.37 -17.21
CA ALA D 121 -8.32 24.88 -18.04
C ALA D 121 -7.08 25.70 -17.71
N ILE D 122 -5.99 25.01 -17.38
CA ILE D 122 -4.75 25.68 -16.97
C ILE D 122 -3.61 25.35 -17.91
N ALA D 123 -2.83 26.38 -18.26
CA ALA D 123 -1.55 26.19 -18.93
C ALA D 123 -0.50 25.96 -17.84
N GLY D 124 -0.19 24.70 -17.58
CA GLY D 124 0.71 24.30 -16.49
C GLY D 124 2.09 24.93 -16.40
N ASP D 125 2.57 25.51 -17.51
CA ASP D 125 3.89 26.16 -17.51
C ASP D 125 3.86 27.55 -16.91
N THR D 126 2.74 28.26 -17.08
CA THR D 126 2.61 29.63 -16.59
C THR D 126 1.62 29.74 -15.44
N GLU D 127 0.79 28.72 -15.27
CA GLU D 127 -0.30 28.68 -14.28
C GLU D 127 -1.48 29.62 -14.62
N GLU D 128 -1.51 30.12 -15.86
CA GLU D 128 -2.57 31.02 -16.30
C GLU D 128 -3.85 30.25 -16.60
N LYS D 129 -4.97 30.84 -16.27
CA LYS D 129 -6.27 30.28 -16.62
C LYS D 129 -6.50 30.57 -18.10
N LEU D 130 -6.80 29.52 -18.84
CA LEU D 130 -7.02 29.58 -20.29
C LEU D 130 -8.50 29.76 -20.58
N PHE D 131 -9.31 28.91 -19.95
CA PHE D 131 -10.76 29.03 -20.02
C PHE D 131 -11.42 28.28 -18.86
N CYS D 132 -12.67 28.64 -18.56
CA CYS D 132 -13.40 28.01 -17.46
C CYS D 132 -14.86 27.74 -17.84
N LEU D 133 -15.31 26.52 -17.60
CA LEU D 133 -16.65 26.12 -17.99
C LEU D 133 -17.50 25.67 -16.82
N ASN D 134 -18.78 26.01 -16.86
CA ASN D 134 -19.69 25.73 -15.75
C ASN D 134 -20.72 24.69 -16.17
N PHE D 135 -20.47 23.44 -15.80
CA PHE D 135 -21.31 22.33 -16.25
C PHE D 135 -22.47 21.98 -15.32
N THR D 136 -23.60 21.64 -15.95
CA THR D 136 -24.78 21.15 -15.25
C THR D 136 -25.14 19.76 -15.76
N ILE D 137 -25.23 18.79 -14.84
CA ILE D 137 -25.62 17.42 -15.20
C ILE D 137 -26.82 16.98 -14.37
N ILE D 138 -27.86 16.53 -15.04
CA ILE D 138 -28.98 15.91 -14.36
C ILE D 138 -28.93 14.42 -14.67
N HIS D 139 -28.87 13.60 -13.63
CA HIS D 139 -28.76 12.16 -13.80
C HIS D 139 -29.95 11.46 -13.18
C1 NAG E . -13.11 3.96 22.48
C2 NAG E . -13.34 2.60 23.16
C3 NAG E . -12.12 2.07 23.91
C4 NAG E . -10.86 2.10 23.04
C5 NAG E . -10.89 3.31 22.10
C6 NAG E . -9.91 3.05 20.95
C7 NAG E . -15.34 1.58 23.98
C8 NAG E . -16.53 1.60 24.91
N2 NAG E . -14.49 2.60 24.03
O3 NAG E . -12.34 0.74 24.32
O4 NAG E . -9.69 2.13 23.83
O5 NAG E . -12.19 3.62 21.56
O6 NAG E . -8.98 4.10 20.86
O7 NAG E . -15.20 0.63 23.21
C1 NAG E . -9.21 0.83 24.28
C2 NAG E . -7.68 0.73 24.17
C3 NAG E . -6.97 -0.23 25.14
C4 NAG E . -7.79 -0.75 26.32
C5 NAG E . -9.28 -0.78 26.02
C6 NAG E . -10.07 -1.17 27.27
C7 NAG E . -6.56 0.83 21.98
C8 NAG E . -6.38 0.09 20.67
N2 NAG E . -7.36 0.22 22.85
O3 NAG E . -5.80 0.37 25.64
O4 NAG E . -7.32 -2.04 26.63
O5 NAG E . -9.69 0.50 25.56
O6 NAG E . -11.38 -1.54 26.90
O7 NAG E . -6.01 1.90 22.19
C1 NAG F . 7.67 23.83 5.15
C2 NAG F . 7.94 24.69 3.94
C3 NAG F . 6.62 25.28 3.47
C4 NAG F . 5.57 24.21 3.18
C5 NAG F . 5.47 23.23 4.34
C6 NAG F . 4.69 22.02 3.84
C7 NAG F . 10.03 25.94 3.67
C8 NAG F . 10.93 27.03 4.19
N2 NAG F . 8.90 25.71 4.33
O3 NAG F . 6.86 26.07 2.33
O4 NAG F . 4.27 24.76 3.09
O5 NAG F . 6.74 22.81 4.84
O6 NAG F . 4.39 21.16 4.91
O7 NAG F . 10.35 25.29 2.68
C1 NAG F . 3.90 25.25 1.78
C2 NAG F . 2.42 24.92 1.55
C3 NAG F . 1.77 25.76 0.45
C4 NAG F . 2.17 27.23 0.54
C5 NAG F . 3.69 27.33 0.60
C6 NAG F . 4.14 28.78 0.75
C7 NAG F . 1.58 22.61 1.81
C8 NAG F . 0.70 23.02 2.96
N2 NAG F . 2.34 23.52 1.20
O3 NAG F . 0.37 25.63 0.56
O4 NAG F . 1.66 27.94 -0.56
O5 NAG F . 4.16 26.64 1.73
O6 NAG F . 5.43 28.91 0.17
O7 NAG F . 1.59 21.43 1.44
C1 NAG G . -20.74 -51.32 31.63
C2 NAG G . -19.72 -52.42 31.38
C3 NAG G . -19.93 -53.41 32.51
C4 NAG G . -19.76 -52.63 33.82
C5 NAG G . -20.51 -51.28 33.76
C6 NAG G . -20.34 -50.45 35.02
C7 NAG G . -18.87 -53.52 29.41
C8 NAG G . -19.13 -54.11 28.06
N2 NAG G . -19.91 -53.01 30.06
O3 NAG G . -19.04 -54.50 32.41
O4 NAG G . -20.25 -53.44 34.86
O5 NAG G . -20.23 -50.53 32.56
O6 NAG G . -19.79 -51.20 36.08
O7 NAG G . -17.72 -53.52 29.87
C1 NAG H . -20.35 -35.96 15.96
C2 NAG H . -21.40 -34.89 15.57
C3 NAG H . -20.79 -33.54 15.18
C4 NAG H . -19.93 -33.04 16.32
C5 NAG H . -18.85 -34.10 16.53
C6 NAG H . -17.87 -33.66 17.62
C7 NAG H . -23.57 -35.59 14.85
C8 NAG H . -24.48 -36.02 13.73
N2 NAG H . -22.31 -35.30 14.52
O3 NAG H . -21.80 -32.60 14.90
O4 NAG H . -19.37 -31.79 15.99
O5 NAG H . -19.43 -35.35 16.87
O6 NAG H . -16.60 -34.19 17.28
O7 NAG H . -23.97 -35.53 16.02
C1 NAG I . -14.79 3.57 28.60
C2 NAG I . -13.46 2.86 28.31
C3 NAG I . -13.69 1.52 27.61
C4 NAG I . -14.84 0.71 28.20
C5 NAG I . -16.06 1.60 28.46
C6 NAG I . -17.26 0.86 29.10
C7 NAG I . -11.32 3.90 27.67
C8 NAG I . -10.63 4.76 26.67
N2 NAG I . -12.62 3.68 27.45
O3 NAG I . -12.49 0.77 27.69
O4 NAG I . -15.17 -0.34 27.32
O5 NAG I . -15.70 2.71 29.26
O6 NAG I . -16.84 -0.26 29.86
O7 NAG I . -10.68 3.46 28.63
C1 LP4 J . 13.49 -19.07 5.10
C2 LP4 J . 12.90 -19.24 6.49
N2 LP4 J . 13.66 -18.37 7.40
C3 LP4 J . 13.01 -20.72 6.96
O3 LP4 J . 12.15 -20.95 8.07
C4 LP4 J . 12.57 -21.70 5.88
O4 LP4 J . 12.97 -22.99 6.33
C5 LP4 J . 13.27 -21.40 4.54
O5 LP4 J . 12.96 -20.04 4.16
C6 LP4 J . 12.77 -22.39 3.46
O6 LP4 J . 13.63 -22.42 2.30
C7 LP4 J . 13.15 -17.28 7.99
O7 LP4 J . 11.99 -16.88 7.83
C8 LP4 J . 14.14 -16.49 8.85
C16 LP4 J . 13.84 -16.60 10.34
C17 LP4 J . 15.11 -17.05 11.07
C18 LP4 J . 14.84 -18.21 12.04
C19 LP4 J . 15.40 -17.87 13.43
C20 LP4 J . 16.02 -19.10 14.10
C21 LP4 J . 16.15 -18.83 15.62
C22 LP4 J . 17.37 -19.55 16.19
C23 LP4 J . 17.43 -19.39 17.73
C24 LP4 J . 18.69 -20.07 18.28
C25 LP4 J . 18.55 -20.44 19.77
C28 LP4 J . 12.67 -21.17 9.29
C29 LP4 J . 11.66 -21.80 10.27
C30 LP4 J . 11.57 -21.11 11.64
C31 LP4 J . 12.72 -21.52 12.57
C32 LP4 J . 12.53 -20.97 13.98
C33 LP4 J . 13.26 -21.81 15.04
C34 LP4 J . 12.72 -21.44 16.43
C35 LP4 J . 12.91 -22.59 17.42
C36 LP4 J . 12.68 -22.15 18.86
C37 LP4 J . 11.39 -22.80 19.36
C38 LP4 J . 11.33 -22.90 20.88
C39 LP4 J . 10.46 -24.11 21.22
C40 LP4 J . 9.70 -23.88 22.51
C41 LP4 J . 8.57 -24.91 22.55
O42 LP4 J . 13.83 -20.90 9.62
O43 LP4 J . 11.46 -19.69 11.45
O44 LP4 J . 13.47 -15.30 10.79
P45 LP4 J . 11.95 -24.13 6.81
O46 LP4 J . 10.91 -23.64 7.73
O47 LP4 J . 13.04 -24.99 7.62
O48 LP4 J . 11.50 -24.87 5.60
O48 LP5 K . 12.42 -11.45 1.74
P45 LP5 K . 12.75 -12.87 1.63
O46 LP5 K . 11.40 -13.76 1.46
O47 LP5 K . 13.64 -13.31 0.38
O1 LP5 K . 13.65 -13.44 2.87
C1 LP5 K . 13.06 -14.29 3.88
C2 LP5 K . 13.65 -13.99 5.23
N2 LP5 K . 13.37 -12.60 5.50
C7 LP5 K . 13.11 -12.13 6.72
C8 LP5 K . 12.79 -10.64 6.69
C16 LP5 K . 12.63 -10.04 8.07
O44 LP5 K . 11.34 -9.44 8.15
C17 LP5 K . 13.70 -8.98 8.16
C18 LP5 K . 13.50 -8.14 9.41
C19 LP5 K . 13.96 -8.95 10.60
C20 LP5 K . 15.32 -8.43 11.04
C21 LP5 K . 15.15 -7.77 12.41
C22 LP5 K . 15.48 -8.76 13.51
C23 LP5 K . 16.89 -8.50 14.06
C24 LP5 K . 16.98 -7.12 14.70
C25 LP5 K . 18.44 -6.67 14.76
C26 LP5 K . 18.71 -5.64 13.65
C27 LP5 K . 18.86 -4.25 14.26
O7 LP5 K . 13.13 -12.81 7.75
C3 LP5 K . 15.15 -14.28 5.24
C4 LP5 K . 15.35 -15.75 4.79
C5 LP5 K . 14.56 -16.08 3.52
O5 LP5 K . 13.21 -15.67 3.61
C6 LP5 K . 14.43 -17.59 3.35
O6 LP5 K . 13.29 -18.03 4.12
O4 LP5 K . 16.73 -15.97 4.54
O3 LP5 K . 15.59 -14.24 6.58
C28 LP5 K . 16.20 -13.16 7.13
O42 LP5 K . 16.59 -12.15 6.53
C29 LP5 K . 16.39 -13.29 8.64
C30 LP5 K . 17.03 -12.05 9.24
O43 LP5 K . 18.27 -11.83 8.59
C31 LP5 K . 17.21 -12.27 10.75
C32 LP5 K . 18.47 -13.08 11.05
C33 LP5 K . 18.18 -14.14 12.10
C34 LP5 K . 18.80 -13.72 13.43
C35 LP5 K . 18.71 -14.89 14.41
C36 LP5 K . 19.63 -14.63 15.61
C37 LP5 K . 19.76 -15.93 16.41
C38 LP5 K . 19.95 -15.58 17.89
C39 LP5 K . 18.70 -15.98 18.67
C40 LP5 K . 18.29 -14.83 19.59
C41 LP5 K . 17.27 -15.33 20.62
O2 DAO L . 11.61 -13.88 10.24
C1 DAO L . 12.45 -14.29 11.07
C2 DAO L . 13.56 -13.36 11.51
C3 DAO L . 13.12 -12.49 12.69
C4 DAO L . 13.23 -13.24 14.01
C5 DAO L . 14.64 -13.19 14.59
C6 DAO L . 14.62 -12.55 15.98
C7 DAO L . 15.96 -12.68 16.70
C8 DAO L . 16.74 -11.38 16.59
C9 DAO L . 17.80 -11.23 17.68
C10 DAO L . 18.80 -10.13 17.33
C11 DAO L . 20.17 -10.72 17.03
C12 DAO L . 20.97 -9.87 16.08
C1 MYR M . 10.30 -18.82 11.20
O2 MYR M . 9.56 -19.74 10.80
C2 MYR M . 9.67 -17.50 11.55
C3 MYR M . 9.26 -17.49 13.03
C4 MYR M . 10.23 -16.69 13.89
C5 MYR M . 10.66 -17.47 15.13
C6 MYR M . 12.06 -17.08 15.56
C7 MYR M . 12.04 -16.33 16.88
C8 MYR M . 13.30 -16.64 17.70
C9 MYR M . 12.94 -17.43 18.95
C10 MYR M . 13.92 -17.11 20.07
C11 MYR M . 13.58 -17.88 21.33
C12 MYR M . 14.61 -18.96 21.61
C13 MYR M . 14.46 -19.47 23.03
C14 MYR M . 13.34 -20.49 23.13
C1 LP4 N . -10.69 3.79 -20.98
C2 LP4 N . -10.19 5.22 -20.94
N2 LP4 N . -11.19 5.95 -20.18
C3 LP4 N . -10.16 5.79 -22.36
O3 LP4 N . -9.44 7.03 -22.38
C4 LP4 N . -9.51 4.84 -23.36
O4 LP4 N . -9.81 5.33 -24.65
C5 LP4 N . -10.06 3.44 -23.24
O5 LP4 N . -9.91 3.01 -21.88
C6 LP4 N . -9.32 2.50 -24.22
O6 LP4 N . -9.58 1.11 -23.96
C7 LP4 N . -10.99 6.53 -19.01
O7 LP4 N . -9.91 6.54 -18.43
C8 LP4 N . -12.23 7.22 -18.43
C16 LP4 N . -12.08 8.74 -18.49
C17 LP4 N . -13.35 9.37 -19.07
C18 LP4 N . -12.99 10.43 -20.12
C19 LP4 N . -13.64 11.77 -19.75
C20 LP4 N . -14.83 12.09 -20.67
C21 LP4 N . -14.96 13.62 -20.82
C22 LP4 N . -16.26 13.99 -21.53
C23 LP4 N . -16.26 15.48 -21.89
C24 LP4 N . -17.65 15.91 -22.38
C25 LP4 N . -17.59 17.26 -23.12
C28 LP4 N . -10.22 8.07 -22.76
C29 LP4 N . -9.43 9.22 -23.41
C30 LP4 N . -9.48 10.55 -22.61
C31 LP4 N . -10.76 11.35 -22.92
C32 LP4 N . -10.62 12.77 -22.39
C33 LP4 N . -11.39 13.77 -23.27
C34 LP4 N . -10.90 15.19 -22.95
C35 LP4 N . -11.65 16.20 -23.82
C36 LP4 N . -11.40 17.64 -23.35
C37 LP4 N . -10.26 18.26 -24.15
C38 LP4 N . -10.41 19.78 -24.19
C39 LP4 N . -9.52 20.33 -25.31
C40 LP4 N . -8.66 21.46 -24.79
C41 LP4 N . -7.51 21.65 -25.77
O42 LP4 N . -11.45 8.10 -22.64
O43 LP4 N . -9.34 10.30 -21.19
O44 LP4 N . -11.89 9.20 -17.15
P45 LP4 N . -8.65 5.82 -25.61
O46 LP4 N . -7.74 6.70 -24.84
O47 LP4 N . -9.45 6.70 -26.70
O48 LP4 N . -8.10 4.62 -26.29
O48 LP5 O . -10.32 0.21 -13.42
P45 LP5 O . -10.27 0.14 -14.89
O46 LP5 O . -8.80 0.25 -15.55
O47 LP5 O . -10.86 -1.20 -15.55
O1 LP5 O . -11.17 1.33 -15.52
C1 LP5 O . -10.58 2.48 -16.12
C2 LP5 O . -11.45 3.68 -15.88
N2 LP5 O . -11.68 3.82 -14.45
C7 LP5 O . -11.63 4.98 -13.78
C8 LP5 O . -11.93 4.84 -12.28
C16 LP5 O . -11.83 6.18 -11.57
O44 LP5 O . -10.55 6.33 -10.98
C17 LP5 O . -12.89 6.20 -10.49
C18 LP5 O . -13.00 7.62 -9.90
C19 LP5 O . -13.35 8.63 -10.99
C20 LP5 O . -14.86 8.83 -11.04
C21 LP5 O . -15.25 9.99 -10.14
C22 LP5 O . -15.51 11.26 -10.96
C23 LP5 O . -17.00 11.59 -10.93
C24 LP5 O . -17.37 12.17 -9.56
C25 LP5 O . -18.89 12.07 -9.34
C26 LP5 O . -19.19 10.99 -8.31
C27 LP5 O . -19.94 11.62 -7.13
O7 LP5 O . -11.35 6.07 -14.28
C3 LP5 O . -12.82 3.52 -16.55
C4 LP5 O . -12.76 3.00 -17.99
C5 LP5 O . -11.72 1.87 -18.15
O5 LP5 O . -10.48 2.25 -17.54
C6 LP5 O . -11.41 1.66 -19.63
O6 LP5 O . -10.52 2.69 -20.06
O4 LP5 O . -14.05 2.52 -18.37
O3 LP5 O . -13.45 4.80 -16.57
C28 LP5 O . -14.46 4.93 -15.66
O42 LP5 O . -14.84 4.04 -14.91
C29 LP5 O . -15.09 6.34 -15.66
C30 LP5 O . -15.81 6.68 -14.36
O43 LP5 O . -17.01 5.90 -14.23
C31 LP5 O . -16.18 8.17 -14.37
C32 LP5 O . -17.19 8.46 -15.48
C33 LP5 O . -16.80 9.74 -16.21
C34 LP5 O . -17.96 10.74 -16.12
C35 LP5 O . -17.69 11.89 -17.08
C36 LP5 O . -18.96 12.73 -17.26
C37 LP5 O . -18.57 14.02 -17.97
C38 LP5 O . -19.70 15.06 -17.85
C39 LP5 O . -19.34 16.33 -18.62
C40 LP5 O . -18.95 17.46 -17.65
C41 LP5 O . -17.48 17.82 -17.82
O2 DAO P . -10.36 9.02 -15.84
C1 DAO P . -11.25 9.87 -16.03
C2 DAO P . -12.51 9.80 -15.21
C3 DAO P . -12.61 11.01 -14.28
C4 DAO P . -12.53 12.36 -14.99
C5 DAO P . -13.91 12.92 -15.36
C6 DAO P . -14.75 13.27 -14.13
C7 DAO P . -15.89 14.21 -14.52
C8 DAO P . -17.20 13.73 -13.92
C9 DAO P . -18.22 14.85 -13.77
C10 DAO P . -19.25 14.48 -12.72
C11 DAO P . -20.62 14.25 -13.35
C12 DAO P . -21.19 12.91 -12.97
C1 MYR Q . -8.22 10.54 -20.27
O2 MYR Q . -7.20 10.56 -21.00
C2 MYR Q . -8.02 10.87 -18.81
C3 MYR Q . -8.01 12.38 -18.57
C4 MYR Q . -9.34 12.85 -17.98
C5 MYR Q . -9.73 14.24 -18.44
C6 MYR Q . -11.26 14.39 -18.49
C7 MYR Q . -11.74 15.53 -17.61
C8 MYR Q . -12.98 16.19 -18.20
C9 MYR Q . -12.61 17.59 -18.69
C10 MYR Q . -13.87 18.40 -18.90
C11 MYR Q . -13.51 19.73 -19.54
C12 MYR Q . -14.26 19.90 -20.87
C13 MYR Q . -14.19 21.34 -21.33
C14 MYR Q . -12.97 21.57 -22.20
#